data_6XP6
#
_entry.id   6XP6
#
_cell.length_a   91.847
_cell.length_b   143.047
_cell.length_c   170.153
_cell.angle_alpha   90.00
_cell.angle_beta   90.00
_cell.angle_gamma   90.00
#
_symmetry.space_group_name_H-M   'P 21 21 21'
#
loop_
_entity.id
_entity.type
_entity.pdbx_description
1 polymer 'MHC class II HLA-DQ-alpha chain'
2 polymer 'MHC class II HLA-DQ-beta-1'
3 polymer '3.C11 IgH Fab'
4 polymer '3.C11 IgK Fab'
5 polymer 'DQ2-glia-a2 peptide'
6 branched 2-acetamido-2-deoxy-beta-D-glucopyranose-(1-4)-2-acetamido-2-deoxy-beta-D-glucopyranose
7 branched beta-D-mannopyranose-(1-3)-[beta-D-mannopyranose-(1-6)]beta-D-mannopyranose-(1-4)-2-acetamido-2-deoxy-beta-D-glucopyranose-(1-4)-[alpha-L-fucopyranose-(1-3)][alpha-L-fucopyranose-(1-6)]2-acetamido-2-deoxy-beta-D-glucopyranose
8 branched beta-D-mannopyranose-(1-6)-beta-D-mannopyranose-(1-4)-2-acetamido-2-deoxy-beta-D-glucopyranose-(1-4)-2-acetamido-2-deoxy-beta-D-glucopyranose
9 non-polymer 2-acetamido-2-deoxy-beta-D-glucopyranose
10 non-polymer 'ISOPROPYL ALCOHOL'
11 non-polymer 'CHLORIDE ION'
12 water water
#
loop_
_entity_poly.entity_id
_entity_poly.type
_entity_poly.pdbx_seq_one_letter_code
_entity_poly.pdbx_strand_id
1 'polypeptide(L)'
;EDIVADHVASYGVNLYQSYGPSGQYTHEFDGDEQFYVDLGRKETVWCLPVLRQFRFDPQFALTNIAVLKHNLNSLIKRSN
STAATNEVPEVTVFSKSPVTLGQPNILICLVDNIFPPVVNITWLSNGHSVTEGVSETSFLSKSDHSFFKISYLTLLPSAE
ESYDCKVEHWGLDKPLLKHWEPETSGDDDDK
;
A,D
2 'polypeptide(L)'
;SRDSPEDFVYQFKGMCYFTNGTERVRLVSRSIYNREEIVRFDSDVGEFRAVTLLGLPAAEYWNSQKDILERKRAAVDRVC
RHNYQLELRTTLQRRVEPTVTISPSRTEALNHHNLLVCSVTDFYPAQIKVRWFRNDQEETAGVVSTPLIRNGDWTFQILV
MLEMTPQRGDVYTCHVEHPSLQSPITVEWRAQSTGGDDDDK
;
B,E
3 'polypeptide(L)'
;QVQLVQSGAEVKKPGSSVKVSCKASGGTVRSRVHAISWVRQAPGQGLEWMGGIIPIFGTANYAQKFQGRVTITADESTST
AYMELSSLRSEDTAVYYCARDVQRMGMDVWGQGTTVTVSSASTKGPSVFPLAPSSKSTSGGTAALGCLVKDYFPEPVTVS
WNSGALTSGVHTFPAVLQSSGLYSLSSVVTVPSSSLGTQTYICNVNHKPSNTKVDKKVEPKSCD
;
H,J
4 'polypeptide(L)'
;DIQMTQSPSSVSTSVGDRVTITCRASQDISNWLAWYQQKPGKAPKLLIYDSSTLQSGVPSRFSGSGSGTDFTLTISTLQP
EDFATYYCQQFNSYPLTFGGGTKVDIKRTVAAPSVFIFPPSDEQLKSGTASVVCLLNNFYPREAKVQWKVDNALQSGNSQ
ESVTEQDSKDSTYSLSSTLTLSKADYEKHKVYACEVTHQGLSSPVTKSFNRGEC
;
G,I
5 'polypeptide(L)' AAPQPELPYPQPGSGGSIEGRGGSGA C,F
#
# COMPACT_ATOMS: atom_id res chain seq x y z
N ILE A 3 8.58 -0.55 -23.27
CA ILE A 3 7.61 -0.09 -24.24
C ILE A 3 6.19 -0.02 -23.64
N VAL A 4 5.58 1.16 -23.71
CA VAL A 4 4.25 1.36 -23.18
C VAL A 4 3.25 0.50 -23.94
N ALA A 5 2.38 -0.21 -23.22
CA ALA A 5 1.34 -1.01 -23.86
C ALA A 5 0.26 -1.46 -22.88
N ASP A 6 -1.01 -1.33 -23.28
CA ASP A 6 -2.09 -1.95 -22.53
C ASP A 6 -1.99 -3.47 -22.58
N HIS A 7 -1.62 -4.00 -23.74
CA HIS A 7 -1.54 -5.44 -23.92
C HIS A 7 -0.31 -5.71 -24.77
N VAL A 8 0.39 -6.81 -24.46
CA VAL A 8 1.54 -7.23 -25.25
C VAL A 8 1.40 -8.70 -25.60
N ALA A 9 1.63 -9.03 -26.86
CA ALA A 9 1.49 -10.40 -27.35
C ALA A 9 2.77 -10.84 -28.06
N SER A 10 2.96 -12.16 -28.12
CA SER A 10 4.06 -12.75 -28.86
C SER A 10 3.49 -13.76 -29.84
N TYR A 11 3.62 -13.47 -31.13
CA TYR A 11 3.07 -14.28 -32.20
C TYR A 11 4.17 -14.65 -33.19
N GLY A 12 5.05 -15.57 -32.82
CA GLY A 12 5.10 -16.17 -31.50
C GLY A 12 6.48 -16.07 -30.91
N VAL A 13 6.76 -16.95 -29.94
CA VAL A 13 8.10 -17.17 -29.43
C VAL A 13 8.69 -18.38 -30.16
N ASN A 14 9.82 -18.19 -30.83
CA ASN A 14 10.49 -19.25 -31.58
C ASN A 14 11.84 -19.52 -30.93
N LEU A 15 12.04 -20.76 -30.49
CA LEU A 15 13.30 -21.16 -29.84
C LEU A 15 13.95 -22.30 -30.58
N TYR A 16 15.27 -22.27 -30.65
CA TYR A 16 16.05 -23.39 -31.16
C TYR A 16 17.38 -23.37 -30.43
N GLN A 17 17.89 -24.55 -30.08
CA GLN A 17 19.16 -24.63 -29.38
C GLN A 17 19.91 -25.89 -29.79
N SER A 18 21.23 -25.84 -29.68
CA SER A 18 22.07 -26.95 -30.14
C SER A 18 21.94 -28.17 -29.25
N TYR A 19 21.66 -28.00 -27.96
CA TYR A 19 21.57 -29.14 -27.07
C TYR A 19 20.32 -29.94 -27.37
N GLY A 20 20.50 -31.21 -27.71
CA GLY A 20 19.42 -32.04 -28.19
C GLY A 20 19.66 -32.48 -29.62
N PRO A 21 19.52 -31.56 -30.59
CA PRO A 21 19.04 -30.17 -30.43
C PRO A 21 17.58 -30.15 -30.09
N SER A 22 17.00 -28.97 -29.87
CA SER A 22 15.60 -28.90 -29.53
C SER A 22 15.10 -27.50 -29.80
N GLY A 23 13.77 -27.39 -29.90
CA GLY A 23 13.13 -26.13 -30.20
C GLY A 23 11.74 -26.08 -29.59
N GLN A 24 11.16 -24.88 -29.62
CA GLN A 24 9.86 -24.65 -29.03
C GLN A 24 9.14 -23.58 -29.82
N TYR A 25 7.82 -23.73 -29.97
CA TYR A 25 7.00 -22.71 -30.62
C TYR A 25 5.75 -22.49 -29.80
N THR A 26 5.53 -21.24 -29.39
CA THR A 26 4.37 -20.83 -28.59
C THR A 26 3.88 -19.47 -29.05
N HIS A 27 2.61 -19.18 -28.75
CA HIS A 27 2.08 -17.83 -28.74
C HIS A 27 1.73 -17.44 -27.31
N GLU A 28 2.00 -16.19 -26.95
CA GLU A 28 1.67 -15.69 -25.62
C GLU A 28 0.83 -14.44 -25.75
N PHE A 29 -0.12 -14.26 -24.83
CA PHE A 29 -0.86 -13.01 -24.73
C PHE A 29 -0.90 -12.55 -23.28
N ASP A 30 -0.48 -11.31 -23.04
CA ASP A 30 -0.35 -10.74 -21.69
C ASP A 30 0.35 -11.72 -20.74
N GLY A 31 1.41 -12.35 -21.25
CA GLY A 31 2.30 -13.10 -20.39
C GLY A 31 1.89 -14.53 -20.09
N ASP A 32 0.79 -14.99 -20.66
CA ASP A 32 0.30 -16.35 -20.50
C ASP A 32 0.38 -17.08 -21.83
N GLU A 33 0.50 -18.40 -21.75
CA GLU A 33 0.70 -19.22 -22.94
C GLU A 33 -0.64 -19.57 -23.58
N GLN A 34 -0.77 -19.26 -24.86
CA GLN A 34 -2.00 -19.56 -25.61
C GLN A 34 -1.98 -20.97 -26.18
N PHE A 35 -0.85 -21.38 -26.74
CA PHE A 35 -0.68 -22.72 -27.27
C PHE A 35 0.81 -22.93 -27.51
N TYR A 36 1.17 -24.20 -27.61
CA TYR A 36 2.47 -24.58 -28.16
C TYR A 36 2.20 -25.57 -29.29
N VAL A 37 3.17 -25.68 -30.19
CA VAL A 37 3.13 -26.72 -31.22
C VAL A 37 4.03 -27.86 -30.77
N ASP A 38 3.45 -29.04 -30.65
CA ASP A 38 4.24 -30.26 -30.52
C ASP A 38 4.94 -30.52 -31.85
N LEU A 39 6.25 -30.28 -31.89
CA LEU A 39 6.98 -30.37 -33.16
C LEU A 39 7.06 -31.81 -33.65
N GLY A 40 7.18 -32.77 -32.74
CA GLY A 40 7.29 -34.15 -33.16
C GLY A 40 5.97 -34.72 -33.67
N ARG A 41 4.88 -34.34 -33.02
CA ARG A 41 3.56 -34.82 -33.42
C ARG A 41 2.91 -33.94 -34.47
N LYS A 42 3.48 -32.77 -34.79
CA LYS A 42 2.88 -31.80 -35.71
C LYS A 42 1.44 -31.49 -35.28
N GLU A 43 1.32 -30.90 -34.08
CA GLU A 43 0.02 -30.72 -33.48
C GLU A 43 0.01 -29.45 -32.64
N THR A 44 -1.00 -28.61 -32.85
CA THR A 44 -1.22 -27.45 -32.00
C THR A 44 -1.92 -27.90 -30.74
N VAL A 45 -1.48 -27.41 -29.59
CA VAL A 45 -2.02 -27.80 -28.29
C VAL A 45 -2.38 -26.52 -27.54
N TRP A 46 -3.68 -26.20 -27.49
CA TRP A 46 -4.18 -24.99 -26.84
C TRP A 46 -4.16 -25.13 -25.33
N CYS A 47 -3.87 -24.01 -24.65
CA CYS A 47 -3.83 -23.99 -23.20
C CYS A 47 -5.12 -23.51 -22.56
N LEU A 48 -5.96 -22.80 -23.30
CA LEU A 48 -7.19 -22.25 -22.80
C LEU A 48 -8.34 -22.80 -23.64
N PRO A 49 -9.35 -23.39 -23.01
CA PRO A 49 -10.42 -24.05 -23.79
C PRO A 49 -11.14 -23.13 -24.78
N VAL A 50 -11.37 -21.87 -24.43
CA VAL A 50 -12.09 -20.98 -25.35
C VAL A 50 -11.31 -20.83 -26.65
N LEU A 51 -10.02 -21.14 -26.64
CA LEU A 51 -9.17 -21.00 -27.82
C LEU A 51 -9.19 -22.23 -28.72
N ARG A 52 -9.79 -23.33 -28.28
CA ARG A 52 -9.75 -24.54 -29.10
C ARG A 52 -10.57 -24.43 -30.37
N GLN A 53 -11.46 -23.43 -30.47
CA GLN A 53 -12.20 -23.18 -31.70
C GLN A 53 -11.31 -22.67 -32.82
N PHE A 54 -10.09 -22.26 -32.51
CA PHE A 54 -9.16 -21.78 -33.51
C PHE A 54 -8.29 -22.92 -34.04
N ARG A 55 -7.68 -22.66 -35.19
CA ARG A 55 -6.78 -23.57 -35.86
C ARG A 55 -5.47 -22.84 -36.12
N PHE A 56 -4.35 -23.46 -35.76
CA PHE A 56 -3.06 -22.94 -36.17
C PHE A 56 -2.29 -24.06 -36.86
N ASP A 57 -1.82 -23.77 -38.07
CA ASP A 57 -1.12 -24.78 -38.88
C ASP A 57 0.24 -25.11 -38.27
N PRO A 58 0.46 -26.36 -37.84
CA PRO A 58 1.75 -26.68 -37.18
C PRO A 58 2.96 -26.48 -38.05
N GLN A 59 2.81 -26.57 -39.38
CA GLN A 59 3.96 -26.41 -40.26
C GLN A 59 4.57 -25.02 -40.16
N PHE A 60 3.77 -24.01 -39.76
CA PHE A 60 4.32 -22.68 -39.47
C PHE A 60 5.45 -22.77 -38.45
N ALA A 61 5.24 -23.52 -37.38
CA ALA A 61 6.26 -23.69 -36.36
C ALA A 61 7.47 -24.43 -36.93
N LEU A 62 7.22 -25.58 -37.53
CA LEU A 62 8.31 -26.40 -38.07
C LEU A 62 9.14 -25.64 -39.09
N THR A 63 8.49 -24.89 -39.98
CA THR A 63 9.25 -24.14 -40.98
C THR A 63 10.06 -23.04 -40.32
N ASN A 64 9.46 -22.36 -39.35
CA ASN A 64 10.18 -21.32 -38.60
C ASN A 64 11.39 -21.91 -37.88
N ILE A 65 11.24 -23.09 -37.28
CA ILE A 65 12.37 -23.68 -36.59
C ILE A 65 13.48 -24.02 -37.58
N ALA A 66 13.11 -24.45 -38.80
CA ALA A 66 14.10 -24.70 -39.83
C ALA A 66 14.94 -23.46 -40.09
N VAL A 67 14.26 -22.32 -40.24
CA VAL A 67 14.96 -21.04 -40.40
C VAL A 67 15.85 -20.77 -39.19
N LEU A 68 15.35 -21.07 -37.99
CA LEU A 68 16.14 -20.78 -36.78
C LEU A 68 17.35 -21.69 -36.70
N LYS A 69 17.22 -22.94 -37.15
CA LYS A 69 18.37 -23.84 -37.19
C LYS A 69 19.47 -23.24 -38.05
N HIS A 70 19.12 -22.79 -39.25
CA HIS A 70 20.11 -22.13 -40.11
C HIS A 70 20.66 -20.87 -39.43
N ASN A 71 19.78 -20.09 -38.80
CA ASN A 71 20.24 -18.85 -38.18
C ASN A 71 21.18 -19.12 -37.02
N LEU A 72 20.87 -20.15 -36.22
CA LEU A 72 21.80 -20.52 -35.14
C LEU A 72 23.15 -20.93 -35.71
N ASN A 73 23.16 -21.73 -36.78
CA ASN A 73 24.41 -22.08 -37.46
C ASN A 73 25.22 -20.84 -37.77
N SER A 74 24.61 -19.89 -38.49
CA SER A 74 25.32 -18.68 -38.90
C SER A 74 25.86 -17.91 -37.71
N LEU A 75 25.09 -17.91 -36.62
CA LEU A 75 25.51 -17.13 -35.46
C LEU A 75 26.65 -17.80 -34.71
N ILE A 76 26.57 -19.12 -34.49
CA ILE A 76 27.70 -19.84 -33.93
C ILE A 76 28.96 -19.56 -34.73
N LYS A 77 28.84 -19.61 -36.05
CA LYS A 77 29.97 -19.32 -36.94
C LYS A 77 30.41 -17.88 -36.78
N ARG A 78 29.45 -16.94 -36.80
CA ARG A 78 29.80 -15.52 -36.77
CA ARG A 78 29.82 -15.53 -36.77
C ARG A 78 30.36 -15.10 -35.42
N SER A 79 29.87 -15.71 -34.34
CA SER A 79 30.31 -15.39 -32.99
C SER A 79 31.61 -16.07 -32.59
N ASN A 80 32.27 -16.78 -33.53
CA ASN A 80 33.40 -17.64 -33.20
C ASN A 80 33.04 -18.57 -32.02
N SER A 81 31.86 -19.17 -32.13
CA SER A 81 31.40 -20.21 -31.19
C SER A 81 31.23 -19.69 -29.76
N THR A 82 30.52 -18.57 -29.61
CA THR A 82 30.29 -18.00 -28.28
C THR A 82 29.08 -18.67 -27.66
N ALA A 83 29.32 -19.47 -26.62
CA ALA A 83 28.30 -20.31 -26.01
C ALA A 83 27.44 -19.52 -25.02
N ALA A 84 26.30 -20.10 -24.66
CA ALA A 84 25.40 -19.48 -23.71
C ALA A 84 26.01 -19.51 -22.30
N THR A 85 25.69 -18.48 -21.52
CA THR A 85 26.04 -18.44 -20.10
C THR A 85 24.95 -19.13 -19.29
N ASN A 86 25.35 -19.98 -18.35
CA ASN A 86 24.38 -20.62 -17.46
C ASN A 86 23.95 -19.62 -16.39
N GLU A 87 22.64 -19.47 -16.22
CA GLU A 87 22.08 -18.64 -15.18
C GLU A 87 21.63 -19.50 -14.01
N VAL A 88 21.74 -18.94 -12.81
CA VAL A 88 21.21 -19.62 -11.62
C VAL A 88 19.71 -19.35 -11.55
N PRO A 89 18.89 -20.38 -11.61
CA PRO A 89 17.44 -20.16 -11.54
C PRO A 89 16.98 -19.80 -10.14
N GLU A 90 15.76 -19.30 -10.06
CA GLU A 90 15.11 -18.95 -8.80
CA GLU A 90 15.11 -18.95 -8.80
C GLU A 90 13.83 -19.76 -8.70
N VAL A 91 13.60 -20.36 -7.53
CA VAL A 91 12.49 -21.29 -7.35
C VAL A 91 11.60 -20.81 -6.21
N THR A 92 10.28 -20.84 -6.43
CA THR A 92 9.29 -20.52 -5.41
C THR A 92 8.16 -21.54 -5.49
N VAL A 93 7.68 -21.98 -4.32
CA VAL A 93 6.58 -22.94 -4.24
C VAL A 93 5.46 -22.34 -3.41
N PHE A 94 4.24 -22.40 -3.94
CA PHE A 94 3.08 -21.83 -3.28
C PHE A 94 1.85 -22.60 -3.71
N SER A 95 0.80 -22.53 -2.90
CA SER A 95 -0.44 -23.17 -3.28
C SER A 95 -1.32 -22.22 -4.09
N LYS A 96 -2.24 -22.81 -4.85
CA LYS A 96 -3.13 -22.04 -5.72
C LYS A 96 -4.28 -21.40 -4.94
N SER A 97 -4.74 -22.07 -3.89
CA SER A 97 -5.80 -21.58 -3.03
C SER A 97 -5.36 -21.78 -1.59
N PRO A 98 -5.98 -21.07 -0.63
CA PRO A 98 -5.58 -21.25 0.77
C PRO A 98 -5.82 -22.68 1.20
N VAL A 99 -4.95 -23.16 2.09
CA VAL A 99 -4.90 -24.57 2.45
C VAL A 99 -6.00 -24.88 3.47
N THR A 100 -6.91 -25.77 3.08
CA THR A 100 -7.82 -26.41 4.03
C THR A 100 -7.54 -27.91 3.99
N LEU A 101 -7.16 -28.47 5.12
CA LEU A 101 -6.83 -29.89 5.17
C LEU A 101 -8.01 -30.73 4.69
N GLY A 102 -7.74 -31.62 3.74
CA GLY A 102 -8.76 -32.47 3.17
C GLY A 102 -9.41 -31.92 1.91
N GLN A 103 -9.13 -30.64 1.53
CA GLN A 103 -9.77 -30.01 0.38
C GLN A 103 -8.81 -29.95 -0.80
N PRO A 104 -9.22 -30.41 -1.98
CA PRO A 104 -8.33 -30.42 -3.14
C PRO A 104 -7.67 -29.07 -3.37
N ASN A 105 -6.35 -29.07 -3.46
CA ASN A 105 -5.58 -27.87 -3.77
C ASN A 105 -4.59 -28.24 -4.88
N ILE A 106 -3.71 -27.30 -5.24
CA ILE A 106 -2.71 -27.49 -6.27
C ILE A 106 -1.46 -26.79 -5.80
N LEU A 107 -0.33 -27.51 -5.78
CA LEU A 107 0.95 -26.89 -5.48
C LEU A 107 1.57 -26.38 -6.77
N ILE A 108 2.16 -25.20 -6.70
CA ILE A 108 2.68 -24.49 -7.86
C ILE A 108 4.14 -24.20 -7.63
N CYS A 109 4.99 -24.62 -8.57
CA CYS A 109 6.42 -24.41 -8.49
C CYS A 109 6.84 -23.49 -9.63
N LEU A 110 7.19 -22.25 -9.29
CA LEU A 110 7.67 -21.29 -10.27
C LEU A 110 9.20 -21.37 -10.34
N VAL A 111 9.73 -21.72 -11.49
CA VAL A 111 11.16 -21.70 -11.76
C VAL A 111 11.41 -20.53 -12.69
N ASP A 112 12.09 -19.50 -12.19
CA ASP A 112 12.31 -18.24 -12.86
C ASP A 112 13.78 -18.10 -13.23
N ASN A 113 14.05 -17.24 -14.23
CA ASN A 113 15.42 -16.93 -14.66
C ASN A 113 16.13 -18.18 -15.19
N ILE A 114 15.46 -18.90 -16.08
CA ILE A 114 16.04 -20.11 -16.66
C ILE A 114 16.80 -19.72 -17.91
N PHE A 115 18.08 -20.05 -17.95
CA PHE A 115 18.82 -20.01 -19.20
C PHE A 115 20.10 -20.83 -19.08
N PRO A 116 20.42 -21.65 -20.08
CA PRO A 116 19.60 -21.92 -21.27
C PRO A 116 18.37 -22.74 -20.92
N PRO A 117 17.41 -22.84 -21.84
CA PRO A 117 16.15 -23.55 -21.51
C PRO A 117 16.32 -25.07 -21.54
N VAL A 118 16.96 -25.58 -20.49
CA VAL A 118 17.12 -27.00 -20.21
C VAL A 118 16.94 -27.16 -18.72
N VAL A 119 15.93 -27.92 -18.29
CA VAL A 119 15.62 -27.99 -16.87
C VAL A 119 14.88 -29.28 -16.58
N ASN A 120 15.09 -29.82 -15.38
CA ASN A 120 14.27 -30.88 -14.81
C ASN A 120 13.53 -30.32 -13.59
N ILE A 121 12.22 -30.44 -13.60
CA ILE A 121 11.39 -30.05 -12.45
C ILE A 121 10.55 -31.27 -12.07
N THR A 122 10.76 -31.78 -10.88
CA THR A 122 10.01 -32.92 -10.37
C THR A 122 9.58 -32.61 -8.93
N TRP A 123 8.73 -33.48 -8.39
CA TRP A 123 8.13 -33.29 -7.08
C TRP A 123 8.45 -34.46 -6.16
N LEU A 124 8.62 -34.14 -4.88
CA LEU A 124 8.79 -35.12 -3.82
C LEU A 124 7.68 -34.95 -2.81
N SER A 125 7.19 -36.08 -2.28
CA SER A 125 6.22 -36.10 -1.18
C SER A 125 6.80 -36.93 -0.06
N ASN A 126 6.98 -36.30 1.11
CA ASN A 126 7.60 -36.94 2.26
C ASN A 126 8.91 -37.61 1.87
N GLY A 127 9.56 -37.11 0.82
CA GLY A 127 10.86 -37.57 0.42
C GLY A 127 10.87 -38.53 -0.77
N HIS A 128 9.72 -39.00 -1.24
CA HIS A 128 9.68 -39.88 -2.40
C HIS A 128 9.00 -39.17 -3.57
N SER A 129 9.41 -39.54 -4.78
CA SER A 129 8.99 -38.82 -5.95
C SER A 129 7.51 -39.03 -6.22
N VAL A 130 6.88 -38.01 -6.79
CA VAL A 130 5.46 -37.99 -7.12
C VAL A 130 5.32 -37.80 -8.60
N THR A 131 4.69 -38.76 -9.27
CA THR A 131 4.53 -38.73 -10.72
C THR A 131 3.12 -38.39 -11.16
N GLU A 132 2.10 -38.85 -10.43
CA GLU A 132 0.72 -38.55 -10.79
C GLU A 132 0.32 -37.17 -10.31
N GLY A 133 -0.56 -36.51 -11.08
CA GLY A 133 -1.01 -35.17 -10.76
C GLY A 133 -0.05 -34.06 -11.13
N VAL A 134 0.95 -34.34 -11.97
CA VAL A 134 1.98 -33.37 -12.32
C VAL A 134 1.73 -32.84 -13.73
N SER A 135 1.96 -31.55 -13.93
CA SER A 135 1.92 -30.95 -15.25
C SER A 135 2.76 -29.68 -15.21
N GLU A 136 3.03 -29.13 -16.39
CA GLU A 136 3.88 -27.96 -16.45
C GLU A 136 3.55 -27.15 -17.70
N THR A 137 3.91 -25.87 -17.65
CA THR A 137 3.83 -25.03 -18.82
C THR A 137 5.00 -25.31 -19.76
N SER A 138 4.95 -24.71 -20.95
CA SER A 138 6.15 -24.61 -21.76
C SER A 138 7.13 -23.64 -21.09
N PHE A 139 8.31 -23.51 -21.67
CA PHE A 139 9.17 -22.38 -21.31
C PHE A 139 8.50 -21.08 -21.75
N LEU A 140 8.32 -20.15 -20.82
CA LEU A 140 7.66 -18.87 -21.09
C LEU A 140 8.71 -17.76 -21.15
N SER A 141 8.53 -16.84 -22.08
CA SER A 141 9.56 -15.85 -22.39
C SER A 141 9.59 -14.73 -21.35
N LYS A 142 10.75 -14.08 -21.26
CA LYS A 142 10.95 -12.88 -20.47
C LYS A 142 11.62 -11.85 -21.36
N SER A 143 11.48 -10.57 -20.99
CA SER A 143 12.05 -9.52 -21.84
C SER A 143 13.56 -9.41 -21.73
N ASP A 144 14.20 -10.04 -20.74
CA ASP A 144 15.65 -10.14 -20.73
C ASP A 144 16.15 -11.40 -21.43
N HIS A 145 15.23 -12.16 -22.02
CA HIS A 145 15.45 -13.28 -22.94
C HIS A 145 15.86 -14.56 -22.23
N SER A 146 15.70 -14.61 -20.91
CA SER A 146 15.71 -15.86 -20.17
C SER A 146 14.30 -16.42 -20.18
N PHE A 147 14.04 -17.47 -19.40
CA PHE A 147 12.72 -18.08 -19.38
C PHE A 147 12.28 -18.39 -17.95
N PHE A 148 10.99 -18.61 -17.80
CA PHE A 148 10.46 -19.22 -16.60
C PHE A 148 9.55 -20.38 -16.99
N LYS A 149 9.25 -21.21 -16.00
CA LYS A 149 8.50 -22.44 -16.19
C LYS A 149 7.79 -22.74 -14.89
N ILE A 150 6.54 -23.18 -14.98
CA ILE A 150 5.72 -23.43 -13.81
C ILE A 150 5.26 -24.88 -13.86
N SER A 151 5.50 -25.60 -12.76
CA SER A 151 5.02 -26.96 -12.58
C SER A 151 3.91 -26.98 -11.55
N TYR A 152 2.98 -27.91 -11.73
CA TYR A 152 1.81 -28.07 -10.87
C TYR A 152 1.78 -29.47 -10.30
N LEU A 153 1.32 -29.58 -9.06
CA LEU A 153 1.04 -30.88 -8.46
C LEU A 153 -0.29 -30.79 -7.73
N THR A 154 -1.29 -31.55 -8.17
CA THR A 154 -2.53 -31.63 -7.41
C THR A 154 -2.30 -32.44 -6.13
N LEU A 155 -3.11 -32.17 -5.11
CA LEU A 155 -2.91 -32.83 -3.82
C LEU A 155 -4.10 -32.55 -2.92
N LEU A 156 -4.31 -33.46 -1.98
CA LEU A 156 -5.16 -33.23 -0.81
C LEU A 156 -4.25 -32.86 0.35
N PRO A 157 -4.26 -31.62 0.83
CA PRO A 157 -3.37 -31.25 1.93
C PRO A 157 -3.68 -32.07 3.18
N SER A 158 -2.63 -32.53 3.84
CA SER A 158 -2.74 -33.46 4.96
C SER A 158 -1.64 -33.16 5.95
N ALA A 159 -1.97 -33.27 7.24
CA ALA A 159 -1.09 -32.75 8.29
C ALA A 159 0.32 -33.36 8.22
N GLU A 160 0.42 -34.65 7.87
CA GLU A 160 1.68 -35.38 7.95
C GLU A 160 2.39 -35.52 6.61
N GLU A 161 2.02 -34.71 5.63
CA GLU A 161 2.55 -34.88 4.27
C GLU A 161 3.06 -33.54 3.77
N SER A 162 4.37 -33.42 3.64
CA SER A 162 5.03 -32.24 3.09
C SER A 162 5.63 -32.57 1.73
N TYR A 163 6.07 -31.52 1.02
CA TYR A 163 6.42 -31.65 -0.39
C TYR A 163 7.66 -30.83 -0.68
N ASP A 164 8.36 -31.22 -1.74
CA ASP A 164 9.45 -30.43 -2.30
C ASP A 164 9.30 -30.33 -3.81
N CYS A 165 9.62 -29.17 -4.33
CA CYS A 165 9.85 -29.00 -5.74
C CYS A 165 11.35 -29.12 -5.97
N LYS A 166 11.74 -30.05 -6.84
CA LYS A 166 13.15 -30.34 -7.08
C LYS A 166 13.54 -29.90 -8.48
N VAL A 167 14.61 -29.11 -8.57
CA VAL A 167 15.02 -28.46 -9.81
C VAL A 167 16.48 -28.81 -10.08
N GLU A 168 16.76 -29.32 -11.29
CA GLU A 168 18.11 -29.56 -11.77
C GLU A 168 18.40 -28.64 -12.95
N HIS A 169 19.54 -27.96 -12.91
CA HIS A 169 19.92 -27.02 -13.94
C HIS A 169 21.43 -26.82 -13.91
N TRP A 170 22.00 -26.54 -15.08
CA TRP A 170 23.44 -26.40 -15.17
C TRP A 170 23.96 -25.21 -14.39
N GLY A 171 23.12 -24.24 -14.05
CA GLY A 171 23.53 -23.15 -13.20
C GLY A 171 23.58 -23.51 -11.72
N LEU A 172 23.03 -24.65 -11.35
CA LEU A 172 23.02 -25.13 -9.97
C LEU A 172 24.05 -26.23 -9.77
N ASP A 173 24.85 -26.10 -8.71
CA ASP A 173 25.88 -27.10 -8.41
C ASP A 173 25.25 -28.43 -8.01
N LYS A 174 24.13 -28.38 -7.31
CA LYS A 174 23.41 -29.58 -6.90
C LYS A 174 21.92 -29.31 -7.04
N PRO A 175 21.09 -30.35 -7.09
CA PRO A 175 19.65 -30.14 -7.30
C PRO A 175 19.07 -29.25 -6.19
N LEU A 176 18.16 -28.37 -6.57
CA LEU A 176 17.56 -27.42 -5.67
C LEU A 176 16.22 -27.96 -5.17
N LEU A 177 16.01 -27.91 -3.87
CA LEU A 177 14.78 -28.37 -3.23
C LEU A 177 14.12 -27.18 -2.56
N LYS A 178 12.86 -26.93 -2.91
CA LYS A 178 12.07 -25.87 -2.30
C LYS A 178 10.91 -26.54 -1.57
N HIS A 179 10.87 -26.36 -0.26
CA HIS A 179 9.97 -27.12 0.59
C HIS A 179 8.64 -26.41 0.74
N TRP A 180 7.57 -27.20 0.90
CA TRP A 180 6.24 -26.68 1.19
C TRP A 180 5.62 -27.51 2.31
N GLU A 181 5.05 -26.83 3.30
CA GLU A 181 4.37 -27.53 4.39
C GLU A 181 2.89 -27.16 4.37
N PRO A 182 2.01 -28.09 4.73
CA PRO A 182 0.58 -27.75 4.75
C PRO A 182 0.21 -26.81 5.87
N GLU A 183 1.08 -26.66 6.88
CA GLU A 183 0.84 -25.77 8.02
C GLU A 183 -0.45 -26.14 8.76
N ASP B 3 31.93 -27.96 -15.07
CA ASP B 3 32.09 -28.14 -16.52
C ASP B 3 30.86 -28.85 -17.11
N SER B 4 29.82 -28.06 -17.33
CA SER B 4 28.52 -28.48 -17.82
C SER B 4 28.50 -28.51 -19.35
N PRO B 5 27.46 -29.09 -19.96
CA PRO B 5 27.44 -29.18 -21.43
C PRO B 5 27.38 -27.80 -22.09
N GLU B 6 27.94 -27.71 -23.28
CA GLU B 6 27.92 -26.49 -24.06
C GLU B 6 26.61 -26.37 -24.83
N ASP B 7 26.07 -25.15 -24.89
CA ASP B 7 24.79 -24.92 -25.54
C ASP B 7 24.80 -23.57 -26.26
N PHE B 8 24.17 -23.53 -27.42
CA PHE B 8 24.02 -22.31 -28.20
C PHE B 8 22.54 -22.13 -28.51
N VAL B 9 22.02 -20.93 -28.32
CA VAL B 9 20.59 -20.65 -28.36
C VAL B 9 20.32 -19.51 -29.35
N TYR B 10 19.23 -19.64 -30.10
CA TYR B 10 18.74 -18.59 -30.98
C TYR B 10 17.25 -18.42 -30.72
N GLN B 11 16.80 -17.17 -30.63
CA GLN B 11 15.40 -16.86 -30.37
C GLN B 11 14.88 -15.84 -31.38
N PHE B 12 13.65 -16.02 -31.82
CA PHE B 12 12.94 -15.03 -32.63
C PHE B 12 11.58 -14.77 -32.01
N LYS B 13 11.30 -13.50 -31.71
CA LYS B 13 10.08 -13.09 -31.03
C LYS B 13 9.32 -12.08 -31.90
N GLY B 14 8.09 -12.43 -32.27
CA GLY B 14 7.24 -11.50 -32.99
C GLY B 14 6.28 -10.82 -32.05
N MET B 15 6.60 -9.61 -31.61
CA MET B 15 5.90 -9.01 -30.47
C MET B 15 5.00 -7.86 -30.93
N CYS B 16 3.75 -7.88 -30.47
CA CYS B 16 2.77 -6.86 -30.79
C CYS B 16 2.40 -6.12 -29.52
N TYR B 17 2.47 -4.80 -29.57
CA TYR B 17 2.17 -3.92 -28.45
C TYR B 17 0.91 -3.13 -28.79
N PHE B 18 -0.12 -3.29 -27.95
CA PHE B 18 -1.42 -2.69 -28.18
C PHE B 18 -1.68 -1.66 -27.11
N THR B 19 -2.15 -0.49 -27.53
CA THR B 19 -2.53 0.57 -26.61
C THR B 19 -3.88 1.13 -27.04
N ASN B 20 -4.84 1.11 -26.12
CA ASN B 20 -6.16 1.70 -26.32
C ASN B 20 -6.90 1.03 -27.49
N GLY B 21 -7.26 -0.22 -27.24
CA GLY B 21 -7.84 -1.05 -28.28
C GLY B 21 -6.82 -1.28 -29.38
N THR B 22 -7.19 -0.94 -30.60
CA THR B 22 -6.26 -1.01 -31.73
C THR B 22 -5.95 0.37 -32.31
N GLU B 23 -6.23 1.43 -31.56
CA GLU B 23 -5.80 2.77 -31.96
C GLU B 23 -4.29 2.82 -32.19
N ARG B 24 -3.52 2.28 -31.26
CA ARG B 24 -2.05 2.30 -31.33
C ARG B 24 -1.57 0.86 -31.31
N VAL B 25 -0.96 0.42 -32.40
CA VAL B 25 -0.44 -0.93 -32.50
C VAL B 25 0.98 -0.85 -33.00
N ARG B 26 1.86 -1.66 -32.43
CA ARG B 26 3.27 -1.61 -32.76
C ARG B 26 3.87 -3.00 -32.76
N LEU B 27 4.58 -3.32 -33.84
CA LEU B 27 5.26 -4.60 -34.00
C LEU B 27 6.75 -4.45 -33.78
N VAL B 28 7.32 -5.34 -32.97
CA VAL B 28 8.76 -5.43 -32.78
C VAL B 28 9.15 -6.90 -32.91
N SER B 29 9.85 -7.23 -34.00
CA SER B 29 10.34 -8.57 -34.22
C SER B 29 11.82 -8.58 -33.84
N ARG B 30 12.16 -9.43 -32.87
CA ARG B 30 13.48 -9.43 -32.25
C ARG B 30 14.20 -10.73 -32.60
N SER B 31 15.44 -10.63 -33.06
CA SER B 31 16.32 -11.76 -33.28
C SER B 31 17.36 -11.78 -32.16
N ILE B 32 17.41 -12.87 -31.41
CA ILE B 32 18.25 -12.97 -30.22
C ILE B 32 19.18 -14.16 -30.37
N TYR B 33 20.47 -13.94 -30.14
CA TYR B 33 21.46 -15.00 -30.07
C TYR B 33 21.86 -15.17 -28.61
N ASN B 34 21.66 -16.38 -28.08
CA ASN B 34 21.75 -16.62 -26.65
C ASN B 34 20.77 -15.69 -25.92
N ARG B 35 21.28 -14.63 -25.31
CA ARG B 35 20.43 -13.66 -24.64
C ARG B 35 20.64 -12.24 -25.14
N GLU B 36 21.43 -12.07 -26.19
CA GLU B 36 21.71 -10.77 -26.76
C GLU B 36 20.84 -10.59 -28.01
N GLU B 37 19.98 -9.57 -27.98
CA GLU B 37 19.20 -9.20 -29.15
C GLU B 37 20.12 -8.52 -30.17
N ILE B 38 20.20 -9.06 -31.39
CA ILE B 38 21.20 -8.62 -32.34
C ILE B 38 20.61 -7.74 -33.42
N VAL B 39 19.35 -7.96 -33.78
CA VAL B 39 18.74 -7.20 -34.86
C VAL B 39 17.23 -7.24 -34.66
N ARG B 40 16.57 -6.13 -34.98
CA ARG B 40 15.14 -6.05 -34.80
C ARG B 40 14.48 -5.29 -35.94
N PHE B 41 13.24 -5.66 -36.23
CA PHE B 41 12.39 -4.84 -37.08
C PHE B 41 11.36 -4.15 -36.19
N ASP B 42 11.40 -2.83 -36.17
CA ASP B 42 10.44 -2.02 -35.42
C ASP B 42 9.54 -1.30 -36.41
N SER B 43 8.25 -1.59 -36.36
CA SER B 43 7.33 -0.99 -37.34
C SER B 43 7.30 0.53 -37.25
N ASP B 44 7.62 1.10 -36.08
CA ASP B 44 7.70 2.56 -35.99
C ASP B 44 8.95 3.10 -36.68
N VAL B 45 9.93 2.23 -36.96
CA VAL B 45 11.10 2.62 -37.74
C VAL B 45 10.89 2.33 -39.22
N GLY B 46 10.30 1.18 -39.55
CA GLY B 46 10.02 0.82 -40.92
C GLY B 46 11.10 0.02 -41.62
N GLU B 47 12.20 -0.29 -40.94
CA GLU B 47 13.25 -1.09 -41.53
C GLU B 47 14.04 -1.79 -40.42
N PHE B 48 14.80 -2.81 -40.81
CA PHE B 48 15.62 -3.52 -39.85
C PHE B 48 16.74 -2.65 -39.31
N ARG B 49 17.12 -2.90 -38.05
CA ARG B 49 18.19 -2.20 -37.39
C ARG B 49 19.03 -3.18 -36.59
N ALA B 50 20.35 -3.02 -36.64
CA ALA B 50 21.23 -3.84 -35.84
C ALA B 50 21.22 -3.34 -34.40
N VAL B 51 20.92 -4.22 -33.45
CA VAL B 51 20.99 -3.84 -32.04
C VAL B 51 22.42 -3.97 -31.53
N THR B 52 23.16 -4.96 -32.02
CA THR B 52 24.56 -5.16 -31.70
C THR B 52 25.34 -5.46 -32.98
N LEU B 53 26.66 -5.56 -32.83
CA LEU B 53 27.53 -5.78 -33.98
C LEU B 53 27.15 -7.06 -34.74
N LEU B 54 26.80 -8.13 -34.01
CA LEU B 54 26.49 -9.40 -34.66
C LEU B 54 25.27 -9.34 -35.57
N GLY B 55 24.39 -8.36 -35.37
CA GLY B 55 23.21 -8.27 -36.21
C GLY B 55 23.38 -7.38 -37.42
N LEU B 56 24.55 -6.76 -37.55
CA LEU B 56 24.77 -5.84 -38.66
C LEU B 56 24.69 -6.54 -40.02
N PRO B 57 25.30 -7.72 -40.23
CA PRO B 57 25.10 -8.40 -41.52
C PRO B 57 23.64 -8.72 -41.83
N ALA B 58 22.87 -9.16 -40.83
CA ALA B 58 21.48 -9.48 -41.10
C ALA B 58 20.70 -8.23 -41.48
N ALA B 59 20.89 -7.15 -40.72
CA ALA B 59 20.15 -5.92 -41.01
C ALA B 59 20.42 -5.45 -42.44
N GLU B 60 21.69 -5.45 -42.85
CA GLU B 60 22.04 -4.99 -44.19
C GLU B 60 21.48 -5.92 -45.27
N TYR B 61 21.52 -7.22 -45.03
CA TYR B 61 20.96 -8.15 -46.01
C TYR B 61 19.45 -8.00 -46.11
N TRP B 62 18.75 -8.06 -44.96
CA TRP B 62 17.29 -8.05 -44.98
C TRP B 62 16.74 -6.72 -45.49
N ASN B 63 17.40 -5.60 -45.19
CA ASN B 63 16.92 -4.33 -45.72
C ASN B 63 17.10 -4.23 -47.23
N SER B 64 17.89 -5.10 -47.84
CA SER B 64 18.07 -5.10 -49.28
C SER B 64 17.04 -5.94 -50.00
N GLN B 65 16.25 -6.73 -49.29
CA GLN B 65 15.26 -7.62 -49.91
C GLN B 65 13.89 -6.95 -49.81
N LYS B 66 13.42 -6.40 -50.94
CA LYS B 66 12.16 -5.67 -50.95
C LYS B 66 11.00 -6.56 -50.53
N ASP B 67 11.03 -7.82 -50.93
CA ASP B 67 9.93 -8.72 -50.59
C ASP B 67 9.87 -8.98 -49.09
N ILE B 68 11.03 -9.11 -48.44
CA ILE B 68 11.04 -9.25 -46.98
C ILE B 68 10.56 -7.96 -46.32
N LEU B 69 11.08 -6.82 -46.76
CA LEU B 69 10.73 -5.55 -46.15
C LEU B 69 9.22 -5.29 -46.24
N GLU B 70 8.63 -5.59 -47.39
CA GLU B 70 7.21 -5.31 -47.50
CA GLU B 70 7.20 -5.38 -47.60
C GLU B 70 6.38 -6.27 -46.68
N ARG B 71 6.86 -7.51 -46.46
CA ARG B 71 6.12 -8.40 -45.57
C ARG B 71 6.20 -7.93 -44.12
N LYS B 72 7.36 -7.40 -43.71
CA LYS B 72 7.48 -6.90 -42.34
C LYS B 72 6.58 -5.70 -42.12
N ARG B 73 6.53 -4.77 -43.08
CA ARG B 73 5.69 -3.60 -42.91
C ARG B 73 4.22 -3.96 -42.89
N ALA B 74 3.85 -5.03 -43.59
CA ALA B 74 2.47 -5.48 -43.59
C ALA B 74 2.10 -6.24 -42.32
N ALA B 75 3.10 -6.65 -41.53
CA ALA B 75 2.84 -7.55 -40.41
C ALA B 75 2.01 -6.87 -39.32
N VAL B 76 2.19 -5.56 -39.12
CA VAL B 76 1.41 -4.91 -38.06
C VAL B 76 -0.09 -5.08 -38.32
N ASP B 77 -0.49 -5.19 -39.58
CA ASP B 77 -1.87 -5.49 -39.96
C ASP B 77 -2.14 -6.98 -40.12
N ARG B 78 -1.28 -7.70 -40.85
CA ARG B 78 -1.53 -9.12 -41.10
C ARG B 78 -1.44 -9.94 -39.82
N VAL B 79 -0.56 -9.57 -38.90
CA VAL B 79 -0.38 -10.32 -37.66
C VAL B 79 -1.07 -9.63 -36.48
N CYS B 80 -0.57 -8.46 -36.07
CA CYS B 80 -1.00 -7.86 -34.82
C CYS B 80 -2.49 -7.52 -34.84
N ARG B 81 -2.92 -6.71 -35.81
CA ARG B 81 -4.31 -6.29 -35.84
C ARG B 81 -5.25 -7.46 -36.13
N HIS B 82 -4.84 -8.40 -36.98
CA HIS B 82 -5.67 -9.57 -37.24
C HIS B 82 -5.86 -10.41 -35.97
N ASN B 83 -4.78 -10.64 -35.23
CA ASN B 83 -4.92 -11.51 -34.06
C ASN B 83 -5.69 -10.80 -32.95
N TYR B 84 -5.52 -9.49 -32.81
CA TYR B 84 -6.25 -8.78 -31.77
C TYR B 84 -7.75 -8.96 -31.93
N GLN B 85 -8.22 -9.03 -33.18
CA GLN B 85 -9.66 -9.25 -33.40
C GLN B 85 -10.11 -10.58 -32.83
N LEU B 86 -9.23 -11.59 -32.86
CA LEU B 86 -9.54 -12.87 -32.21
C LEU B 86 -9.42 -12.77 -30.69
N GLU B 87 -8.48 -11.98 -30.18
CA GLU B 87 -8.38 -11.79 -28.73
C GLU B 87 -9.65 -11.14 -28.18
N LEU B 88 -10.23 -10.19 -28.94
CA LEU B 88 -11.41 -9.46 -28.50
C LEU B 88 -12.60 -10.37 -28.28
N ARG B 89 -12.64 -11.49 -28.98
CA ARG B 89 -13.71 -12.46 -28.83
C ARG B 89 -13.41 -13.52 -27.78
N THR B 90 -12.19 -13.56 -27.24
CA THR B 90 -11.77 -14.67 -26.39
C THR B 90 -11.05 -14.22 -25.12
N THR B 91 -9.73 -14.01 -25.21
CA THR B 91 -8.95 -13.73 -24.01
C THR B 91 -9.36 -12.41 -23.37
N LEU B 92 -9.69 -11.42 -24.18
CA LEU B 92 -10.14 -10.15 -23.61
C LEU B 92 -11.58 -10.23 -23.12
N GLN B 93 -12.28 -11.34 -23.36
CA GLN B 93 -13.59 -11.58 -22.75
C GLN B 93 -13.49 -12.45 -21.50
N ARG B 94 -12.32 -13.00 -21.20
CA ARG B 94 -12.18 -13.90 -20.07
C ARG B 94 -12.39 -13.15 -18.76
N ARG B 95 -13.32 -13.64 -17.95
CA ARG B 95 -13.62 -13.08 -16.64
C ARG B 95 -13.68 -14.22 -15.63
N VAL B 96 -12.77 -14.19 -14.66
CA VAL B 96 -12.80 -15.13 -13.54
C VAL B 96 -12.90 -14.32 -12.24
N GLU B 97 -14.01 -14.51 -11.52
CA GLU B 97 -14.27 -13.70 -10.32
C GLU B 97 -13.38 -14.17 -9.17
N PRO B 98 -12.77 -13.25 -8.44
CA PRO B 98 -11.88 -13.65 -7.34
C PRO B 98 -12.65 -14.25 -6.18
N THR B 99 -12.02 -15.26 -5.57
CA THR B 99 -12.47 -15.83 -4.30
C THR B 99 -11.69 -15.18 -3.17
N VAL B 100 -12.40 -14.67 -2.17
CA VAL B 100 -11.82 -13.87 -1.09
C VAL B 100 -12.05 -14.57 0.25
N THR B 101 -10.96 -14.83 0.98
CA THR B 101 -11.02 -15.46 2.29
C THR B 101 -10.06 -14.72 3.23
N ILE B 102 -10.39 -14.73 4.52
CA ILE B 102 -9.55 -14.11 5.55
C ILE B 102 -9.14 -15.17 6.56
N SER B 103 -7.88 -15.10 7.00
CA SER B 103 -7.44 -15.95 8.09
C SER B 103 -6.33 -15.27 8.85
N PRO B 104 -6.22 -15.49 10.16
CA PRO B 104 -5.12 -14.92 10.93
C PRO B 104 -3.81 -15.65 10.69
N SER B 105 -2.74 -14.99 11.10
CA SER B 105 -1.39 -15.55 11.07
C SER B 105 -0.62 -15.08 12.30
N ASN B 114 0.61 -9.99 15.43
CA ASN B 114 -0.70 -10.50 15.02
C ASN B 114 -1.09 -9.90 13.67
N LEU B 115 -1.40 -10.78 12.73
CA LEU B 115 -1.59 -10.42 11.34
C LEU B 115 -2.90 -11.00 10.83
N LEU B 116 -3.57 -10.26 9.96
CA LEU B 116 -4.72 -10.77 9.22
C LEU B 116 -4.31 -10.88 7.76
N VAL B 117 -4.60 -12.02 7.14
CA VAL B 117 -4.24 -12.25 5.75
C VAL B 117 -5.50 -12.35 4.91
N CYS B 118 -5.65 -11.46 3.95
CA CYS B 118 -6.71 -11.55 2.97
C CYS B 118 -6.17 -12.24 1.71
N SER B 119 -6.65 -13.45 1.46
CA SER B 119 -6.27 -14.21 0.26
C SER B 119 -7.29 -13.95 -0.85
N VAL B 120 -6.83 -13.37 -1.95
CA VAL B 120 -7.65 -13.11 -3.13
C VAL B 120 -7.14 -14.01 -4.24
N THR B 121 -7.86 -15.10 -4.52
CA THR B 121 -7.32 -16.16 -5.35
C THR B 121 -8.17 -16.40 -6.61
N ASP B 122 -7.47 -16.79 -7.69
CA ASP B 122 -8.06 -17.25 -8.95
C ASP B 122 -8.94 -16.18 -9.60
N PHE B 123 -8.29 -15.12 -10.06
CA PHE B 123 -9.01 -14.09 -10.80
C PHE B 123 -8.32 -13.80 -12.12
N TYR B 124 -9.12 -13.31 -13.08
CA TYR B 124 -8.61 -12.87 -14.36
C TYR B 124 -9.60 -11.86 -14.92
N PRO B 125 -9.14 -10.75 -15.48
CA PRO B 125 -7.73 -10.43 -15.72
C PRO B 125 -7.04 -9.80 -14.51
N ALA B 126 -5.91 -9.15 -14.77
CA ALA B 126 -4.96 -8.77 -13.72
C ALA B 126 -5.39 -7.56 -12.92
N GLN B 127 -6.22 -6.69 -13.48
CA GLN B 127 -6.60 -5.47 -12.79
C GLN B 127 -7.35 -5.81 -11.50
N ILE B 128 -6.87 -5.30 -10.37
CA ILE B 128 -7.52 -5.62 -9.10
C ILE B 128 -7.16 -4.55 -8.07
N LYS B 129 -8.09 -4.30 -7.15
CA LYS B 129 -7.88 -3.36 -6.05
C LYS B 129 -8.35 -4.04 -4.77
N VAL B 130 -7.45 -4.12 -3.79
CA VAL B 130 -7.72 -4.76 -2.50
C VAL B 130 -7.37 -3.80 -1.38
N ARG B 131 -8.28 -3.63 -0.43
CA ARG B 131 -8.07 -2.67 0.67
C ARG B 131 -8.63 -3.23 1.96
N TRP B 132 -8.00 -2.86 3.08
CA TRP B 132 -8.40 -3.28 4.42
C TRP B 132 -9.16 -2.17 5.13
N PHE B 133 -10.21 -2.55 5.84
CA PHE B 133 -10.96 -1.63 6.69
C PHE B 133 -10.99 -2.13 8.13
N ARG B 134 -10.85 -1.22 9.07
CA ARG B 134 -11.04 -1.47 10.50
C ARG B 134 -12.22 -0.62 10.95
N ASN B 135 -13.37 -1.26 11.20
CA ASN B 135 -14.60 -0.56 11.56
C ASN B 135 -14.93 0.52 10.54
N ASP B 136 -14.85 0.13 9.26
CA ASP B 136 -15.20 1.00 8.14
C ASP B 136 -14.29 2.22 8.03
N GLN B 137 -13.14 2.19 8.71
CA GLN B 137 -12.06 3.13 8.47
C GLN B 137 -10.97 2.43 7.66
N GLU B 138 -10.55 3.07 6.58
CA GLU B 138 -9.54 2.46 5.71
C GLU B 138 -8.17 2.49 6.36
N GLU B 139 -7.51 1.34 6.35
CA GLU B 139 -6.21 1.16 6.96
C GLU B 139 -5.14 1.35 5.89
N THR B 140 -4.15 2.20 6.17
CA THR B 140 -2.99 2.24 5.30
C THR B 140 -1.70 1.87 6.02
N ALA B 141 -1.63 2.00 7.35
CA ALA B 141 -0.46 1.62 8.10
C ALA B 141 -0.38 0.09 8.31
N GLY B 142 0.84 -0.42 8.38
CA GLY B 142 1.07 -1.83 8.64
C GLY B 142 0.41 -2.80 7.67
N VAL B 143 0.39 -2.48 6.38
CA VAL B 143 -0.20 -3.33 5.36
C VAL B 143 0.93 -3.80 4.45
N VAL B 144 0.97 -5.11 4.20
CA VAL B 144 1.97 -5.70 3.31
C VAL B 144 1.24 -6.47 2.22
N SER B 145 1.54 -6.14 0.98
CA SER B 145 0.91 -6.74 -0.19
C SER B 145 1.95 -7.53 -0.97
N THR B 146 1.60 -8.76 -1.36
CA THR B 146 2.45 -9.46 -2.29
C THR B 146 2.37 -8.77 -3.65
N PRO B 147 3.37 -8.95 -4.50
CA PRO B 147 3.15 -8.63 -5.91
C PRO B 147 2.02 -9.47 -6.46
N LEU B 148 1.49 -9.04 -7.60
CA LEU B 148 0.52 -9.86 -8.31
C LEU B 148 1.18 -11.19 -8.68
N ILE B 149 0.54 -12.30 -8.34
CA ILE B 149 1.11 -13.62 -8.52
C ILE B 149 0.42 -14.29 -9.71
N ARG B 150 1.20 -14.62 -10.73
CA ARG B 150 0.71 -15.27 -11.94
C ARG B 150 0.75 -16.78 -11.74
N ASN B 151 -0.41 -17.44 -11.78
CA ASN B 151 -0.41 -18.87 -11.53
C ASN B 151 0.00 -19.69 -12.73
N GLY B 152 0.04 -19.09 -13.92
CA GLY B 152 0.44 -19.79 -15.12
C GLY B 152 -0.69 -20.47 -15.85
N ASP B 153 -1.84 -20.64 -15.21
CA ASP B 153 -3.01 -21.24 -15.82
C ASP B 153 -4.09 -20.19 -16.15
N TRP B 154 -3.66 -18.96 -16.47
CA TRP B 154 -4.57 -17.84 -16.77
C TRP B 154 -5.42 -17.44 -15.56
N THR B 155 -4.86 -17.53 -14.36
CA THR B 155 -5.46 -16.92 -13.19
C THR B 155 -4.34 -16.28 -12.37
N PHE B 156 -4.71 -15.26 -11.62
CA PHE B 156 -3.79 -14.62 -10.70
C PHE B 156 -4.25 -14.85 -9.27
N GLN B 157 -3.35 -14.55 -8.34
CA GLN B 157 -3.71 -14.44 -6.95
C GLN B 157 -2.91 -13.30 -6.36
N ILE B 158 -3.35 -12.84 -5.18
CA ILE B 158 -2.62 -11.84 -4.42
C ILE B 158 -3.03 -12.00 -2.96
N LEU B 159 -2.08 -11.74 -2.06
CA LEU B 159 -2.33 -11.78 -0.62
C LEU B 159 -2.01 -10.42 -0.03
N VAL B 160 -2.88 -9.94 0.85
CA VAL B 160 -2.70 -8.63 1.51
C VAL B 160 -2.76 -8.85 3.01
N MET B 161 -1.66 -8.53 3.70
CA MET B 161 -1.52 -8.76 5.13
C MET B 161 -1.77 -7.46 5.90
N LEU B 162 -2.44 -7.57 7.04
CA LEU B 162 -2.75 -6.42 7.87
C LEU B 162 -2.23 -6.65 9.27
N GLU B 163 -1.40 -5.74 9.76
CA GLU B 163 -0.96 -5.78 11.14
C GLU B 163 -2.11 -5.26 12.00
N MET B 164 -2.45 -6.00 13.04
CA MET B 164 -3.68 -5.71 13.75
C MET B 164 -3.50 -5.95 15.25
N THR B 165 -4.20 -5.16 16.06
CA THR B 165 -4.32 -5.38 17.50
C THR B 165 -5.78 -5.13 17.86
N PRO B 166 -6.63 -6.15 17.74
CA PRO B 166 -8.08 -5.91 17.79
C PRO B 166 -8.62 -5.67 19.20
N GLN B 167 -9.60 -4.79 19.29
CA GLN B 167 -10.36 -4.57 20.50
C GLN B 167 -11.71 -5.28 20.36
N ARG B 168 -12.44 -5.37 21.47
CA ARG B 168 -13.76 -6.00 21.43
C ARG B 168 -14.73 -5.15 20.60
N GLY B 169 -15.46 -5.82 19.72
CA GLY B 169 -16.36 -5.17 18.81
C GLY B 169 -15.76 -4.78 17.47
N ASP B 170 -14.44 -4.92 17.30
CA ASP B 170 -13.81 -4.55 16.04
C ASP B 170 -14.24 -5.50 14.92
N VAL B 171 -14.54 -4.93 13.76
CA VAL B 171 -14.81 -5.69 12.55
C VAL B 171 -13.80 -5.28 11.47
N TYR B 172 -13.10 -6.26 10.93
CA TYR B 172 -12.10 -6.02 9.89
C TYR B 172 -12.68 -6.48 8.55
N THR B 173 -12.62 -5.62 7.54
CA THR B 173 -13.18 -5.92 6.22
C THR B 173 -12.09 -5.88 5.16
N CYS B 174 -12.00 -6.96 4.39
CA CYS B 174 -11.18 -7.01 3.19
C CYS B 174 -12.06 -6.64 2.01
N HIS B 175 -11.64 -5.64 1.24
CA HIS B 175 -12.47 -5.00 0.20
C HIS B 175 -11.81 -5.22 -1.16
N VAL B 176 -12.53 -5.86 -2.08
CA VAL B 176 -11.93 -6.29 -3.34
C VAL B 176 -12.73 -5.78 -4.53
N GLU B 177 -12.07 -5.03 -5.41
CA GLU B 177 -12.69 -4.54 -6.63
C GLU B 177 -11.95 -5.10 -7.86
N HIS B 178 -12.72 -5.65 -8.80
CA HIS B 178 -12.18 -6.39 -9.94
C HIS B 178 -13.15 -6.26 -11.09
N PRO B 179 -12.66 -6.21 -12.35
CA PRO B 179 -13.57 -5.94 -13.49
C PRO B 179 -14.64 -6.99 -13.70
N SER B 180 -14.46 -8.20 -13.16
CA SER B 180 -15.46 -9.24 -13.32
C SER B 180 -16.66 -9.08 -12.38
N LEU B 181 -16.61 -8.15 -11.44
CA LEU B 181 -17.61 -8.05 -10.39
C LEU B 181 -18.58 -6.90 -10.67
N GLN B 182 -19.86 -7.14 -10.41
CA GLN B 182 -20.81 -6.05 -10.54
CA GLN B 182 -20.86 -6.09 -10.52
C GLN B 182 -20.78 -5.10 -9.36
N SER B 183 -20.10 -5.46 -8.28
CA SER B 183 -19.83 -4.59 -7.13
C SER B 183 -18.73 -5.24 -6.29
N PRO B 184 -18.02 -4.46 -5.48
CA PRO B 184 -16.87 -5.03 -4.77
C PRO B 184 -17.28 -6.13 -3.81
N ILE B 185 -16.39 -7.10 -3.64
CA ILE B 185 -16.58 -8.15 -2.64
C ILE B 185 -16.02 -7.64 -1.32
N THR B 186 -16.77 -7.87 -0.25
CA THR B 186 -16.31 -7.60 1.10
C THR B 186 -16.38 -8.87 1.94
N VAL B 187 -15.34 -9.11 2.72
CA VAL B 187 -15.30 -10.24 3.64
C VAL B 187 -14.92 -9.71 5.00
N GLU B 188 -15.66 -10.12 6.03
CA GLU B 188 -15.47 -9.60 7.38
C GLU B 188 -14.79 -10.63 8.27
N TRP B 189 -14.14 -10.12 9.32
CA TRP B 189 -13.48 -10.94 10.32
C TRP B 189 -13.57 -10.22 11.65
N ARG B 190 -13.99 -10.95 12.67
CA ARG B 190 -14.10 -10.45 14.05
C ARG B 190 -13.27 -11.35 14.96
N ALA B 191 -12.65 -10.75 15.97
CA ALA B 191 -11.91 -11.54 16.96
C ALA B 191 -12.85 -12.45 17.74
N ASP C 2 -8.63 -3.43 26.71
CA ASP C 2 -8.44 -1.98 26.73
C ASP C 2 -9.73 -1.25 26.32
N ILE C 3 -9.91 -0.03 26.84
CA ILE C 3 -11.14 0.74 26.64
C ILE C 3 -11.06 1.53 25.34
N VAL C 4 -12.17 1.59 24.61
CA VAL C 4 -12.23 2.29 23.34
C VAL C 4 -12.64 3.74 23.55
N ALA C 5 -11.80 4.67 23.09
CA ALA C 5 -12.08 6.09 23.20
C ALA C 5 -11.53 6.83 21.99
N ASP C 6 -12.07 8.03 21.74
CA ASP C 6 -11.48 8.90 20.74
C ASP C 6 -10.16 9.49 21.23
N HIS C 7 -10.06 9.83 22.53
CA HIS C 7 -8.83 10.34 23.11
C HIS C 7 -8.64 9.76 24.49
N VAL C 8 -7.38 9.59 24.89
CA VAL C 8 -7.06 9.06 26.21
C VAL C 8 -5.92 9.88 26.78
N ALA C 9 -6.09 10.34 28.03
CA ALA C 9 -5.12 11.17 28.71
C ALA C 9 -4.78 10.55 30.04
N SER C 10 -3.56 10.81 30.52
CA SER C 10 -3.18 10.46 31.87
C SER C 10 -2.85 11.75 32.63
N TYR C 11 -3.65 12.02 33.66
CA TYR C 11 -3.54 13.22 34.49
C TYR C 11 -3.37 12.81 35.95
N GLY C 12 -2.23 12.23 36.31
CA GLY C 12 -1.10 12.03 35.43
C GLY C 12 -0.61 10.62 35.61
N VAL C 13 0.63 10.38 35.18
CA VAL C 13 1.36 9.14 35.46
C VAL C 13 2.25 9.37 36.69
N ASN C 14 1.99 8.64 37.77
CA ASN C 14 2.75 8.73 39.01
C ASN C 14 3.55 7.44 39.17
N LEU C 15 4.87 7.56 39.31
CA LEU C 15 5.76 6.40 39.42
C LEU C 15 6.69 6.57 40.61
N TYR C 16 6.85 5.50 41.39
CA TYR C 16 7.85 5.44 42.43
C TYR C 16 8.43 4.05 42.47
N GLN C 17 9.74 3.95 42.66
CA GLN C 17 10.39 2.65 42.70
C GLN C 17 11.51 2.65 43.74
N SER C 18 11.73 1.48 44.36
CA SER C 18 12.70 1.40 45.45
C SER C 18 14.13 1.54 44.97
N TYR C 19 14.42 1.24 43.71
CA TYR C 19 15.77 1.37 43.20
C TYR C 19 16.10 2.86 43.04
N GLY C 20 17.11 3.32 43.77
CA GLY C 20 17.42 4.73 43.84
C GLY C 20 17.36 5.25 45.25
N PRO C 21 16.15 5.44 45.78
CA PRO C 21 14.86 5.31 45.09
C PRO C 21 14.67 6.47 44.11
N SER C 22 13.66 6.36 43.27
CA SER C 22 13.41 7.38 42.26
C SER C 22 11.92 7.46 41.97
N GLY C 23 11.49 8.63 41.47
CA GLY C 23 10.11 8.83 41.09
C GLY C 23 10.03 9.62 39.80
N GLN C 24 8.82 9.63 39.22
CA GLN C 24 8.59 10.43 38.01
C GLN C 24 7.14 10.88 38.04
N TYR C 25 6.89 12.08 37.53
CA TYR C 25 5.51 12.58 37.41
C TYR C 25 5.35 13.25 36.06
N THR C 26 4.35 12.82 35.29
CA THR C 26 4.08 13.35 33.96
C THR C 26 2.59 13.39 33.70
N HIS C 27 2.19 14.22 32.74
CA HIS C 27 0.88 14.14 32.11
C HIS C 27 1.05 13.75 30.66
N GLU C 28 0.16 12.88 30.19
CA GLU C 28 0.17 12.38 28.83
C GLU C 28 -1.17 12.71 28.18
N PHE C 29 -1.14 12.91 26.86
CA PHE C 29 -2.37 13.05 26.08
C PHE C 29 -2.17 12.39 24.73
N ASP C 30 -3.02 11.41 24.42
CA ASP C 30 -2.89 10.61 23.21
C ASP C 30 -1.48 10.08 23.06
N GLY C 31 -0.87 9.71 24.18
CA GLY C 31 0.36 8.96 24.15
C GLY C 31 1.62 9.78 24.05
N ASP C 32 1.53 11.11 24.03
CA ASP C 32 2.69 11.97 24.06
C ASP C 32 2.74 12.70 25.40
N GLU C 33 3.94 13.15 25.74
CA GLU C 33 4.21 13.73 27.06
C GLU C 33 3.92 15.23 27.05
N GLN C 34 2.96 15.66 27.88
CA GLN C 34 2.66 17.10 27.99
C GLN C 34 3.69 17.82 28.82
N PHE C 35 4.09 17.25 29.96
CA PHE C 35 5.14 17.82 30.79
C PHE C 35 5.60 16.75 31.77
N TYR C 36 6.75 17.02 32.37
CA TYR C 36 7.16 16.34 33.57
C TYR C 36 7.47 17.37 34.65
N VAL C 37 7.55 16.90 35.89
CA VAL C 37 7.92 17.72 37.04
C VAL C 37 9.28 17.24 37.50
N ASP C 38 10.29 18.09 37.35
CA ASP C 38 11.58 17.85 37.98
C ASP C 38 11.40 17.88 39.49
N LEU C 39 11.34 16.70 40.12
CA LEU C 39 11.07 16.61 41.55
C LEU C 39 12.16 17.25 42.38
N GLY C 40 13.41 17.19 41.91
CA GLY C 40 14.50 17.77 42.67
C GLY C 40 14.47 19.29 42.67
N ARG C 41 14.28 19.90 41.50
CA ARG C 41 14.26 21.35 41.43
C ARG C 41 12.89 21.93 41.75
N LYS C 42 11.87 21.09 41.87
CA LYS C 42 10.47 21.51 42.03
C LYS C 42 10.06 22.45 40.91
N GLU C 43 10.09 21.93 39.69
CA GLU C 43 9.83 22.74 38.51
C GLU C 43 9.08 21.92 37.47
N THR C 44 8.00 22.51 36.95
CA THR C 44 7.29 21.93 35.81
C THR C 44 8.03 22.27 34.52
N VAL C 45 8.25 21.26 33.69
CA VAL C 45 8.95 21.40 32.42
C VAL C 45 8.00 20.94 31.32
N TRP C 46 7.51 21.87 30.52
CA TRP C 46 6.56 21.55 29.47
C TRP C 46 7.28 21.03 28.22
N CYS C 47 6.70 20.02 27.59
CA CYS C 47 7.30 19.42 26.40
C CYS C 47 6.74 19.96 25.10
N LEU C 48 5.57 20.59 25.14
CA LEU C 48 4.97 21.17 23.95
C LEU C 48 4.92 22.68 24.13
N PRO C 49 5.61 23.46 23.28
CA PRO C 49 5.71 24.91 23.51
C PRO C 49 4.39 25.62 23.69
N VAL C 50 3.30 25.15 23.07
CA VAL C 50 2.03 25.83 23.24
C VAL C 50 1.48 25.67 24.65
N LEU C 51 1.98 24.69 25.41
CA LEU C 51 1.54 24.46 26.78
C LEU C 51 2.28 25.32 27.79
N ARG C 52 3.29 26.09 27.35
CA ARG C 52 4.03 26.91 28.28
C ARG C 52 3.18 28.02 28.88
N GLN C 53 2.05 28.34 28.25
CA GLN C 53 1.14 29.33 28.82
C GLN C 53 0.44 28.84 30.08
N PHE C 54 0.58 27.56 30.43
CA PHE C 54 -0.11 26.97 31.56
C PHE C 54 0.80 26.90 32.77
N ARG C 55 0.20 26.51 33.90
CA ARG C 55 0.90 26.39 35.16
C ARG C 55 0.45 25.09 35.83
N PHE C 56 1.38 24.43 36.51
CA PHE C 56 1.07 23.23 37.27
C PHE C 56 1.92 23.25 38.52
N ASP C 57 1.27 23.37 39.66
CA ASP C 57 1.97 23.44 40.93
C ASP C 57 2.83 22.19 41.08
N PRO C 58 4.16 22.32 41.05
CA PRO C 58 5.02 21.14 41.20
C PRO C 58 4.76 20.36 42.47
N GLN C 59 4.22 20.98 43.53
CA GLN C 59 4.01 20.27 44.79
C GLN C 59 2.91 19.22 44.70
N PHE C 60 2.00 19.35 43.72
CA PHE C 60 1.10 18.24 43.41
C PHE C 60 1.89 16.96 43.17
N ALA C 61 3.00 17.05 42.44
CA ALA C 61 3.78 15.86 42.12
C ALA C 61 4.49 15.33 43.35
N LEU C 62 5.13 16.22 44.11
CA LEU C 62 5.89 15.78 45.28
C LEU C 62 4.99 15.10 46.30
N THR C 63 3.85 15.71 46.59
CA THR C 63 2.92 15.12 47.55
C THR C 63 2.39 13.78 47.05
N ASN C 64 2.05 13.67 45.76
CA ASN C 64 1.67 12.37 45.22
C ASN C 64 2.78 11.33 45.38
N ILE C 65 4.03 11.72 45.16
CA ILE C 65 5.12 10.75 45.27
C ILE C 65 5.28 10.32 46.72
N ALA C 66 5.03 11.24 47.68
CA ALA C 66 5.04 10.85 49.09
C ALA C 66 4.01 9.78 49.37
N VAL C 67 2.80 9.93 48.83
CA VAL C 67 1.79 8.89 48.98
C VAL C 67 2.27 7.58 48.35
N LEU C 68 2.95 7.67 47.21
CA LEU C 68 3.35 6.45 46.51
C LEU C 68 4.45 5.73 47.27
N LYS C 69 5.34 6.48 47.90
CA LYS C 69 6.35 5.88 48.76
C LYS C 69 5.72 5.06 49.87
N HIS C 70 4.74 5.64 50.58
CA HIS C 70 3.99 4.88 51.57
C HIS C 70 3.30 3.69 50.93
N ASN C 71 2.68 3.87 49.75
CA ASN C 71 1.91 2.79 49.16
C ASN C 71 2.81 1.65 48.72
N LEU C 72 3.99 1.99 48.19
CA LEU C 72 4.96 0.97 47.82
C LEU C 72 5.37 0.13 49.02
N ASN C 73 5.69 0.78 50.15
CA ASN C 73 6.11 0.01 51.31
C ASN C 73 4.98 -0.89 51.78
N SER C 74 3.73 -0.44 51.66
CA SER C 74 2.62 -1.30 52.09
C SER C 74 2.53 -2.53 51.21
N LEU C 75 2.80 -2.39 49.92
CA LEU C 75 2.67 -3.51 49.00
C LEU C 75 3.87 -4.44 49.09
N ILE C 76 5.08 -3.88 49.25
CA ILE C 76 6.26 -4.70 49.51
C ILE C 76 6.00 -5.64 50.69
N LYS C 77 5.41 -5.10 51.76
CA LYS C 77 5.12 -5.89 52.94
C LYS C 77 3.97 -6.86 52.67
N ARG C 78 2.90 -6.37 52.03
CA ARG C 78 1.73 -7.23 51.81
C ARG C 78 2.01 -8.35 50.83
N SER C 79 2.89 -8.10 49.84
CA SER C 79 3.24 -9.11 48.86
C SER C 79 4.39 -10.00 49.30
N ASN C 80 4.81 -9.91 50.56
CA ASN C 80 5.96 -10.63 51.07
C ASN C 80 7.16 -10.44 50.14
N SER C 81 7.40 -9.17 49.78
CA SER C 81 8.58 -8.77 49.02
C SER C 81 8.62 -9.41 47.63
N THR C 82 7.48 -9.42 46.94
CA THR C 82 7.44 -9.88 45.54
C THR C 82 8.06 -8.82 44.66
N ALA C 83 9.25 -9.08 44.13
CA ALA C 83 9.98 -8.07 43.38
C ALA C 83 9.49 -7.98 41.94
N ALA C 84 9.85 -6.88 41.28
CA ALA C 84 9.53 -6.70 39.87
C ALA C 84 10.23 -7.75 39.01
N THR C 85 9.57 -8.14 37.92
CA THR C 85 10.15 -9.01 36.91
C THR C 85 10.77 -8.17 35.80
N ASN C 86 12.00 -8.50 35.42
CA ASN C 86 12.65 -7.84 34.29
C ASN C 86 12.06 -8.34 32.99
N GLU C 87 11.52 -7.43 32.17
CA GLU C 87 11.11 -7.79 30.83
C GLU C 87 12.26 -7.58 29.86
N VAL C 88 12.11 -8.13 28.66
CA VAL C 88 13.08 -7.95 27.59
C VAL C 88 12.68 -6.72 26.79
N PRO C 89 13.48 -5.67 26.76
CA PRO C 89 13.13 -4.49 25.97
C PRO C 89 13.37 -4.75 24.48
N GLU C 90 12.79 -3.86 23.67
CA GLU C 90 12.75 -3.99 22.22
CA GLU C 90 12.74 -3.99 22.22
C GLU C 90 13.15 -2.66 21.61
N VAL C 91 14.16 -2.66 20.74
CA VAL C 91 14.82 -1.43 20.30
C VAL C 91 14.74 -1.25 18.79
N THR C 92 14.48 0.01 18.37
CA THR C 92 14.43 0.40 16.96
C THR C 92 15.11 1.74 16.78
N VAL C 93 15.84 1.89 15.66
CA VAL C 93 16.55 3.11 15.28
C VAL C 93 16.05 3.55 13.92
N PHE C 94 15.80 4.85 13.77
CA PHE C 94 15.34 5.40 12.50
C PHE C 94 15.63 6.89 12.53
N SER C 95 15.68 7.50 11.35
CA SER C 95 15.87 8.95 11.30
C SER C 95 14.53 9.67 11.33
N LYS C 96 14.56 10.93 11.75
CA LYS C 96 13.32 11.70 11.82
C LYS C 96 12.85 12.10 10.43
N SER C 97 13.77 12.33 9.50
CA SER C 97 13.42 12.70 8.13
C SER C 97 14.35 11.98 7.18
N PRO C 98 13.96 11.82 5.90
CA PRO C 98 14.84 11.12 4.95
C PRO C 98 16.21 11.78 4.88
N VAL C 99 17.22 10.96 4.59
CA VAL C 99 18.61 11.38 4.76
C VAL C 99 19.09 12.11 3.52
N THR C 100 19.65 13.30 3.73
CA THR C 100 20.40 14.01 2.72
C THR C 100 21.75 14.33 3.32
N LEU C 101 22.83 13.89 2.66
CA LEU C 101 24.17 14.08 3.20
C LEU C 101 24.45 15.56 3.38
N GLY C 102 24.95 15.91 4.57
CA GLY C 102 25.22 17.29 4.92
C GLY C 102 24.02 18.04 5.45
N GLN C 103 22.84 17.48 5.38
CA GLN C 103 21.63 18.18 5.78
C GLN C 103 21.21 17.72 7.18
N PRO C 104 21.05 18.64 8.13
CA PRO C 104 20.84 18.22 9.52
C PRO C 104 19.64 17.30 9.68
N ASN C 105 19.79 16.35 10.58
CA ASN C 105 18.79 15.31 10.81
C ASN C 105 18.85 14.94 12.28
N ILE C 106 17.96 14.04 12.69
CA ILE C 106 17.94 13.53 14.05
C ILE C 106 17.79 12.01 13.98
N LEU C 107 18.66 11.28 14.67
CA LEU C 107 18.47 9.86 14.87
C LEU C 107 17.59 9.66 16.10
N ILE C 108 16.69 8.68 16.01
CA ILE C 108 15.71 8.38 17.05
C ILE C 108 15.88 6.93 17.45
N CYS C 109 16.11 6.68 18.73
CA CYS C 109 16.20 5.32 19.26
C CYS C 109 15.01 5.08 20.16
N LEU C 110 14.09 4.26 19.69
CA LEU C 110 12.89 3.90 20.44
C LEU C 110 13.19 2.64 21.24
N VAL C 111 13.05 2.74 22.55
CA VAL C 111 13.25 1.61 23.44
C VAL C 111 11.90 1.29 24.06
N ASP C 112 11.36 0.12 23.70
CA ASP C 112 10.01 -0.26 24.07
C ASP C 112 10.02 -1.43 25.04
N ASN C 113 8.86 -1.68 25.67
CA ASN C 113 8.69 -2.77 26.63
C ASN C 113 9.69 -2.70 27.78
N ILE C 114 9.88 -1.51 28.34
CA ILE C 114 10.83 -1.33 29.43
C ILE C 114 10.13 -1.66 30.74
N PHE C 115 10.64 -2.68 31.45
CA PHE C 115 10.29 -2.86 32.85
C PHE C 115 11.32 -3.70 33.57
N PRO C 116 11.78 -3.28 34.75
CA PRO C 116 11.38 -2.04 35.42
C PRO C 116 11.95 -0.80 34.75
N PRO C 117 11.44 0.40 35.10
CA PRO C 117 11.91 1.63 34.41
C PRO C 117 13.29 2.06 34.89
N VAL C 118 14.28 1.25 34.51
CA VAL C 118 15.69 1.55 34.74
C VAL C 118 16.41 1.17 33.45
N VAL C 119 17.07 2.14 32.81
CA VAL C 119 17.65 1.89 31.49
C VAL C 119 18.79 2.87 31.26
N ASN C 120 19.80 2.41 30.53
CA ASN C 120 20.86 3.25 29.98
C ASN C 120 20.73 3.21 28.46
N ILE C 121 20.58 4.37 27.85
CA ILE C 121 20.54 4.47 26.40
C ILE C 121 21.70 5.37 25.99
N THR C 122 22.61 4.83 25.17
CA THR C 122 23.78 5.57 24.72
C THR C 122 23.93 5.43 23.21
N TRP C 123 24.74 6.32 22.64
CA TRP C 123 25.00 6.32 21.21
C TRP C 123 26.48 6.05 20.97
N LEU C 124 26.75 5.20 19.98
CA LEU C 124 28.11 4.86 19.58
C LEU C 124 28.31 5.18 18.11
N SER C 125 29.50 5.66 17.78
CA SER C 125 29.94 5.80 16.41
C SER C 125 31.36 5.22 16.32
N ASN C 126 31.51 4.17 15.52
CA ASN C 126 32.78 3.45 15.40
C ASN C 126 33.30 2.98 16.77
N GLY C 127 32.39 2.50 17.60
CA GLY C 127 32.78 2.08 18.94
C GLY C 127 33.14 3.19 19.88
N HIS C 128 32.90 4.44 19.51
CA HIS C 128 33.16 5.60 20.35
C HIS C 128 31.83 6.16 20.82
N SER C 129 31.75 6.48 22.10
CA SER C 129 30.50 7.02 22.63
C SER C 129 30.34 8.47 22.19
N VAL C 130 29.11 8.82 21.83
CA VAL C 130 28.75 10.17 21.40
C VAL C 130 27.92 10.79 22.50
N THR C 131 28.33 11.97 22.96
CA THR C 131 27.66 12.68 24.03
C THR C 131 26.92 13.91 23.55
N GLU C 132 27.58 14.74 22.76
CA GLU C 132 27.01 15.99 22.31
C GLU C 132 25.76 15.74 21.46
N GLY C 133 24.76 16.58 21.63
CA GLY C 133 23.58 16.50 20.79
C GLY C 133 22.62 15.38 21.12
N VAL C 134 22.67 14.85 22.34
CA VAL C 134 21.86 13.71 22.76
C VAL C 134 20.83 14.16 23.79
N SER C 135 19.57 13.78 23.58
CA SER C 135 18.51 14.07 24.52
C SER C 135 17.57 12.87 24.57
N GLU C 136 16.61 12.91 25.49
CA GLU C 136 15.70 11.78 25.65
C GLU C 136 14.44 12.22 26.36
N THR C 137 13.38 11.44 26.17
CA THR C 137 12.09 11.67 26.79
C THR C 137 12.05 11.06 28.19
N SER C 138 10.96 11.31 28.89
CA SER C 138 10.68 10.60 30.12
C SER C 138 10.29 9.17 29.81
N PHE C 139 10.10 8.37 30.86
CA PHE C 139 9.45 7.09 30.68
C PHE C 139 7.98 7.33 30.35
N LEU C 140 7.55 6.87 29.17
CA LEU C 140 6.18 7.05 28.71
C LEU C 140 5.38 5.77 28.97
N SER C 141 4.11 5.93 29.35
CA SER C 141 3.36 4.80 29.86
C SER C 141 2.82 3.93 28.73
N LYS C 142 2.57 2.66 29.06
CA LYS C 142 1.89 1.73 28.18
C LYS C 142 0.80 1.02 28.98
N SER C 143 -0.27 0.62 28.28
CA SER C 143 -1.45 0.07 28.93
C SER C 143 -1.20 -1.26 29.64
N ASP C 144 -0.12 -1.97 29.31
CA ASP C 144 0.26 -3.15 30.09
C ASP C 144 1.23 -2.80 31.21
N HIS C 145 1.42 -1.52 31.47
CA HIS C 145 2.14 -0.97 32.61
C HIS C 145 3.66 -1.16 32.52
N SER C 146 4.19 -1.55 31.36
CA SER C 146 5.59 -1.30 31.09
C SER C 146 5.74 0.13 30.55
N PHE C 147 6.91 0.46 30.01
CA PHE C 147 7.17 1.81 29.52
C PHE C 147 7.89 1.75 28.18
N PHE C 148 7.99 2.91 27.55
CA PHE C 148 8.94 3.10 26.48
C PHE C 148 9.64 4.43 26.69
N LYS C 149 10.75 4.59 26.00
CA LYS C 149 11.57 5.78 26.16
C LYS C 149 12.23 5.99 24.82
N ILE C 150 12.42 7.25 24.46
CA ILE C 150 12.98 7.58 23.17
C ILE C 150 14.20 8.46 23.39
N SER C 151 15.26 8.19 22.64
CA SER C 151 16.50 8.93 22.72
C SER C 151 16.82 9.56 21.37
N TYR C 152 17.28 10.80 21.38
CA TYR C 152 17.57 11.56 20.17
C TYR C 152 19.05 11.85 20.05
N LEU C 153 19.59 11.69 18.85
CA LEU C 153 20.93 12.17 18.51
C LEU C 153 20.83 13.08 17.30
N THR C 154 21.21 14.35 17.46
CA THR C 154 21.27 15.24 16.31
C THR C 154 22.56 14.99 15.55
N LEU C 155 22.49 15.05 14.22
CA LEU C 155 23.67 14.70 13.44
C LEU C 155 23.62 15.37 12.08
N LEU C 156 24.80 15.48 11.49
CA LEU C 156 24.99 15.85 10.09
C LEU C 156 25.39 14.59 9.34
N PRO C 157 24.47 13.96 8.62
CA PRO C 157 24.80 12.67 7.99
C PRO C 157 25.99 12.77 7.05
N SER C 158 26.93 11.83 7.19
CA SER C 158 28.10 11.71 6.32
C SER C 158 28.27 10.25 5.90
N ALA C 159 28.82 10.07 4.70
CA ALA C 159 29.05 8.71 4.20
C ALA C 159 30.02 7.92 5.07
N GLU C 160 30.83 8.61 5.88
CA GLU C 160 31.84 7.92 6.68
C GLU C 160 31.28 7.41 8.00
N GLU C 161 30.24 8.03 8.51
CA GLU C 161 29.87 7.91 9.92
C GLU C 161 28.61 7.08 10.06
N SER C 162 28.75 5.89 10.64
CA SER C 162 27.63 5.06 11.07
C SER C 162 27.45 5.21 12.57
N TYR C 163 26.30 4.77 13.06
CA TYR C 163 25.97 4.95 14.47
C TYR C 163 25.31 3.69 15.01
N ASP C 164 25.42 3.53 16.34
CA ASP C 164 24.72 2.49 17.06
C ASP C 164 24.00 3.11 18.24
N CYS C 165 22.75 2.74 18.45
CA CYS C 165 22.07 2.97 19.70
C CYS C 165 22.34 1.78 20.61
N LYS C 166 22.73 2.03 21.86
CA LYS C 166 23.10 0.98 22.80
C LYS C 166 22.23 1.05 24.03
N VAL C 167 21.51 -0.03 24.31
CA VAL C 167 20.57 -0.10 25.42
C VAL C 167 21.05 -1.13 26.45
N GLU C 168 21.18 -0.70 27.70
CA GLU C 168 21.52 -1.55 28.81
C GLU C 168 20.32 -1.68 29.75
N HIS C 169 19.91 -2.91 30.04
CA HIS C 169 18.75 -3.20 30.86
C HIS C 169 18.93 -4.56 31.52
N TRP C 170 18.44 -4.68 32.76
CA TRP C 170 18.58 -5.93 33.51
C TRP C 170 17.84 -7.09 32.85
N GLY C 171 16.89 -6.81 31.96
CA GLY C 171 16.17 -7.86 31.26
C GLY C 171 16.93 -8.45 30.10
N LEU C 172 18.07 -7.89 29.73
CA LEU C 172 18.85 -8.33 28.59
C LEU C 172 20.03 -9.18 29.06
N ASP C 173 20.34 -10.26 28.34
CA ASP C 173 21.49 -11.07 28.73
C ASP C 173 22.80 -10.36 28.41
N LYS C 174 22.75 -9.31 27.60
CA LYS C 174 23.92 -8.53 27.22
C LYS C 174 23.42 -7.23 26.60
N PRO C 175 24.24 -6.18 26.59
CA PRO C 175 23.76 -4.90 26.04
C PRO C 175 23.36 -5.04 24.58
N LEU C 176 22.29 -4.33 24.21
CA LEU C 176 21.67 -4.48 22.90
C LEU C 176 22.08 -3.33 22.00
N LEU C 177 22.53 -3.67 20.79
CA LEU C 177 22.94 -2.69 19.80
C LEU C 177 22.04 -2.74 18.59
N LYS C 178 21.64 -1.57 18.09
CA LYS C 178 20.90 -1.42 16.86
C LYS C 178 21.62 -0.39 16.00
N HIS C 179 21.83 -0.73 14.74
CA HIS C 179 22.70 0.01 13.86
C HIS C 179 21.91 0.91 12.92
N TRP C 180 22.54 2.04 12.53
CA TRP C 180 21.98 2.96 11.54
C TRP C 180 23.08 3.39 10.59
N GLU C 181 22.81 3.26 9.28
CA GLU C 181 23.70 3.63 8.20
C GLU C 181 23.07 4.70 7.33
N PRO C 182 23.85 5.67 6.85
CA PRO C 182 23.33 6.61 5.83
C PRO C 182 22.80 5.95 4.57
N GLU C 183 23.37 4.81 4.16
CA GLU C 183 22.92 4.08 2.95
C GLU C 183 22.79 4.97 1.72
N SER D 4 21.56 -9.84 40.11
CA SER D 4 21.05 -8.60 39.53
C SER D 4 20.27 -7.81 40.58
N PRO D 5 20.16 -6.48 40.43
CA PRO D 5 19.50 -5.69 41.47
C PRO D 5 18.02 -5.99 41.59
N GLU D 6 17.53 -5.89 42.82
CA GLU D 6 16.10 -6.02 43.14
C GLU D 6 15.40 -4.69 42.99
N ASP D 7 14.17 -4.70 42.49
CA ASP D 7 13.43 -3.47 42.30
C ASP D 7 11.95 -3.72 42.61
N PHE D 8 11.34 -2.75 43.28
CA PHE D 8 9.92 -2.77 43.59
C PHE D 8 9.31 -1.46 43.11
N VAL D 9 8.20 -1.55 42.38
CA VAL D 9 7.66 -0.43 41.64
C VAL D 9 6.19 -0.26 42.00
N TYR D 10 5.76 1.00 42.13
CA TYR D 10 4.37 1.35 42.33
C TYR D 10 3.97 2.45 41.36
N GLN D 11 2.80 2.30 40.75
CA GLN D 11 2.33 3.25 39.76
C GLN D 11 0.90 3.64 40.09
N PHE D 12 0.59 4.92 39.91
CA PHE D 12 -0.79 5.40 39.97
C PHE D 12 -1.05 6.21 38.71
N LYS D 13 -2.10 5.83 37.99
CA LYS D 13 -2.42 6.44 36.71
C LYS D 13 -3.84 7.00 36.79
N GLY D 14 -3.97 8.31 36.65
CA GLY D 14 -5.28 8.92 36.57
C GLY D 14 -5.69 9.11 35.13
N MET D 15 -6.52 8.22 34.61
CA MET D 15 -6.75 8.13 33.17
C MET D 15 -8.15 8.60 32.80
N CYS D 16 -8.23 9.44 31.77
CA CYS D 16 -9.47 10.00 31.26
C CYS D 16 -9.68 9.56 29.81
N TYR D 17 -10.87 9.05 29.51
CA TYR D 17 -11.24 8.58 28.18
C TYR D 17 -12.36 9.47 27.63
N PHE D 18 -12.12 10.05 26.47
CA PHE D 18 -13.05 10.99 25.84
C PHE D 18 -13.55 10.42 24.52
N THR D 19 -14.87 10.46 24.32
CA THR D 19 -15.46 10.00 23.08
C THR D 19 -16.54 10.98 22.62
N ASN D 20 -16.46 11.39 21.35
CA ASN D 20 -17.45 12.25 20.72
C ASN D 20 -17.54 13.58 21.45
N GLY D 21 -16.44 14.33 21.36
CA GLY D 21 -16.34 15.55 22.14
C GLY D 21 -16.33 15.23 23.62
N THR D 22 -17.26 15.82 24.38
CA THR D 22 -17.43 15.46 25.78
C THR D 22 -18.78 14.82 26.04
N GLU D 23 -19.42 14.29 25.00
CA GLU D 23 -20.61 13.48 25.20
C GLU D 23 -20.33 12.35 26.19
N ARG D 24 -19.21 11.63 26.01
CA ARG D 24 -18.87 10.50 26.85
C ARG D 24 -17.50 10.71 27.46
N VAL D 25 -17.45 10.77 28.79
CA VAL D 25 -16.22 10.95 29.54
C VAL D 25 -16.17 9.86 30.59
N ARG D 26 -14.98 9.30 30.81
CA ARG D 26 -14.86 8.19 31.76
C ARG D 26 -13.52 8.28 32.46
N LEU D 27 -13.54 8.20 33.79
CA LEU D 27 -12.32 8.20 34.59
C LEU D 27 -12.02 6.78 35.07
N VAL D 28 -10.79 6.35 34.89
CA VAL D 28 -10.31 5.10 35.45
C VAL D 28 -8.97 5.39 36.11
N SER D 29 -8.94 5.37 37.44
CA SER D 29 -7.74 5.58 38.20
C SER D 29 -7.19 4.23 38.62
N ARG D 30 -5.94 3.96 38.25
CA ARG D 30 -5.37 2.63 38.39
C ARG D 30 -4.23 2.69 39.39
N SER D 31 -4.26 1.77 40.35
CA SER D 31 -3.16 1.55 41.28
C SER D 31 -2.46 0.26 40.89
N ILE D 32 -1.17 0.35 40.61
CA ILE D 32 -0.40 -0.75 40.05
C ILE D 32 0.78 -1.05 40.96
N TYR D 33 0.96 -2.34 41.29
CA TYR D 33 2.14 -2.81 41.99
C TYR D 33 2.98 -3.61 41.01
N ASN D 34 4.21 -3.16 40.78
CA ASN D 34 5.04 -3.66 39.69
C ASN D 34 4.30 -3.47 38.37
N ARG D 35 3.72 -4.53 37.79
CA ARG D 35 2.96 -4.40 36.56
C ARG D 35 1.55 -4.96 36.71
N GLU D 36 1.15 -5.31 37.91
CA GLU D 36 -0.16 -5.87 38.20
C GLU D 36 -1.04 -4.75 38.73
N GLU D 37 -2.13 -4.47 38.01
CA GLU D 37 -3.11 -3.50 38.50
C GLU D 37 -3.89 -4.14 39.64
N ILE D 38 -3.84 -3.54 40.83
CA ILE D 38 -4.39 -4.20 42.01
C ILE D 38 -5.75 -3.62 42.40
N VAL D 39 -5.97 -2.34 42.14
CA VAL D 39 -7.25 -1.73 42.49
C VAL D 39 -7.46 -0.53 41.58
N ARG D 40 -8.72 -0.31 41.20
CA ARG D 40 -9.05 0.78 40.31
C ARG D 40 -10.35 1.44 40.76
N PHE D 41 -10.45 2.74 40.49
CA PHE D 41 -11.70 3.48 40.57
C PHE D 41 -12.15 3.77 39.14
N ASP D 42 -13.33 3.24 38.80
CA ASP D 42 -13.94 3.43 37.49
C ASP D 42 -15.19 4.27 37.65
N SER D 43 -15.22 5.44 37.02
CA SER D 43 -16.35 6.33 37.21
C SER D 43 -17.66 5.71 36.76
N ASP D 44 -17.63 4.72 35.85
CA ASP D 44 -18.87 4.05 35.50
C ASP D 44 -19.37 3.15 36.61
N VAL D 45 -18.49 2.76 37.53
CA VAL D 45 -18.91 1.97 38.70
C VAL D 45 -19.23 2.88 39.87
N GLY D 46 -18.42 3.91 40.11
CA GLY D 46 -18.68 4.84 41.18
C GLY D 46 -18.05 4.49 42.51
N GLU D 47 -17.30 3.39 42.58
CA GLU D 47 -16.62 2.99 43.82
C GLU D 47 -15.41 2.16 43.44
N PHE D 48 -14.51 2.00 44.40
CA PHE D 48 -13.31 1.20 44.16
C PHE D 48 -13.65 -0.26 44.01
N ARG D 49 -12.82 -0.96 43.23
CA ARG D 49 -12.93 -2.40 43.05
C ARG D 49 -11.52 -2.98 43.07
N ALA D 50 -11.36 -4.10 43.77
CA ALA D 50 -10.09 -4.80 43.75
C ALA D 50 -9.98 -5.57 42.44
N VAL D 51 -8.89 -5.34 41.71
CA VAL D 51 -8.62 -6.08 40.49
C VAL D 51 -7.95 -7.41 40.82
N THR D 52 -7.08 -7.42 41.83
CA THR D 52 -6.44 -8.64 42.31
C THR D 52 -6.52 -8.69 43.83
N LEU D 53 -6.11 -9.84 44.37
CA LEU D 53 -6.17 -10.07 45.79
C LEU D 53 -5.38 -9.02 46.57
N LEU D 54 -4.22 -8.60 46.03
CA LEU D 54 -3.39 -7.62 46.71
C LEU D 54 -4.09 -6.27 46.87
N GLY D 55 -5.12 -5.99 46.06
CA GLY D 55 -5.83 -4.75 46.14
C GLY D 55 -7.05 -4.74 47.02
N LEU D 56 -7.39 -5.88 47.62
CA LEU D 56 -8.60 -5.95 48.43
C LEU D 56 -8.56 -5.06 49.67
N PRO D 57 -7.47 -4.98 50.45
CA PRO D 57 -7.47 -4.04 51.58
C PRO D 57 -7.68 -2.60 51.18
N ALA D 58 -7.06 -2.15 50.10
CA ALA D 58 -7.23 -0.76 49.69
C ALA D 58 -8.66 -0.47 49.29
N ALA D 59 -9.27 -1.34 48.48
CA ALA D 59 -10.64 -1.12 48.04
C ALA D 59 -11.58 -1.05 49.24
N GLU D 60 -11.41 -1.97 50.20
CA GLU D 60 -12.27 -1.97 51.37
C GLU D 60 -12.05 -0.69 52.18
N TYR D 61 -10.79 -0.29 52.34
CA TYR D 61 -10.52 0.91 53.12
C TYR D 61 -11.07 2.15 52.42
N TRP D 62 -10.71 2.33 51.15
CA TRP D 62 -11.10 3.56 50.45
C TRP D 62 -12.60 3.64 50.27
N ASN D 63 -13.27 2.51 50.03
CA ASN D 63 -14.71 2.57 49.92
C ASN D 63 -15.41 2.91 51.24
N SER D 64 -14.70 2.83 52.37
CA SER D 64 -15.29 3.20 53.64
C SER D 64 -15.08 4.67 53.99
N GLN D 65 -14.27 5.40 53.22
CA GLN D 65 -13.97 6.81 53.47
C GLN D 65 -14.83 7.67 52.54
N LYS D 66 -15.88 8.29 53.09
CA LYS D 66 -16.81 9.03 52.24
C LYS D 66 -16.12 10.20 51.56
N ASP D 67 -15.19 10.86 52.25
CA ASP D 67 -14.52 12.02 51.66
C ASP D 67 -13.66 11.62 50.47
N ILE D 68 -13.00 10.45 50.54
CA ILE D 68 -12.25 9.97 49.37
C ILE D 68 -13.21 9.63 48.24
N LEU D 69 -14.29 8.92 48.55
CA LEU D 69 -15.22 8.49 47.52
C LEU D 69 -15.81 9.68 46.77
N GLU D 70 -16.16 10.75 47.48
CA GLU D 70 -16.73 11.93 46.83
CA GLU D 70 -16.74 11.89 46.79
C GLU D 70 -15.71 12.62 45.94
N ARG D 71 -14.44 12.63 46.35
CA ARG D 71 -13.42 13.24 45.51
C ARG D 71 -13.21 12.44 44.23
N LYS D 72 -13.31 11.12 44.33
CA LYS D 72 -13.14 10.28 43.15
C LYS D 72 -14.30 10.49 42.17
N ARG D 73 -15.53 10.55 42.69
CA ARG D 73 -16.67 10.77 41.81
C ARG D 73 -16.66 12.17 41.19
N ALA D 74 -16.09 13.14 41.91
CA ALA D 74 -16.02 14.49 41.38
C ALA D 74 -14.87 14.65 40.39
N ALA D 75 -13.95 13.69 40.36
CA ALA D 75 -12.77 13.84 39.51
C ALA D 75 -13.14 13.88 38.03
N VAL D 76 -14.19 13.16 37.63
CA VAL D 76 -14.59 13.16 36.22
C VAL D 76 -14.89 14.57 35.73
N ASP D 77 -15.39 15.45 36.61
CA ASP D 77 -15.59 16.85 36.23
C ASP D 77 -14.38 17.72 36.57
N ARG D 78 -13.85 17.60 37.79
CA ARG D 78 -12.72 18.43 38.20
C ARG D 78 -11.46 18.13 37.38
N VAL D 79 -11.26 16.88 36.97
CA VAL D 79 -10.03 16.55 36.28
C VAL D 79 -10.28 16.40 34.79
N CYS D 80 -11.04 15.37 34.39
CA CYS D 80 -11.17 15.04 32.98
C CYS D 80 -11.83 16.17 32.19
N ARG D 81 -13.06 16.55 32.57
CA ARG D 81 -13.77 17.56 31.77
C ARG D 81 -13.07 18.90 31.84
N HIS D 82 -12.54 19.26 33.02
CA HIS D 82 -11.85 20.53 33.14
C HIS D 82 -10.61 20.57 32.25
N ASN D 83 -9.81 19.50 32.25
CA ASN D 83 -8.59 19.52 31.45
C ASN D 83 -8.90 19.45 29.97
N TYR D 84 -9.97 18.77 29.59
CA TYR D 84 -10.35 18.68 28.18
C TYR D 84 -10.59 20.05 27.59
N GLN D 85 -11.11 21.00 28.40
CA GLN D 85 -11.28 22.37 27.92
C GLN D 85 -9.94 23.01 27.61
N LEU D 86 -8.89 22.64 28.34
CA LEU D 86 -7.57 23.12 27.99
C LEU D 86 -7.03 22.42 26.74
N GLU D 87 -7.33 21.12 26.57
CA GLU D 87 -6.90 20.44 25.36
C GLU D 87 -7.55 21.07 24.12
N LEU D 88 -8.82 21.48 24.25
CA LEU D 88 -9.53 22.04 23.11
C LEU D 88 -8.87 23.30 22.58
N ARG D 89 -8.18 24.04 23.43
CA ARG D 89 -7.50 25.25 23.00
C ARG D 89 -6.06 25.02 22.56
N THR D 90 -5.53 23.81 22.73
CA THR D 90 -4.10 23.59 22.50
C THR D 90 -3.83 22.32 21.71
N THR D 91 -3.76 21.17 22.40
CA THR D 91 -3.35 19.95 21.73
C THR D 91 -4.32 19.54 20.63
N LEU D 92 -5.61 19.76 20.85
CA LEU D 92 -6.59 19.41 19.83
C LEU D 92 -6.64 20.41 18.68
N GLN D 93 -5.94 21.54 18.80
CA GLN D 93 -5.75 22.48 17.69
C GLN D 93 -4.44 22.26 16.95
N ARG D 94 -3.56 21.40 17.46
CA ARG D 94 -2.25 21.20 16.87
C ARG D 94 -2.39 20.55 15.49
N ARG D 95 -1.88 21.22 14.46
CA ARG D 95 -1.91 20.74 13.08
C ARG D 95 -0.52 20.91 12.49
N VAL D 96 0.13 19.80 12.16
CA VAL D 96 1.42 19.84 11.48
C VAL D 96 1.26 19.12 10.15
N GLU D 97 1.48 19.85 9.07
CA GLU D 97 1.25 19.27 7.76
C GLU D 97 2.39 18.33 7.40
N PRO D 98 2.07 17.16 6.83
CA PRO D 98 3.12 16.18 6.53
C PRO D 98 4.02 16.67 5.42
N THR D 99 5.30 16.36 5.55
CA THR D 99 6.27 16.55 4.48
C THR D 99 6.36 15.25 3.70
N VAL D 100 6.16 15.32 2.38
CA VAL D 100 6.05 14.13 1.55
C VAL D 100 7.23 14.12 0.58
N THR D 101 7.99 13.04 0.60
CA THR D 101 9.18 12.88 -0.22
C THR D 101 9.16 11.49 -0.86
N ILE D 102 9.69 11.42 -2.08
CA ILE D 102 9.87 10.15 -2.79
C ILE D 102 11.34 9.99 -3.10
N SER D 103 11.86 8.79 -2.90
CA SER D 103 13.20 8.46 -3.36
C SER D 103 13.29 6.96 -3.60
N PRO D 104 14.08 6.53 -4.57
CA PRO D 104 14.27 5.10 -4.80
C PRO D 104 15.14 4.48 -3.72
N SER D 105 15.05 3.15 -3.61
CA SER D 105 15.85 2.39 -2.65
C SER D 105 16.27 1.07 -3.27
N ASN D 114 13.53 -3.23 -7.61
CA ASN D 114 13.76 -1.93 -7.00
C ASN D 114 12.46 -1.29 -6.50
N LEU D 115 12.62 -0.45 -5.47
CA LEU D 115 11.51 0.08 -4.70
C LEU D 115 11.48 1.59 -4.74
N LEU D 116 10.28 2.15 -4.65
CA LEU D 116 10.07 3.58 -4.46
C LEU D 116 9.58 3.79 -3.04
N VAL D 117 10.17 4.73 -2.32
CA VAL D 117 9.81 4.96 -0.94
C VAL D 117 9.15 6.34 -0.84
N CYS D 118 7.90 6.36 -0.41
CA CYS D 118 7.22 7.60 -0.10
C CYS D 118 7.33 7.84 1.41
N SER D 119 8.12 8.84 1.78
CA SER D 119 8.31 9.22 3.17
C SER D 119 7.35 10.34 3.53
N VAL D 120 6.46 10.07 4.49
CA VAL D 120 5.50 11.03 4.99
C VAL D 120 5.94 11.33 6.42
N THR D 121 6.59 12.48 6.62
CA THR D 121 7.27 12.75 7.87
C THR D 121 6.73 13.99 8.58
N ASP D 122 6.80 13.94 9.93
CA ASP D 122 6.53 15.08 10.81
C ASP D 122 5.11 15.61 10.62
N PHE D 123 4.12 14.82 11.00
CA PHE D 123 2.75 15.29 10.94
C PHE D 123 2.04 15.07 12.27
N TYR D 124 1.02 15.89 12.52
CA TYR D 124 0.19 15.75 13.69
C TYR D 124 -1.17 16.34 13.35
N PRO D 125 -2.28 15.67 13.68
CA PRO D 125 -2.33 14.43 14.44
C PRO D 125 -2.12 13.17 13.62
N ALA D 126 -2.49 12.03 14.20
CA ALA D 126 -2.05 10.72 13.69
C ALA D 126 -2.83 10.23 12.48
N GLN D 127 -4.07 10.66 12.33
CA GLN D 127 -4.90 10.17 11.23
C GLN D 127 -4.24 10.51 9.90
N ILE D 128 -4.06 9.50 9.05
CA ILE D 128 -3.38 9.67 7.78
C ILE D 128 -3.82 8.57 6.81
N LYS D 129 -3.85 8.90 5.53
CA LYS D 129 -4.09 7.95 4.46
C LYS D 129 -3.04 8.21 3.39
N VAL D 130 -2.31 7.14 2.99
CA VAL D 130 -1.25 7.23 1.98
C VAL D 130 -1.52 6.20 0.89
N ARG D 131 -1.40 6.63 -0.38
CA ARG D 131 -1.72 5.78 -1.50
C ARG D 131 -0.72 5.99 -2.63
N TRP D 132 -0.44 4.92 -3.37
CA TRP D 132 0.43 4.95 -4.53
C TRP D 132 -0.41 4.86 -5.81
N PHE D 133 -0.02 5.66 -6.81
CA PHE D 133 -0.60 5.61 -8.14
C PHE D 133 0.49 5.40 -9.19
N ARG D 134 0.19 4.57 -10.18
CA ARG D 134 1.02 4.40 -11.38
C ARG D 134 0.18 4.86 -12.57
N ASN D 135 0.55 6.00 -13.16
CA ASN D 135 -0.21 6.59 -14.27
C ASN D 135 -1.68 6.77 -13.90
N ASP D 136 -1.90 7.33 -12.71
CA ASP D 136 -3.24 7.64 -12.22
C ASP D 136 -4.12 6.40 -12.03
N GLN D 137 -3.52 5.21 -12.03
CA GLN D 137 -4.18 4.00 -11.56
C GLN D 137 -3.66 3.66 -10.18
N GLU D 138 -4.56 3.41 -9.23
CA GLU D 138 -4.16 3.17 -7.86
C GLU D 138 -3.48 1.82 -7.72
N GLU D 139 -2.30 1.81 -7.07
CA GLU D 139 -1.50 0.60 -6.92
C GLU D 139 -1.73 -0.05 -5.56
N THR D 140 -2.09 -1.32 -5.54
CA THR D 140 -2.17 -2.06 -4.29
C THR D 140 -1.27 -3.29 -4.21
N ALA D 141 -0.82 -3.85 -5.33
CA ALA D 141 0.12 -4.97 -5.29
C ALA D 141 1.55 -4.49 -5.02
N GLY D 142 2.32 -5.34 -4.35
CA GLY D 142 3.70 -4.99 -4.04
C GLY D 142 3.86 -3.73 -3.20
N VAL D 143 3.00 -3.54 -2.20
CA VAL D 143 3.07 -2.38 -1.33
C VAL D 143 3.40 -2.83 0.08
N VAL D 144 4.37 -2.18 0.71
CA VAL D 144 4.71 -2.42 2.10
C VAL D 144 4.59 -1.11 2.85
N SER D 145 3.80 -1.12 3.91
CA SER D 145 3.55 0.06 4.73
C SER D 145 4.18 -0.17 6.10
N THR D 146 4.92 0.79 6.59
CA THR D 146 5.32 0.73 7.98
C THR D 146 4.10 0.98 8.86
N PRO D 147 4.13 0.55 10.12
CA PRO D 147 3.16 1.06 11.08
C PRO D 147 3.35 2.57 11.24
N LEU D 148 2.32 3.21 11.78
CA LEU D 148 2.47 4.61 12.15
C LEU D 148 3.58 4.73 13.18
N ILE D 149 4.53 5.61 12.92
CA ILE D 149 5.72 5.73 13.75
C ILE D 149 5.60 7.00 14.60
N ARG D 150 5.66 6.84 15.92
CA ARG D 150 5.61 7.93 16.89
C ARG D 150 7.03 8.41 17.18
N ASN D 151 7.33 9.67 16.86
CA ASN D 151 8.68 10.20 17.05
C ASN D 151 8.94 10.67 18.48
N GLY D 152 7.90 10.80 19.31
CA GLY D 152 8.06 11.24 20.69
C GLY D 152 8.01 12.74 20.89
N ASP D 153 8.17 13.53 19.82
CA ASP D 153 8.15 14.98 19.90
C ASP D 153 6.84 15.57 19.39
N TRP D 154 5.73 14.84 19.56
CA TRP D 154 4.42 15.24 19.06
C TRP D 154 4.38 15.33 17.54
N THR D 155 5.11 14.45 16.85
CA THR D 155 4.93 14.25 15.42
C THR D 155 5.01 12.75 15.13
N PHE D 156 4.37 12.36 14.03
CA PHE D 156 4.41 11.01 13.53
C PHE D 156 5.09 11.00 12.17
N GLN D 157 5.44 9.79 11.72
CA GLN D 157 5.85 9.57 10.35
C GLN D 157 5.33 8.21 9.91
N ILE D 158 5.37 8.00 8.59
CA ILE D 158 5.05 6.70 8.00
C ILE D 158 5.75 6.61 6.66
N LEU D 159 6.22 5.41 6.32
CA LEU D 159 6.87 5.16 5.04
C LEU D 159 6.07 4.09 4.30
N VAL D 160 5.82 4.33 3.02
CA VAL D 160 5.09 3.41 2.16
C VAL D 160 5.97 3.10 0.96
N MET D 161 6.32 1.83 0.79
CA MET D 161 7.20 1.36 -0.27
C MET D 161 6.38 0.74 -1.39
N LEU D 162 6.81 0.98 -2.64
CA LEU D 162 6.17 0.40 -3.82
C LEU D 162 7.21 -0.31 -4.67
N GLU D 163 6.97 -1.59 -4.94
CA GLU D 163 7.78 -2.34 -5.88
C GLU D 163 7.40 -1.94 -7.30
N MET D 164 8.40 -1.64 -8.13
CA MET D 164 8.15 -1.03 -9.43
C MET D 164 9.12 -1.56 -10.49
N THR D 165 8.67 -1.53 -11.73
CA THR D 165 9.51 -1.77 -12.91
C THR D 165 9.17 -0.67 -13.91
N PRO D 166 9.85 0.48 -13.83
CA PRO D 166 9.37 1.66 -14.56
C PRO D 166 9.63 1.56 -16.05
N GLN D 167 8.64 1.98 -16.82
CA GLN D 167 8.70 2.07 -18.27
C GLN D 167 8.91 3.52 -18.68
N ARG D 168 9.17 3.71 -19.97
CA ARG D 168 9.31 5.06 -20.50
C ARG D 168 8.00 5.82 -20.34
N GLY D 169 8.07 7.01 -19.76
CA GLY D 169 6.90 7.84 -19.55
C GLY D 169 6.13 7.59 -18.27
N ASP D 170 6.46 6.55 -17.50
CA ASP D 170 5.70 6.25 -16.29
C ASP D 170 5.85 7.33 -15.25
N VAL D 171 4.72 7.71 -14.62
CA VAL D 171 4.71 8.67 -13.54
C VAL D 171 4.14 7.99 -12.31
N TYR D 172 4.90 8.03 -11.22
CA TYR D 172 4.48 7.45 -9.95
C TYR D 172 4.10 8.58 -8.99
N THR D 173 2.90 8.50 -8.42
CA THR D 173 2.41 9.54 -7.55
C THR D 173 2.11 8.96 -6.17
N CYS D 174 2.64 9.60 -5.15
CA CYS D 174 2.30 9.34 -3.77
C CYS D 174 1.23 10.32 -3.34
N HIS D 175 0.10 9.82 -2.82
CA HIS D 175 -1.10 10.61 -2.53
C HIS D 175 -1.35 10.58 -1.02
N VAL D 176 -1.36 11.76 -0.39
CA VAL D 176 -1.41 11.83 1.07
C VAL D 176 -2.58 12.71 1.52
N GLU D 177 -3.46 12.12 2.32
CA GLU D 177 -4.64 12.75 2.90
C GLU D 177 -4.47 12.85 4.41
N HIS D 178 -4.67 14.05 4.96
CA HIS D 178 -4.38 14.34 6.36
C HIS D 178 -5.26 15.49 6.83
N PRO D 179 -5.69 15.50 8.11
CA PRO D 179 -6.64 16.54 8.57
C PRO D 179 -6.10 17.96 8.53
N SER D 180 -4.79 18.14 8.51
CA SER D 180 -4.21 19.47 8.49
C SER D 180 -4.25 20.12 7.12
N LEU D 181 -4.64 19.38 6.09
CA LEU D 181 -4.53 19.83 4.70
C LEU D 181 -5.89 20.27 4.18
N GLN D 182 -5.89 21.33 3.38
CA GLN D 182 -7.12 21.75 2.73
CA GLN D 182 -7.13 21.73 2.74
C GLN D 182 -7.52 20.78 1.61
N SER D 183 -6.55 20.09 1.01
CA SER D 183 -6.77 19.02 0.06
C SER D 183 -5.53 18.13 0.03
N PRO D 184 -5.63 16.88 -0.44
CA PRO D 184 -4.48 15.97 -0.36
C PRO D 184 -3.26 16.47 -1.11
N ILE D 185 -2.09 16.10 -0.60
CA ILE D 185 -0.81 16.35 -1.25
C ILE D 185 -0.52 15.23 -2.24
N THR D 186 -0.01 15.59 -3.41
CA THR D 186 0.51 14.61 -4.35
C THR D 186 1.95 14.95 -4.69
N VAL D 187 2.77 13.92 -4.79
CA VAL D 187 4.17 14.06 -5.19
C VAL D 187 4.43 13.04 -6.28
N GLU D 188 5.03 13.48 -7.38
CA GLU D 188 5.27 12.65 -8.54
C GLU D 188 6.74 12.28 -8.61
N TRP D 189 7.01 11.20 -9.32
CA TRP D 189 8.38 10.75 -9.53
C TRP D 189 8.47 10.07 -10.89
N ARG D 190 9.48 10.45 -11.68
CA ARG D 190 9.74 9.86 -12.98
C ARG D 190 11.18 9.37 -13.05
N ALA D 191 11.37 8.22 -13.69
CA ALA D 191 12.73 7.74 -13.97
C ALA D 191 13.39 8.66 -14.99
N GLN E 1 19.72 -16.45 -58.18
CA GLN E 1 18.62 -17.33 -57.82
C GLN E 1 18.95 -18.79 -58.11
N VAL E 2 18.41 -19.67 -57.26
CA VAL E 2 18.70 -21.09 -57.36
C VAL E 2 18.13 -21.67 -58.65
N GLN E 3 18.71 -22.78 -59.09
CA GLN E 3 18.17 -23.55 -60.20
C GLN E 3 17.89 -24.98 -59.74
N LEU E 4 16.75 -25.51 -60.16
CA LEU E 4 16.38 -26.89 -59.89
C LEU E 4 16.44 -27.67 -61.20
N VAL E 5 17.25 -28.73 -61.21
CA VAL E 5 17.43 -29.57 -62.39
C VAL E 5 17.08 -31.00 -62.01
N GLN E 6 16.10 -31.57 -62.69
CA GLN E 6 15.54 -32.88 -62.38
C GLN E 6 16.20 -33.96 -63.23
N SER E 7 15.99 -35.20 -62.81
CA SER E 7 16.49 -36.33 -63.56
C SER E 7 15.65 -36.57 -64.82
N GLY E 8 16.19 -37.37 -65.74
CA GLY E 8 15.61 -37.51 -67.07
C GLY E 8 14.36 -38.37 -67.10
N ALA E 9 13.74 -38.41 -68.28
CA ALA E 9 12.50 -39.13 -68.49
C ALA E 9 12.64 -40.61 -68.15
N GLU E 10 11.54 -41.20 -67.67
CA GLU E 10 11.54 -42.58 -67.23
C GLU E 10 10.41 -43.36 -67.86
N VAL E 11 10.66 -44.63 -68.17
CA VAL E 11 9.64 -45.57 -68.63
C VAL E 11 9.65 -46.74 -67.67
N LYS E 12 8.50 -47.03 -67.06
CA LYS E 12 8.43 -48.00 -65.99
C LYS E 12 7.32 -49.01 -66.25
N LYS E 13 7.56 -50.25 -65.84
CA LYS E 13 6.55 -51.27 -66.04
C LYS E 13 5.52 -51.20 -64.92
N PRO E 14 4.28 -51.59 -65.18
CA PRO E 14 3.27 -51.59 -64.12
C PRO E 14 3.73 -52.42 -62.93
N GLY E 15 3.61 -51.85 -61.73
CA GLY E 15 4.02 -52.53 -60.52
C GLY E 15 5.43 -52.20 -60.04
N SER E 16 6.24 -51.53 -60.85
CA SER E 16 7.60 -51.20 -60.46
C SER E 16 7.62 -49.90 -59.66
N SER E 17 8.82 -49.40 -59.35
CA SER E 17 9.00 -48.15 -58.62
C SER E 17 9.96 -47.23 -59.36
N VAL E 18 9.75 -45.93 -59.19
CA VAL E 18 10.61 -44.90 -59.78
C VAL E 18 11.02 -43.92 -58.70
N LYS E 19 12.23 -43.40 -58.82
CA LYS E 19 12.76 -42.41 -57.90
C LYS E 19 13.32 -41.25 -58.73
N VAL E 20 12.61 -40.13 -58.71
CA VAL E 20 13.00 -38.93 -59.47
C VAL E 20 13.78 -38.03 -58.53
N SER E 21 14.85 -37.44 -59.04
CA SER E 21 15.71 -36.57 -58.23
C SER E 21 15.58 -35.12 -58.68
N CYS E 22 16.03 -34.24 -57.79
CA CYS E 22 15.97 -32.80 -58.03
C CYS E 22 17.15 -32.15 -57.32
N LYS E 23 18.08 -31.59 -58.10
CA LYS E 23 19.31 -31.04 -57.54
C LYS E 23 19.32 -29.52 -57.66
N ALA E 24 19.64 -28.85 -56.55
CA ALA E 24 19.67 -27.39 -56.49
C ALA E 24 21.09 -26.90 -56.68
N SER E 25 21.25 -25.80 -57.43
CA SER E 25 22.56 -25.21 -57.63
C SER E 25 22.45 -23.69 -57.76
N GLY E 26 23.49 -22.99 -57.31
CA GLY E 26 23.62 -21.55 -57.47
C GLY E 26 22.63 -20.66 -56.74
N GLY E 27 22.21 -21.03 -55.54
CA GLY E 27 21.27 -20.22 -54.78
C GLY E 27 21.93 -19.37 -53.71
N THR E 28 21.13 -18.49 -53.13
CA THR E 28 21.55 -17.62 -52.03
C THR E 28 21.21 -18.34 -50.72
N VAL E 29 21.28 -17.65 -49.57
CA VAL E 29 20.92 -18.30 -48.31
C VAL E 29 19.47 -18.75 -48.30
N ARG E 30 18.64 -18.19 -49.18
CA ARG E 30 17.25 -18.65 -49.25
C ARG E 30 17.18 -20.13 -49.57
N SER E 31 18.04 -20.61 -50.47
CA SER E 31 17.97 -22.02 -50.81
C SER E 31 18.36 -22.92 -49.64
N ARG E 32 19.04 -22.40 -48.63
CA ARG E 32 19.36 -23.29 -47.51
CA ARG E 32 19.38 -23.23 -47.47
C ARG E 32 18.20 -23.45 -46.53
N VAL E 33 17.15 -22.62 -46.62
CA VAL E 33 16.00 -22.74 -45.74
C VAL E 33 14.70 -22.96 -46.49
N HIS E 34 14.74 -23.23 -47.79
CA HIS E 34 13.49 -23.32 -48.53
C HIS E 34 12.87 -24.71 -48.38
N ALA E 35 11.60 -24.80 -48.78
CA ALA E 35 10.85 -26.05 -48.74
C ALA E 35 10.69 -26.57 -50.16
N ILE E 36 11.00 -27.84 -50.35
CA ILE E 36 10.83 -28.49 -51.65
C ILE E 36 9.45 -29.12 -51.70
N SER E 37 8.74 -28.91 -52.82
CA SER E 37 7.45 -29.55 -53.09
C SER E 37 7.58 -30.42 -54.33
N TRP E 38 6.73 -31.45 -54.40
CA TRP E 38 6.57 -32.27 -55.59
C TRP E 38 5.14 -32.14 -56.09
N VAL E 39 5.01 -31.78 -57.36
CA VAL E 39 3.73 -31.53 -57.99
C VAL E 39 3.64 -32.41 -59.23
N ARG E 40 2.54 -33.11 -59.38
CA ARG E 40 2.38 -33.91 -60.58
C ARG E 40 1.29 -33.32 -61.48
N GLN E 41 1.42 -33.59 -62.77
CA GLN E 41 0.47 -33.11 -63.77
C GLN E 41 0.23 -34.24 -64.76
N ALA E 42 -0.94 -34.85 -64.68
CA ALA E 42 -1.31 -35.90 -65.61
C ALA E 42 -1.65 -35.29 -66.96
N PRO E 43 -1.54 -36.07 -68.05
CA PRO E 43 -1.76 -35.50 -69.39
C PRO E 43 -3.09 -34.79 -69.51
N GLY E 44 -3.06 -33.50 -69.82
CA GLY E 44 -4.28 -32.76 -69.96
C GLY E 44 -4.94 -32.32 -68.67
N GLN E 45 -4.29 -32.51 -67.52
CA GLN E 45 -4.92 -32.24 -66.22
C GLN E 45 -4.27 -31.03 -65.56
N GLY E 46 -4.75 -30.69 -64.37
CA GLY E 46 -4.21 -29.57 -63.63
C GLY E 46 -3.06 -29.98 -62.75
N LEU E 47 -2.49 -29.00 -62.07
CA LEU E 47 -1.39 -29.24 -61.13
C LEU E 47 -1.94 -29.89 -59.87
N GLU E 48 -1.16 -30.82 -59.30
CA GLU E 48 -1.62 -31.59 -58.16
C GLU E 48 -0.46 -31.72 -57.18
N TRP E 49 -0.58 -31.09 -56.01
CA TRP E 49 0.46 -31.12 -54.98
C TRP E 49 0.52 -32.51 -54.34
N MET E 50 1.72 -33.09 -54.28
CA MET E 50 1.89 -34.43 -53.73
C MET E 50 2.41 -34.42 -52.30
N GLY E 51 3.37 -33.58 -52.02
CA GLY E 51 3.98 -33.51 -50.71
C GLY E 51 5.24 -32.69 -50.79
N GLY E 52 5.93 -32.62 -49.66
CA GLY E 52 7.12 -31.79 -49.61
C GLY E 52 7.97 -32.11 -48.41
N ILE E 53 9.13 -31.46 -48.36
CA ILE E 53 10.07 -31.62 -47.25
C ILE E 53 10.98 -30.39 -47.23
N ILE E 54 11.39 -29.99 -46.03
CA ILE E 54 12.45 -29.01 -45.86
C ILE E 54 13.77 -29.76 -45.70
N PRO E 55 14.71 -29.63 -46.62
CA PRO E 55 15.94 -30.42 -46.53
C PRO E 55 16.74 -30.17 -45.26
N ILE E 56 16.73 -28.95 -44.73
CA ILE E 56 17.56 -28.64 -43.58
C ILE E 56 16.99 -29.17 -42.26
N PHE E 57 15.70 -29.51 -42.22
CA PHE E 57 15.07 -29.82 -40.94
C PHE E 57 13.78 -30.61 -41.12
N GLY E 58 13.57 -31.58 -40.24
CA GLY E 58 12.27 -32.19 -40.08
C GLY E 58 11.89 -33.25 -41.10
N THR E 59 10.64 -33.68 -40.99
CA THR E 59 10.10 -34.77 -41.77
C THR E 59 9.26 -34.25 -42.94
N ALA E 60 8.82 -35.20 -43.78
CA ALA E 60 8.11 -34.86 -45.00
C ALA E 60 6.61 -34.73 -44.76
N ASN E 61 5.99 -33.94 -45.63
CA ASN E 61 4.56 -33.69 -45.72
C ASN E 61 3.99 -34.45 -46.90
N TYR E 62 2.73 -34.87 -46.82
CA TYR E 62 2.10 -35.60 -47.92
C TYR E 62 0.64 -35.22 -48.04
N ALA E 63 0.14 -35.28 -49.28
CA ALA E 63 -1.29 -35.21 -49.52
C ALA E 63 -1.94 -36.57 -49.28
N GLN E 64 -3.23 -36.55 -48.93
CA GLN E 64 -3.95 -37.81 -48.68
C GLN E 64 -3.90 -38.74 -49.87
N LYS E 65 -4.14 -38.21 -51.08
CA LYS E 65 -4.22 -39.06 -52.26
C LYS E 65 -2.94 -39.84 -52.49
N PHE E 66 -1.80 -39.30 -52.07
CA PHE E 66 -0.50 -39.91 -52.33
C PHE E 66 0.10 -40.54 -51.08
N GLN E 67 -0.58 -40.42 -49.94
CA GLN E 67 -0.14 -41.02 -48.68
C GLN E 67 0.17 -42.50 -48.84
N GLY E 68 1.33 -42.91 -48.32
CA GLY E 68 1.69 -44.31 -48.24
C GLY E 68 2.22 -44.91 -49.52
N ARG E 69 2.06 -44.23 -50.66
CA ARG E 69 2.55 -44.72 -51.93
C ARG E 69 3.70 -43.89 -52.50
N VAL E 70 3.86 -42.64 -52.05
CA VAL E 70 4.99 -41.79 -52.40
C VAL E 70 5.86 -41.59 -51.16
N THR E 71 7.17 -41.50 -51.37
CA THR E 71 8.13 -41.19 -50.31
C THR E 71 9.01 -40.04 -50.76
N ILE E 72 9.08 -38.99 -49.95
CA ILE E 72 9.83 -37.78 -50.25
C ILE E 72 10.97 -37.68 -49.26
N THR E 73 12.19 -37.57 -49.79
CA THR E 73 13.41 -37.52 -49.00
C THR E 73 14.28 -36.41 -49.53
N ALA E 74 15.32 -36.08 -48.76
CA ALA E 74 16.25 -35.06 -49.20
C ALA E 74 17.60 -35.34 -48.58
N ASP E 75 18.64 -34.83 -49.23
CA ASP E 75 20.03 -34.98 -48.79
C ASP E 75 20.69 -33.61 -48.85
N GLU E 76 20.85 -32.95 -47.69
CA GLU E 76 21.46 -31.63 -47.67
C GLU E 76 22.84 -31.67 -48.30
N SER E 77 23.60 -32.73 -48.02
CA SER E 77 25.00 -32.77 -48.40
C SER E 77 25.21 -32.83 -49.91
N THR E 78 24.21 -33.27 -50.68
CA THR E 78 24.33 -33.29 -52.13
C THR E 78 23.37 -32.32 -52.80
N SER E 79 22.69 -31.47 -52.02
CA SER E 79 21.74 -30.49 -52.53
C SER E 79 20.73 -31.13 -53.47
N THR E 80 20.26 -32.32 -53.09
CA THR E 80 19.35 -33.09 -53.92
C THR E 80 18.16 -33.56 -53.11
N ALA E 81 16.96 -33.39 -53.66
CA ALA E 81 15.73 -33.89 -53.08
C ALA E 81 15.17 -35.00 -53.96
N TYR E 82 14.42 -35.92 -53.36
CA TYR E 82 13.98 -37.10 -54.09
C TYR E 82 12.50 -37.38 -53.86
N MET E 83 11.90 -38.03 -54.85
CA MET E 83 10.52 -38.47 -54.79
C MET E 83 10.46 -39.89 -55.34
N GLU E 84 10.03 -40.84 -54.51
CA GLU E 84 9.96 -42.24 -54.91
C GLU E 84 8.50 -42.67 -54.93
N LEU E 85 8.05 -43.17 -56.07
CA LEU E 85 6.68 -43.64 -56.25
C LEU E 85 6.71 -45.13 -56.56
N SER E 86 6.00 -45.92 -55.75
CA SER E 86 6.03 -47.39 -55.87
C SER E 86 4.69 -47.92 -56.38
N SER E 87 4.67 -49.22 -56.68
CA SER E 87 3.49 -49.90 -57.24
C SER E 87 2.86 -49.08 -58.37
N LEU E 88 3.67 -48.74 -59.36
CA LEU E 88 3.22 -47.85 -60.42
C LEU E 88 2.11 -48.50 -61.24
N ARG E 89 1.11 -47.70 -61.60
CA ARG E 89 0.02 -48.12 -62.45
C ARG E 89 -0.18 -47.09 -63.55
N SER E 90 -0.96 -47.48 -64.57
CA SER E 90 -1.07 -46.65 -65.77
C SER E 90 -1.50 -45.24 -65.44
N GLU E 91 -2.37 -45.07 -64.44
CA GLU E 91 -2.81 -43.74 -64.02
C GLU E 91 -1.67 -42.88 -63.50
N ASP E 92 -0.53 -43.47 -63.15
CA ASP E 92 0.59 -42.69 -62.67
C ASP E 92 1.39 -42.03 -63.80
N THR E 93 1.08 -42.30 -65.06
CA THR E 93 1.76 -41.63 -66.16
C THR E 93 1.53 -40.13 -66.08
N ALA E 94 2.60 -39.35 -65.94
CA ALA E 94 2.45 -37.92 -65.70
C ALA E 94 3.80 -37.24 -65.82
N VAL E 95 3.75 -35.90 -65.77
CA VAL E 95 4.91 -35.06 -65.58
C VAL E 95 5.02 -34.73 -64.09
N TYR E 96 6.18 -35.00 -63.52
CA TYR E 96 6.44 -34.75 -62.10
C TYR E 96 7.39 -33.57 -61.95
N TYR E 97 6.99 -32.59 -61.15
CA TYR E 97 7.70 -31.34 -61.02
C TYR E 97 8.30 -31.16 -59.63
N CYS E 98 9.48 -30.54 -59.62
CA CYS E 98 10.14 -30.11 -58.40
C CYS E 98 9.94 -28.61 -58.28
N ALA E 99 9.69 -28.12 -57.07
CA ALA E 99 9.56 -26.68 -56.86
C ALA E 99 9.94 -26.33 -55.44
N ARG E 100 10.19 -25.04 -55.20
CA ARG E 100 10.57 -24.57 -53.89
C ARG E 100 9.79 -23.30 -53.51
N ASP E 101 9.59 -23.11 -52.21
CA ASP E 101 9.05 -21.86 -51.70
C ASP E 101 9.81 -21.44 -50.45
N VAL E 102 9.95 -20.15 -50.26
CA VAL E 102 10.65 -19.57 -49.12
C VAL E 102 9.61 -18.89 -48.25
N GLN E 103 9.33 -19.47 -47.09
CA GLN E 103 8.34 -18.93 -46.15
C GLN E 103 7.01 -18.63 -46.87
N ARG E 104 6.59 -19.55 -47.73
CA ARG E 104 5.28 -19.51 -48.38
CA ARG E 104 5.29 -19.52 -48.40
C ARG E 104 5.13 -18.30 -49.31
N MET E 105 6.22 -17.76 -49.84
CA MET E 105 6.12 -16.65 -50.80
C MET E 105 5.87 -17.15 -52.22
N GLY E 106 4.97 -18.13 -52.37
CA GLY E 106 4.77 -18.78 -53.66
C GLY E 106 5.91 -19.72 -54.01
N MET E 107 5.64 -20.69 -54.89
CA MET E 107 6.66 -21.57 -55.43
C MET E 107 7.34 -20.82 -56.58
N ASP E 108 8.42 -20.12 -56.25
CA ASP E 108 9.03 -19.19 -57.19
C ASP E 108 10.02 -19.83 -58.15
N VAL E 109 10.55 -21.01 -57.86
CA VAL E 109 11.48 -21.68 -58.76
C VAL E 109 11.02 -23.12 -58.97
N TRP E 110 11.05 -23.58 -60.23
CA TRP E 110 10.60 -24.91 -60.61
C TRP E 110 11.70 -25.64 -61.35
N GLY E 111 11.70 -26.96 -61.23
CA GLY E 111 12.48 -27.79 -62.12
C GLY E 111 11.81 -27.86 -63.50
N GLN E 112 12.53 -28.46 -64.45
CA GLN E 112 11.99 -28.59 -65.79
C GLN E 112 10.92 -29.66 -65.89
N GLY E 113 10.71 -30.45 -64.85
CA GLY E 113 9.73 -31.52 -64.95
C GLY E 113 10.36 -32.83 -65.39
N THR E 114 9.75 -33.92 -64.95
CA THR E 114 10.21 -35.26 -65.30
C THR E 114 9.02 -36.05 -65.81
N THR E 115 9.15 -36.61 -67.01
CA THR E 115 8.12 -37.49 -67.55
C THR E 115 8.31 -38.91 -67.04
N VAL E 116 7.24 -39.47 -66.49
CA VAL E 116 7.21 -40.86 -66.07
C VAL E 116 6.09 -41.51 -66.87
N THR E 117 6.44 -42.49 -67.70
CA THR E 117 5.48 -43.24 -68.51
C THR E 117 5.39 -44.66 -67.98
N VAL E 118 4.17 -45.11 -67.71
CA VAL E 118 3.93 -46.43 -67.17
C VAL E 118 3.30 -47.28 -68.27
N SER E 119 4.04 -48.26 -68.77
CA SER E 119 3.47 -49.22 -69.71
C SER E 119 4.38 -50.44 -69.77
N SER E 120 3.78 -51.56 -70.15
CA SER E 120 4.50 -52.82 -70.27
C SER E 120 5.20 -52.98 -71.62
N ALA E 121 5.23 -51.94 -72.44
CA ALA E 121 5.69 -52.07 -73.82
C ALA E 121 7.21 -51.98 -73.94
N SER E 122 7.73 -52.72 -74.92
CA SER E 122 9.11 -52.62 -75.40
C SER E 122 9.16 -51.71 -76.62
N THR E 123 10.36 -51.36 -77.04
CA THR E 123 10.53 -50.52 -78.22
C THR E 123 9.81 -51.16 -79.40
N LYS E 124 9.01 -50.36 -80.09
CA LYS E 124 8.17 -50.92 -81.14
C LYS E 124 7.97 -49.85 -82.20
N GLY E 125 8.24 -50.20 -83.45
CA GLY E 125 8.05 -49.30 -84.55
C GLY E 125 6.59 -49.09 -84.87
N PRO E 126 6.27 -48.01 -85.58
CA PRO E 126 4.87 -47.69 -85.85
C PRO E 126 4.30 -48.40 -87.07
N SER E 127 3.00 -48.66 -86.99
CA SER E 127 2.22 -49.01 -88.17
C SER E 127 1.67 -47.73 -88.76
N VAL E 128 1.76 -47.59 -90.08
CA VAL E 128 1.32 -46.41 -90.79
C VAL E 128 0.22 -46.85 -91.72
N PHE E 129 -0.99 -46.42 -91.43
CA PHE E 129 -2.15 -46.77 -92.24
C PHE E 129 -2.70 -45.54 -92.95
N PRO E 130 -3.16 -45.69 -94.18
CA PRO E 130 -3.72 -44.54 -94.89
C PRO E 130 -5.08 -44.17 -94.35
N LEU E 131 -5.31 -42.87 -94.21
CA LEU E 131 -6.64 -42.31 -94.00
C LEU E 131 -7.05 -41.77 -95.36
N ALA E 132 -7.70 -42.64 -96.15
CA ALA E 132 -7.89 -42.40 -97.58
C ALA E 132 -9.08 -41.48 -97.83
N PRO E 133 -8.93 -40.53 -98.77
CA PRO E 133 -10.04 -39.63 -99.10
C PRO E 133 -11.13 -40.38 -99.83
N SER E 134 -12.38 -40.02 -99.54
CA SER E 134 -13.52 -40.72 -100.12
C SER E 134 -14.68 -39.76 -100.24
N SER E 135 -15.84 -40.30 -100.64
CA SER E 135 -17.06 -39.52 -100.72
C SER E 135 -17.43 -38.92 -99.37
N LYS E 136 -17.01 -39.54 -98.28
CA LYS E 136 -17.35 -39.08 -96.94
C LYS E 136 -16.20 -38.34 -96.25
N SER E 137 -15.15 -37.98 -97.00
CA SER E 137 -14.05 -37.18 -96.47
C SER E 137 -13.81 -35.96 -97.34
N THR E 138 -14.83 -35.48 -98.02
CA THR E 138 -14.71 -34.34 -98.92
C THR E 138 -15.66 -33.23 -98.46
N SER E 139 -15.29 -31.99 -98.79
CA SER E 139 -16.08 -30.82 -98.39
C SER E 139 -15.93 -29.75 -99.46
N GLY E 140 -17.02 -29.46 -100.16
CA GLY E 140 -16.94 -28.53 -101.27
C GLY E 140 -15.94 -29.03 -102.29
N GLY E 141 -14.90 -28.23 -102.54
CA GLY E 141 -13.86 -28.57 -103.48
C GLY E 141 -12.55 -29.03 -102.86
N THR E 142 -12.53 -29.29 -101.55
CA THR E 142 -11.32 -29.79 -100.90
C THR E 142 -11.60 -31.17 -100.29
N ALA E 143 -10.56 -31.98 -100.25
CA ALA E 143 -10.65 -33.32 -99.69
C ALA E 143 -9.68 -33.45 -98.53
N ALA E 144 -9.98 -34.36 -97.62
CA ALA E 144 -9.14 -34.61 -96.46
C ALA E 144 -8.56 -36.02 -96.55
N LEU E 145 -7.26 -36.15 -96.28
CA LEU E 145 -6.61 -37.44 -96.23
C LEU E 145 -5.53 -37.36 -95.16
N GLY E 146 -4.99 -38.52 -94.79
CA GLY E 146 -3.96 -38.51 -93.79
C GLY E 146 -3.40 -39.89 -93.53
N CYS E 147 -2.65 -39.98 -92.44
CA CYS E 147 -1.96 -41.19 -92.00
C CYS E 147 -2.26 -41.44 -90.54
N LEU E 148 -2.65 -42.67 -90.23
CA LEU E 148 -2.78 -43.14 -88.86
C LEU E 148 -1.47 -43.85 -88.46
N VAL E 149 -0.78 -43.29 -87.48
CA VAL E 149 0.47 -43.84 -87.00
C VAL E 149 0.20 -44.50 -85.65
N LYS E 150 0.22 -45.82 -85.64
CA LYS E 150 -0.35 -46.61 -84.55
C LYS E 150 0.66 -47.61 -84.00
N ASP E 151 0.58 -47.80 -82.68
CA ASP E 151 1.23 -48.91 -81.98
C ASP E 151 2.76 -48.83 -82.04
N TYR E 152 3.27 -47.67 -81.66
CA TYR E 152 4.71 -47.47 -81.53
C TYR E 152 5.02 -47.10 -80.08
N PHE E 153 6.29 -47.27 -79.72
CA PHE E 153 6.80 -47.01 -78.39
C PHE E 153 8.33 -46.98 -78.41
N PRO E 154 8.95 -46.04 -77.71
CA PRO E 154 8.27 -44.95 -77.02
C PRO E 154 8.10 -43.76 -77.93
N GLU E 155 7.82 -42.61 -77.34
CA GLU E 155 7.82 -41.37 -78.07
C GLU E 155 9.26 -41.01 -78.42
N PRO E 156 9.47 -40.21 -79.47
CA PRO E 156 8.47 -39.66 -80.37
C PRO E 156 8.51 -40.24 -81.79
N VAL E 157 7.61 -39.73 -82.62
CA VAL E 157 7.68 -39.91 -84.06
C VAL E 157 7.73 -38.54 -84.69
N THR E 158 8.28 -38.49 -85.89
CA THR E 158 8.26 -37.30 -86.74
C THR E 158 7.47 -37.65 -87.99
N VAL E 159 6.58 -36.74 -88.39
CA VAL E 159 5.69 -36.94 -89.53
C VAL E 159 5.82 -35.76 -90.47
N SER E 160 6.06 -36.05 -91.75
CA SER E 160 6.07 -35.04 -92.80
C SER E 160 5.23 -35.53 -93.95
N TRP E 161 5.03 -34.65 -94.94
CA TRP E 161 4.23 -34.94 -96.12
C TRP E 161 5.03 -34.58 -97.36
N ASN E 162 5.13 -35.54 -98.29
CA ASN E 162 5.88 -35.38 -99.53
C ASN E 162 7.31 -34.93 -99.26
N SER E 163 7.96 -35.64 -98.33
CA SER E 163 9.35 -35.41 -97.95
C SER E 163 9.57 -33.97 -97.50
N GLY E 164 8.54 -33.37 -96.91
CA GLY E 164 8.60 -32.00 -96.44
C GLY E 164 8.01 -30.98 -97.39
N ALA E 165 7.69 -31.36 -98.63
CA ALA E 165 7.17 -30.38 -99.57
C ALA E 165 5.79 -29.89 -99.18
N LEU E 166 4.97 -30.75 -98.58
CA LEU E 166 3.60 -30.41 -98.22
C LEU E 166 3.53 -30.04 -96.74
N THR E 167 3.23 -28.77 -96.46
CA THR E 167 3.10 -28.30 -95.08
C THR E 167 1.80 -27.55 -94.85
N SER E 168 1.27 -26.89 -95.88
CA SER E 168 0.04 -26.12 -95.73
C SER E 168 -1.17 -27.04 -95.57
N GLY E 169 -2.01 -26.72 -94.61
CA GLY E 169 -3.21 -27.51 -94.35
C GLY E 169 -2.98 -28.79 -93.57
N VAL E 170 -1.79 -28.97 -93.01
CA VAL E 170 -1.43 -30.19 -92.30
C VAL E 170 -1.74 -30.03 -90.81
N HIS E 171 -2.33 -31.08 -90.24
CA HIS E 171 -2.57 -31.16 -88.80
C HIS E 171 -2.02 -32.48 -88.33
N THR E 172 -0.89 -32.45 -87.65
CA THR E 172 -0.40 -33.63 -86.94
C THR E 172 -0.88 -33.53 -85.50
N PHE E 173 -1.64 -34.52 -85.06
CA PHE E 173 -2.24 -34.45 -83.74
C PHE E 173 -1.29 -34.98 -82.68
N PRO E 174 -1.45 -34.51 -81.44
CA PRO E 174 -0.67 -35.07 -80.34
C PRO E 174 -0.91 -36.56 -80.23
N ALA E 175 0.16 -37.28 -79.89
CA ALA E 175 0.07 -38.71 -79.62
C ALA E 175 -0.78 -38.97 -78.39
N VAL E 176 -1.43 -40.11 -78.38
CA VAL E 176 -2.19 -40.56 -77.22
C VAL E 176 -1.71 -41.95 -76.83
N LEU E 177 -1.51 -42.16 -75.53
CA LEU E 177 -1.10 -43.46 -75.01
C LEU E 177 -2.33 -44.34 -74.90
N GLN E 178 -2.43 -45.35 -75.77
CA GLN E 178 -3.55 -46.27 -75.75
C GLN E 178 -3.50 -47.16 -74.51
N SER E 179 -4.63 -47.79 -74.21
CA SER E 179 -4.70 -48.69 -73.07
C SER E 179 -3.79 -49.90 -73.25
N SER E 180 -3.35 -50.16 -74.47
CA SER E 180 -2.43 -51.26 -74.74
C SER E 180 -1.01 -50.96 -74.27
N GLY E 181 -0.70 -49.71 -73.93
CA GLY E 181 0.66 -49.31 -73.62
C GLY E 181 1.44 -48.78 -74.80
N LEU E 182 0.81 -48.67 -75.97
CA LEU E 182 1.47 -48.16 -77.16
C LEU E 182 0.83 -46.83 -77.56
N TYR E 183 1.62 -45.98 -78.20
CA TYR E 183 1.16 -44.66 -78.63
C TYR E 183 0.49 -44.72 -79.99
N SER E 184 -0.24 -43.65 -80.29
CA SER E 184 -1.02 -43.57 -81.52
C SER E 184 -1.34 -42.11 -81.81
N LEU E 185 -1.13 -41.68 -83.05
CA LEU E 185 -1.53 -40.34 -83.47
C LEU E 185 -1.97 -40.37 -84.92
N SER E 186 -2.62 -39.29 -85.35
CA SER E 186 -2.98 -39.09 -86.75
C SER E 186 -2.40 -37.79 -87.25
N SER E 187 -2.03 -37.79 -88.53
CA SER E 187 -1.70 -36.59 -89.28
C SER E 187 -2.65 -36.51 -90.46
N VAL E 188 -3.25 -35.33 -90.67
CA VAL E 188 -4.17 -35.12 -91.77
C VAL E 188 -3.76 -33.88 -92.56
N VAL E 189 -4.22 -33.82 -93.80
CA VAL E 189 -3.98 -32.68 -94.67
C VAL E 189 -5.18 -32.50 -95.59
N THR E 190 -5.57 -31.25 -95.81
CA THR E 190 -6.65 -30.92 -96.72
C THR E 190 -6.06 -30.46 -98.04
N VAL E 191 -6.53 -31.05 -99.13
CA VAL E 191 -5.96 -30.82 -100.45
C VAL E 191 -7.09 -30.49 -101.42
N PRO E 192 -6.79 -29.82 -102.53
CA PRO E 192 -7.80 -29.64 -103.57
C PRO E 192 -8.33 -30.99 -104.02
N SER E 193 -9.65 -31.13 -104.03
CA SER E 193 -10.24 -32.38 -104.45
C SER E 193 -9.94 -32.68 -105.90
N SER E 194 -9.61 -31.66 -106.69
CA SER E 194 -9.35 -31.87 -108.12
C SER E 194 -8.06 -32.63 -108.38
N SER E 195 -7.11 -32.61 -107.44
CA SER E 195 -5.79 -33.19 -107.66
C SER E 195 -5.67 -34.61 -107.11
N LEU E 196 -6.79 -35.23 -106.72
CA LEU E 196 -6.73 -36.44 -105.90
C LEU E 196 -6.00 -37.57 -106.62
N GLY E 197 -6.48 -37.95 -107.78
CA GLY E 197 -5.83 -39.02 -108.51
C GLY E 197 -4.64 -38.60 -109.33
N THR E 198 -4.27 -37.33 -109.25
CA THR E 198 -3.14 -36.78 -110.00
C THR E 198 -1.91 -36.57 -109.13
N GLN E 199 -2.06 -35.87 -108.01
CA GLN E 199 -0.94 -35.56 -107.13
C GLN E 199 -0.71 -36.71 -106.16
N THR E 200 0.53 -37.12 -106.03
CA THR E 200 0.90 -38.19 -105.12
C THR E 200 1.14 -37.62 -103.73
N TYR E 201 0.44 -38.17 -102.74
CA TYR E 201 0.53 -37.73 -101.36
C TYR E 201 1.15 -38.84 -100.53
N ILE E 202 2.34 -38.59 -100.01
CA ILE E 202 3.09 -39.57 -99.24
C ILE E 202 3.38 -38.98 -97.87
N CYS E 203 3.06 -39.72 -96.81
CA CYS E 203 3.41 -39.28 -95.47
C CYS E 203 4.66 -40.04 -95.05
N ASN E 204 5.62 -39.29 -94.51
CA ASN E 204 6.92 -39.84 -94.12
C ASN E 204 6.95 -39.92 -92.61
N VAL E 205 6.99 -41.14 -92.09
CA VAL E 205 7.01 -41.39 -90.66
C VAL E 205 8.41 -41.91 -90.29
N ASN E 206 8.99 -41.32 -89.24
CA ASN E 206 10.31 -41.71 -88.77
C ASN E 206 10.24 -41.93 -87.26
N HIS E 207 10.75 -43.07 -86.80
CA HIS E 207 10.71 -43.44 -85.38
C HIS E 207 12.12 -43.84 -84.96
N LYS E 208 12.85 -42.87 -84.41
CA LYS E 208 14.25 -43.10 -84.07
C LYS E 208 14.47 -44.26 -83.10
N PRO E 209 13.68 -44.46 -82.03
CA PRO E 209 13.97 -45.58 -81.13
C PRO E 209 14.06 -46.95 -81.79
N SER E 210 13.24 -47.21 -82.82
CA SER E 210 13.24 -48.50 -83.50
C SER E 210 14.01 -48.48 -84.81
N ASN E 211 14.69 -47.37 -85.11
CA ASN E 211 15.45 -47.23 -86.34
C ASN E 211 14.56 -47.48 -87.55
N THR E 212 13.36 -46.89 -87.54
CA THR E 212 12.33 -47.14 -88.54
C THR E 212 11.97 -45.86 -89.26
N LYS E 213 12.07 -45.89 -90.59
CA LYS E 213 11.58 -44.84 -91.48
C LYS E 213 10.59 -45.49 -92.44
N VAL E 214 9.42 -44.89 -92.54
CA VAL E 214 8.33 -45.41 -93.37
C VAL E 214 7.88 -44.31 -94.30
N ASP E 215 7.66 -44.67 -95.56
CA ASP E 215 7.02 -43.80 -96.53
C ASP E 215 5.75 -44.51 -97.01
N LYS E 216 4.60 -43.87 -96.83
CA LYS E 216 3.32 -44.46 -97.15
C LYS E 216 2.54 -43.54 -98.09
N LYS E 217 2.17 -44.08 -99.25
CA LYS E 217 1.41 -43.35 -100.25
C LYS E 217 -0.08 -43.45 -99.95
N VAL E 218 -0.77 -42.30 -99.93
CA VAL E 218 -2.18 -42.24 -99.59
C VAL E 218 -2.96 -41.98 -100.87
N GLU E 219 -3.81 -42.91 -101.24
CA GLU E 219 -4.63 -42.78 -102.43
C GLU E 219 -6.05 -43.26 -102.13
N PRO E 220 -7.04 -42.80 -102.91
CA PRO E 220 -8.43 -43.27 -102.78
C PRO E 220 -8.57 -44.78 -102.96
N GLN F 1 -8.77 9.80 64.73
CA GLN F 1 -8.00 10.88 64.12
C GLN F 1 -6.84 11.32 65.00
N VAL F 2 -5.78 11.77 64.34
CA VAL F 2 -4.55 12.14 65.02
C VAL F 2 -4.78 13.36 65.92
N GLN F 3 -3.91 13.50 66.91
CA GLN F 3 -3.85 14.69 67.73
C GLN F 3 -2.46 15.30 67.58
N LEU F 4 -2.40 16.62 67.52
CA LEU F 4 -1.16 17.37 67.47
C LEU F 4 -1.00 18.12 68.78
N VAL F 5 0.12 17.94 69.46
CA VAL F 5 0.40 18.55 70.76
C VAL F 5 1.71 19.33 70.67
N GLN F 6 1.65 20.64 70.91
CA GLN F 6 2.80 21.52 70.75
C GLN F 6 3.53 21.72 72.06
N SER F 7 4.77 22.23 71.94
CA SER F 7 5.54 22.54 73.14
C SER F 7 5.00 23.80 73.81
N GLY F 8 5.40 24.00 75.07
CA GLY F 8 4.82 25.02 75.90
C GLY F 8 5.28 26.43 75.55
N ALA F 9 4.68 27.41 76.23
CA ALA F 9 4.95 28.81 75.96
C ALA F 9 6.42 29.16 76.18
N GLU F 10 6.90 30.12 75.40
CA GLU F 10 8.29 30.54 75.39
C GLU F 10 8.37 32.06 75.55
N VAL F 11 9.41 32.51 76.22
CA VAL F 11 9.77 33.92 76.29
C VAL F 11 11.19 34.04 75.77
N LYS F 12 11.38 34.87 74.73
CA LYS F 12 12.64 34.89 74.02
C LYS F 12 13.20 36.30 73.89
N LYS F 13 14.47 36.39 73.92
CA LYS F 13 15.16 37.66 73.79
C LYS F 13 15.36 38.03 72.33
N PRO F 14 15.41 39.32 72.03
CA PRO F 14 15.67 39.76 70.66
C PRO F 14 17.00 39.22 70.15
N GLY F 15 16.98 38.66 68.95
CA GLY F 15 18.18 38.13 68.35
C GLY F 15 18.40 36.66 68.58
N SER F 16 17.63 36.06 69.46
CA SER F 16 17.77 34.65 69.78
C SER F 16 16.98 33.84 68.77
N SER F 17 16.94 32.53 68.98
CA SER F 17 16.17 31.62 68.14
C SER F 17 15.27 30.80 69.03
N VAL F 18 14.15 30.40 68.46
CA VAL F 18 13.18 29.56 69.15
C VAL F 18 12.92 28.35 68.26
N LYS F 19 12.72 27.20 68.88
CA LYS F 19 12.40 25.97 68.16
C LYS F 19 11.19 25.32 68.81
N VAL F 20 10.06 25.38 68.14
CA VAL F 20 8.79 24.86 68.64
C VAL F 20 8.56 23.47 68.07
N SER F 21 8.08 22.55 68.90
CA SER F 21 7.82 21.18 68.47
C SER F 21 6.33 20.92 68.38
N CYS F 22 6.00 19.86 67.65
CA CYS F 22 4.63 19.45 67.41
C CYS F 22 4.63 17.94 67.30
N LYS F 23 4.03 17.25 68.27
CA LYS F 23 4.06 15.80 68.30
C LYS F 23 2.69 15.24 67.96
N ALA F 24 2.67 14.27 67.04
CA ALA F 24 1.46 13.59 66.60
C ALA F 24 1.32 12.27 67.35
N SER F 25 0.10 11.94 67.73
CA SER F 25 -0.17 10.69 68.42
C SER F 25 -1.52 10.18 67.95
N GLY F 26 -1.68 8.86 68.02
CA GLY F 26 -2.92 8.28 67.55
C GLY F 26 -3.02 8.50 66.05
N GLY F 27 -4.24 8.42 65.56
CA GLY F 27 -4.48 8.70 64.16
C GLY F 27 -4.36 7.48 63.27
N THR F 28 -4.89 7.64 62.07
CA THR F 28 -4.94 6.56 61.10
C THR F 28 -3.76 6.65 60.14
N VAL F 29 -3.83 5.84 59.09
CA VAL F 29 -2.79 5.80 58.08
C VAL F 29 -2.68 7.14 57.35
N ARG F 30 -3.70 7.98 57.41
CA ARG F 30 -3.62 9.31 56.81
C ARG F 30 -2.45 10.10 57.38
N SER F 31 -2.17 9.92 58.67
CA SER F 31 -1.07 10.63 59.30
C SER F 31 0.30 10.18 58.79
N ARG F 32 0.39 9.02 58.14
CA ARG F 32 1.67 8.64 57.55
CA ARG F 32 1.67 8.62 57.55
C ARG F 32 1.98 9.41 56.28
N VAL F 33 0.98 10.00 55.62
CA VAL F 33 1.23 10.73 54.39
C VAL F 33 0.81 12.20 54.48
N HIS F 34 0.48 12.69 55.67
CA HIS F 34 -0.04 14.05 55.69
C HIS F 34 1.10 15.07 55.59
N ALA F 35 0.71 16.32 55.36
CA ALA F 35 1.62 17.45 55.29
C ALA F 35 1.43 18.31 56.53
N ILE F 36 2.52 18.63 57.21
CA ILE F 36 2.48 19.52 58.37
C ILE F 36 2.71 20.95 57.88
N SER F 37 1.89 21.88 58.36
CA SER F 37 2.07 23.31 58.10
C SER F 37 2.32 24.03 59.42
N TRP F 38 3.01 25.16 59.34
CA TRP F 38 3.15 26.06 60.47
C TRP F 38 2.49 27.39 60.11
N VAL F 39 1.58 27.83 60.99
CA VAL F 39 0.80 29.05 60.83
C VAL F 39 1.00 29.92 62.07
N ARG F 40 1.30 31.19 61.88
CA ARG F 40 1.44 32.08 63.02
C ARG F 40 0.34 33.14 63.03
N GLN F 41 0.02 33.62 64.23
CA GLN F 41 -1.01 34.63 64.41
C GLN F 41 -0.52 35.64 65.43
N ALA F 42 -0.21 36.85 64.98
CA ALA F 42 0.21 37.89 65.89
C ALA F 42 -1.01 38.45 66.63
N PRO F 43 -0.80 39.04 67.82
CA PRO F 43 -1.95 39.57 68.61
C PRO F 43 -2.83 40.51 67.81
N GLY F 44 -4.12 40.16 67.70
CA GLY F 44 -5.11 40.93 66.99
C GLY F 44 -5.11 40.77 65.48
N GLN F 45 -4.30 39.87 64.94
CA GLN F 45 -4.09 39.73 63.51
C GLN F 45 -4.66 38.41 63.00
N GLY F 46 -4.53 38.20 61.70
CA GLY F 46 -5.02 36.99 61.06
C GLY F 46 -3.98 35.90 61.01
N LEU F 47 -4.40 34.76 60.45
CA LEU F 47 -3.52 33.61 60.30
C LEU F 47 -2.55 33.85 59.15
N GLU F 48 -1.32 33.37 59.32
CA GLU F 48 -0.25 33.59 58.34
C GLU F 48 0.52 32.28 58.14
N TRP F 49 0.41 31.70 56.95
CA TRP F 49 1.10 30.45 56.66
C TRP F 49 2.60 30.69 56.54
N MET F 50 3.40 29.89 57.25
CA MET F 50 4.85 30.05 57.24
C MET F 50 5.53 29.07 56.31
N GLY F 51 5.08 27.83 56.33
CA GLY F 51 5.70 26.80 55.52
C GLY F 51 5.20 25.45 55.99
N GLY F 52 5.77 24.41 55.39
CA GLY F 52 5.35 23.07 55.70
C GLY F 52 6.36 22.04 55.23
N ILE F 53 6.10 20.79 55.59
CA ILE F 53 6.92 19.67 55.15
C ILE F 53 6.07 18.41 55.26
N ILE F 54 6.31 17.48 54.36
CA ILE F 54 5.76 16.12 54.44
C ILE F 54 6.80 15.26 55.15
N PRO F 55 6.51 14.76 56.36
CA PRO F 55 7.54 14.01 57.12
C PRO F 55 8.06 12.77 56.41
N ILE F 56 7.24 12.09 55.62
CA ILE F 56 7.65 10.84 54.98
C ILE F 56 8.52 11.03 53.74
N PHE F 57 8.55 12.24 53.15
CA PHE F 57 9.22 12.41 51.86
C PHE F 57 9.55 13.87 51.59
N GLY F 58 10.73 14.10 51.01
CA GLY F 58 11.01 15.38 50.39
C GLY F 58 11.39 16.48 51.37
N THR F 59 11.54 17.68 50.82
CA THR F 59 12.03 18.82 51.57
C THR F 59 10.87 19.76 51.93
N ALA F 60 11.20 20.81 52.69
CA ALA F 60 10.21 21.73 53.24
C ALA F 60 9.88 22.87 52.28
N ASN F 61 8.66 23.40 52.46
CA ASN F 61 8.06 24.56 51.79
C ASN F 61 8.09 25.78 52.70
N TYR F 62 8.19 26.96 52.09
CA TYR F 62 8.23 28.19 52.87
C TYR F 62 7.51 29.32 52.14
N ALA F 63 6.94 30.23 52.93
CA ALA F 63 6.41 31.47 52.40
C ALA F 63 7.56 32.44 52.15
N GLN F 64 7.33 33.37 51.22
CA GLN F 64 8.35 34.35 50.86
C GLN F 64 8.82 35.12 52.08
N LYS F 65 7.89 35.54 52.93
CA LYS F 65 8.24 36.34 54.10
C LYS F 65 9.19 35.60 55.03
N PHE F 66 9.12 34.27 55.10
CA PHE F 66 9.93 33.55 56.07
C PHE F 66 11.05 32.73 55.46
N GLN F 67 11.20 32.71 54.14
CA GLN F 67 12.29 31.98 53.50
C GLN F 67 13.63 32.39 54.11
N GLY F 68 14.42 31.39 54.50
CA GLY F 68 15.75 31.64 54.99
C GLY F 68 15.85 32.04 56.45
N ARG F 69 14.73 32.34 57.12
CA ARG F 69 14.73 32.65 58.54
C ARG F 69 14.01 31.63 59.38
N VAL F 70 13.11 30.85 58.80
CA VAL F 70 12.45 29.75 59.49
C VAL F 70 12.96 28.45 58.89
N THR F 71 13.12 27.43 59.73
CA THR F 71 13.54 26.11 59.27
C THR F 71 12.53 25.11 59.79
N ILE F 72 11.95 24.34 58.88
CA ILE F 72 10.91 23.39 59.22
C ILE F 72 11.46 21.99 58.97
N THR F 73 11.43 21.16 60.01
CA THR F 73 11.96 19.81 59.99
C THR F 73 10.95 18.87 60.61
N ALA F 74 11.22 17.57 60.46
CA ALA F 74 10.36 16.55 61.03
C ALA F 74 11.19 15.33 61.37
N ASP F 75 10.67 14.53 62.29
CA ASP F 75 11.32 13.29 62.72
C ASP F 75 10.29 12.17 62.76
N GLU F 76 10.29 11.31 61.75
CA GLU F 76 9.32 10.22 61.70
C GLU F 76 9.45 9.30 62.91
N SER F 77 10.68 9.04 63.36
CA SER F 77 10.81 8.04 64.41
C SER F 77 10.18 8.51 65.72
N THR F 78 10.03 9.81 65.92
CA THR F 78 9.37 10.32 67.12
C THR F 78 8.05 11.03 66.82
N SER F 79 7.55 10.93 65.59
CA SER F 79 6.29 11.52 65.18
C SER F 79 6.22 12.99 65.58
N THR F 80 7.32 13.72 65.39
CA THR F 80 7.39 15.10 65.82
C THR F 80 7.91 15.97 64.68
N ALA F 81 7.25 17.10 64.46
CA ALA F 81 7.67 18.12 63.52
C ALA F 81 8.10 19.37 64.29
N TYR F 82 9.00 20.14 63.69
CA TYR F 82 9.65 21.24 64.40
C TYR F 82 9.64 22.49 63.53
N MET F 83 9.66 23.64 64.20
CA MET F 83 9.74 24.93 63.54
C MET F 83 10.75 25.78 64.30
N GLU F 84 11.81 26.18 63.61
CA GLU F 84 12.84 27.00 64.21
C GLU F 84 12.83 28.36 63.53
N LEU F 85 12.65 29.40 64.32
CA LEU F 85 12.68 30.78 63.84
C LEU F 85 13.83 31.50 64.52
N SER F 86 14.71 32.09 63.73
CA SER F 86 15.94 32.72 64.21
C SER F 86 15.84 34.24 64.09
N SER F 87 16.86 34.91 64.62
CA SER F 87 16.94 36.38 64.63
C SER F 87 15.61 37.00 65.07
N LEU F 88 15.16 36.59 66.25
CA LEU F 88 13.85 37.01 66.72
C LEU F 88 13.84 38.50 67.00
N ARG F 89 12.70 39.11 66.72
CA ARG F 89 12.45 40.52 67.03
CA ARG F 89 12.46 40.51 67.06
C ARG F 89 11.06 40.64 67.64
N SER F 90 10.77 41.82 68.19
CA SER F 90 9.48 42.05 68.85
C SER F 90 8.32 41.72 67.92
N GLU F 91 8.47 42.00 66.63
CA GLU F 91 7.40 41.71 65.69
C GLU F 91 7.08 40.23 65.60
N ASP F 92 8.00 39.36 66.04
CA ASP F 92 7.76 37.93 65.99
C ASP F 92 6.90 37.40 67.12
N THR F 93 6.54 38.25 68.09
CA THR F 93 5.63 37.84 69.15
C THR F 93 4.29 37.39 68.56
N ALA F 94 3.93 36.13 68.77
CA ALA F 94 2.71 35.59 68.16
C ALA F 94 2.42 34.22 68.73
N VAL F 95 1.25 33.70 68.37
CA VAL F 95 0.91 32.30 68.62
C VAL F 95 1.27 31.49 67.38
N TYR F 96 2.07 30.44 67.57
CA TYR F 96 2.53 29.61 66.47
C TYR F 96 1.79 28.28 66.49
N TYR F 97 1.17 27.94 65.36
CA TYR F 97 0.28 26.80 65.26
C TYR F 97 0.89 25.74 64.35
N CYS F 98 0.65 24.50 64.74
CA CYS F 98 0.96 23.30 63.97
C CYS F 98 -0.35 22.82 63.37
N ALA F 99 -0.32 22.36 62.12
CA ALA F 99 -1.53 21.80 61.51
C ALA F 99 -1.15 20.79 60.45
N ARG F 100 -2.12 19.95 60.04
CA ARG F 100 -1.88 18.97 58.99
C ARG F 100 -3.00 18.99 57.97
N ASP F 101 -2.65 18.61 56.73
CA ASP F 101 -3.64 18.36 55.68
C ASP F 101 -3.25 17.11 54.91
N VAL F 102 -4.27 16.40 54.43
CA VAL F 102 -4.13 15.18 53.66
C VAL F 102 -4.60 15.51 52.25
N GLN F 103 -3.67 15.57 51.30
CA GLN F 103 -4.00 15.84 49.89
C GLN F 103 -4.87 17.08 49.73
N ARG F 104 -4.56 18.13 50.49
CA ARG F 104 -5.18 19.45 50.36
C ARG F 104 -6.67 19.45 50.72
N MET F 105 -7.10 18.51 51.56
CA MET F 105 -8.48 18.45 52.05
C MET F 105 -8.70 19.34 53.28
N GLY F 106 -8.16 20.56 53.24
CA GLY F 106 -8.21 21.45 54.38
C GLY F 106 -7.26 21.02 55.47
N MET F 107 -6.89 21.95 56.35
CA MET F 107 -6.10 21.64 57.53
C MET F 107 -7.06 21.15 58.60
N ASP F 108 -7.28 19.85 58.64
CA ASP F 108 -8.37 19.35 59.46
C ASP F 108 -8.00 19.17 60.92
N VAL F 109 -6.71 19.09 61.25
CA VAL F 109 -6.26 18.96 62.63
C VAL F 109 -5.23 20.03 62.92
N TRP F 110 -5.35 20.67 64.09
CA TRP F 110 -4.47 21.74 64.54
C TRP F 110 -3.90 21.40 65.92
N GLY F 111 -2.68 21.88 66.17
CA GLY F 111 -2.19 21.90 67.54
C GLY F 111 -2.87 22.99 68.35
N GLN F 112 -2.63 22.97 69.67
CA GLN F 112 -3.26 23.96 70.53
C GLN F 112 -2.62 25.33 70.42
N GLY F 113 -1.50 25.45 69.71
CA GLY F 113 -0.80 26.72 69.58
C GLY F 113 0.26 26.91 70.64
N THR F 114 1.29 27.66 70.28
CA THR F 114 2.39 27.96 71.19
C THR F 114 2.58 29.47 71.21
N THR F 115 2.51 30.07 72.39
CA THR F 115 2.70 31.50 72.54
C THR F 115 4.19 31.79 72.62
N VAL F 116 4.68 32.66 71.76
CA VAL F 116 6.07 33.08 71.78
C VAL F 116 6.11 34.58 71.96
N THR F 117 6.67 35.02 73.08
CA THR F 117 6.82 36.44 73.38
C THR F 117 8.28 36.82 73.26
N VAL F 118 8.56 37.87 72.49
CA VAL F 118 9.92 38.35 72.26
C VAL F 118 10.09 39.67 73.00
N SER F 119 10.93 39.66 74.05
CA SER F 119 11.28 40.88 74.75
C SER F 119 12.52 40.63 75.58
N SER F 120 13.27 41.70 75.81
CA SER F 120 14.49 41.65 76.61
C SER F 120 14.20 41.79 78.10
N ALA F 121 12.92 41.81 78.50
CA ALA F 121 12.55 42.21 79.85
C ALA F 121 12.68 41.08 80.87
N SER F 122 13.03 41.46 82.10
CA SER F 122 12.92 40.59 83.25
C SER F 122 11.61 40.85 83.96
N THR F 123 11.28 39.98 84.92
CA THR F 123 10.06 40.14 85.69
C THR F 123 10.03 41.50 86.38
N LYS F 124 8.92 42.23 86.22
CA LYS F 124 8.82 43.60 86.70
C LYS F 124 7.38 43.92 87.07
N GLY F 125 7.19 44.44 88.28
CA GLY F 125 5.88 44.85 88.72
C GLY F 125 5.45 46.12 88.01
N PRO F 126 4.15 46.36 87.98
CA PRO F 126 3.61 47.51 87.24
C PRO F 126 3.59 48.81 88.02
N SER F 127 3.70 49.91 87.27
CA SER F 127 3.39 51.24 87.77
C SER F 127 1.93 51.56 87.47
N VAL F 128 1.23 52.15 88.45
CA VAL F 128 -0.19 52.45 88.32
C VAL F 128 -0.39 53.97 88.43
N PHE F 129 -0.80 54.60 87.32
CA PHE F 129 -1.07 56.04 87.25
C PHE F 129 -2.56 56.31 87.04
N PRO F 130 -3.11 57.33 87.68
CA PRO F 130 -4.55 57.59 87.54
C PRO F 130 -4.92 58.22 86.19
N LEU F 131 -6.04 57.76 85.64
CA LEU F 131 -6.69 58.41 84.50
C LEU F 131 -7.84 59.21 85.08
N ALA F 132 -7.55 60.46 85.46
CA ALA F 132 -8.43 61.26 86.30
C ALA F 132 -9.54 61.93 85.49
N PRO F 133 -10.77 61.97 86.01
CA PRO F 133 -11.88 62.64 85.33
C PRO F 133 -11.72 64.16 85.29
N GLY F 141 -23.81 63.69 80.76
CA GLY F 141 -23.91 63.75 82.22
C GLY F 141 -23.17 62.65 82.94
N THR F 142 -22.39 61.87 82.20
CA THR F 142 -21.58 60.81 82.81
C THR F 142 -20.10 61.10 82.53
N ALA F 143 -19.26 60.65 83.46
CA ALA F 143 -17.82 60.87 83.39
C ALA F 143 -17.09 59.53 83.31
N ALA F 144 -15.87 59.59 82.78
CA ALA F 144 -15.00 58.43 82.62
C ALA F 144 -13.75 58.60 83.47
N LEU F 145 -13.32 57.52 84.13
CA LEU F 145 -12.10 57.51 84.92
C LEU F 145 -11.46 56.14 84.79
N GLY F 146 -10.20 56.03 85.22
CA GLY F 146 -9.54 54.75 85.11
C GLY F 146 -8.15 54.76 85.70
N CYS F 147 -7.42 53.68 85.39
CA CYS F 147 -6.08 53.41 85.89
C CYS F 147 -5.21 52.99 84.72
N LEU F 148 -4.02 53.59 84.62
CA LEU F 148 -3.01 53.15 83.67
C LEU F 148 -2.06 52.22 84.41
N VAL F 149 -2.04 50.96 83.99
CA VAL F 149 -1.16 49.94 84.54
C VAL F 149 -0.04 49.73 83.53
N LYS F 150 1.17 50.20 83.86
CA LYS F 150 2.19 50.37 82.84
C LYS F 150 3.50 49.69 83.25
N ASP F 151 4.19 49.15 82.24
CA ASP F 151 5.58 48.69 82.34
C ASP F 151 5.72 47.47 83.26
N TYR F 152 4.94 46.43 82.99
CA TYR F 152 5.05 45.19 83.74
C TYR F 152 5.44 44.03 82.83
N PHE F 153 5.87 42.95 83.46
CA PHE F 153 6.28 41.75 82.74
C PHE F 153 6.42 40.61 83.73
N PRO F 154 5.95 39.40 83.39
CA PRO F 154 5.19 39.09 82.18
C PRO F 154 3.69 39.19 82.41
N GLU F 155 2.91 38.59 81.52
CA GLU F 155 1.48 38.46 81.74
C GLU F 155 1.20 37.41 82.81
N PRO F 156 0.05 37.49 83.51
CA PRO F 156 -0.97 38.53 83.38
C PRO F 156 -1.06 39.49 84.58
N VAL F 157 -1.96 40.46 84.47
CA VAL F 157 -2.33 41.33 85.58
C VAL F 157 -3.83 41.22 85.76
N THR F 158 -4.29 41.41 87.00
CA THR F 158 -5.70 41.43 87.35
C THR F 158 -6.07 42.80 87.92
N VAL F 159 -7.19 43.34 87.47
CA VAL F 159 -7.66 44.66 87.88
C VAL F 159 -9.10 44.56 88.35
N SER F 160 -9.40 45.11 89.53
CA SER F 160 -10.77 45.24 90.00
C SER F 160 -10.99 46.69 90.47
N TRP F 161 -12.25 47.00 90.77
CA TRP F 161 -12.63 48.34 91.21
C TRP F 161 -13.43 48.23 92.50
N ASN F 162 -12.96 48.93 93.54
CA ASN F 162 -13.56 48.92 94.87
C ASN F 162 -13.71 47.49 95.38
N SER F 163 -12.62 46.73 95.29
CA SER F 163 -12.53 45.36 95.80
C SER F 163 -13.61 44.46 95.21
N GLY F 164 -14.00 44.70 93.94
CA GLY F 164 -14.99 43.90 93.27
C GLY F 164 -16.40 44.44 93.30
N ALA F 165 -16.67 45.45 94.14
CA ALA F 165 -18.03 45.96 94.28
C ALA F 165 -18.49 46.68 93.02
N LEU F 166 -17.58 47.39 92.35
CA LEU F 166 -17.92 48.16 91.15
C LEU F 166 -17.59 47.30 89.94
N THR F 167 -18.62 46.84 89.22
CA THR F 167 -18.40 46.01 88.05
C THR F 167 -19.13 46.61 86.87
N SER F 168 -20.20 47.34 87.14
CA SER F 168 -20.99 47.93 86.07
C SER F 168 -20.21 49.04 85.39
N GLY F 169 -20.21 49.05 84.06
CA GLY F 169 -19.50 50.07 83.32
C GLY F 169 -18.01 49.88 83.28
N VAL F 170 -17.50 48.73 83.71
CA VAL F 170 -16.05 48.51 83.76
C VAL F 170 -15.61 47.90 82.43
N HIS F 171 -14.51 48.42 81.90
CA HIS F 171 -13.85 47.88 80.72
C HIS F 171 -12.36 47.81 81.04
N THR F 172 -11.86 46.61 81.31
CA THR F 172 -10.41 46.39 81.41
C THR F 172 -9.90 45.97 80.04
N PHE F 173 -8.97 46.70 79.53
CA PHE F 173 -8.55 46.41 78.17
C PHE F 173 -7.46 45.35 78.15
N PRO F 174 -7.34 44.61 77.02
CA PRO F 174 -6.21 43.70 76.87
C PRO F 174 -4.89 44.44 76.96
N ALA F 175 -3.91 43.81 77.58
CA ALA F 175 -2.57 44.36 77.61
C ALA F 175 -2.01 44.45 76.20
N VAL F 176 -1.11 45.41 75.99
CA VAL F 176 -0.39 45.57 74.74
C VAL F 176 1.11 45.57 75.06
N LEU F 177 1.88 44.84 74.28
CA LEU F 177 3.33 44.78 74.48
C LEU F 177 3.95 46.02 73.87
N GLN F 178 4.48 46.90 74.72
CA GLN F 178 5.12 48.10 74.21
C GLN F 178 6.42 47.75 73.51
N SER F 179 6.92 48.72 72.72
CA SER F 179 8.19 48.52 72.03
C SER F 179 9.34 48.38 73.01
N SER F 180 9.14 48.76 74.27
CA SER F 180 10.14 48.63 75.32
C SER F 180 10.31 47.20 75.80
N GLY F 181 9.42 46.28 75.43
CA GLY F 181 9.47 44.93 75.95
C GLY F 181 8.59 44.71 77.17
N LEU F 182 7.87 45.74 77.61
CA LEU F 182 7.01 45.68 78.77
C LEU F 182 5.56 45.90 78.36
N TYR F 183 4.65 45.31 79.13
CA TYR F 183 3.22 45.40 78.88
C TYR F 183 2.62 46.65 79.52
N SER F 184 1.43 46.99 79.06
CA SER F 184 0.73 48.16 79.55
C SER F 184 -0.73 48.01 79.18
N LEU F 185 -1.62 48.24 80.13
CA LEU F 185 -3.05 48.23 79.85
C LEU F 185 -3.74 49.31 80.67
N SER F 186 -4.98 49.59 80.30
CA SER F 186 -5.84 50.52 81.01
C SER F 186 -7.11 49.80 81.45
N SER F 187 -7.60 50.16 82.63
CA SER F 187 -8.92 49.79 83.11
C SER F 187 -9.68 51.08 83.35
N VAL F 188 -10.90 51.15 82.81
CA VAL F 188 -11.73 52.34 82.92
C VAL F 188 -13.11 51.96 83.43
N VAL F 189 -13.82 52.95 83.93
CA VAL F 189 -15.19 52.79 84.36
C VAL F 189 -15.91 54.12 84.13
N THR F 190 -17.13 54.03 83.62
CA THR F 190 -17.98 55.20 83.42
C THR F 190 -18.96 55.30 84.58
N VAL F 191 -19.02 56.46 85.21
CA VAL F 191 -19.86 56.68 86.38
C VAL F 191 -20.69 57.94 86.12
N PRO F 192 -21.82 58.08 86.80
CA PRO F 192 -22.55 59.36 86.70
C PRO F 192 -21.68 60.51 87.15
N SER F 193 -21.64 61.57 86.34
CA SER F 193 -20.84 62.73 86.68
C SER F 193 -21.30 63.38 87.98
N SER F 194 -22.55 63.20 88.37
CA SER F 194 -23.05 63.82 89.60
C SER F 194 -22.47 63.17 90.85
N SER F 195 -22.01 61.93 90.75
CA SER F 195 -21.56 61.17 91.90
C SER F 195 -20.05 61.27 92.12
N LEU F 196 -19.37 62.15 91.38
CA LEU F 196 -17.91 62.15 91.36
C LEU F 196 -17.34 62.42 92.73
N GLY F 197 -17.75 63.52 93.36
CA GLY F 197 -17.24 63.87 94.67
C GLY F 197 -17.89 63.17 95.85
N THR F 198 -18.84 62.27 95.62
CA THR F 198 -19.49 61.53 96.70
C THR F 198 -18.99 60.09 96.79
N GLN F 199 -18.99 59.36 95.69
CA GLN F 199 -18.61 57.96 95.68
C GLN F 199 -17.10 57.82 95.43
N THR F 200 -16.44 57.00 96.25
CA THR F 200 -15.00 56.76 96.17
C THR F 200 -14.68 55.65 95.17
N TYR F 201 -13.75 55.93 94.23
CA TYR F 201 -13.36 54.98 93.18
C TYR F 201 -11.89 54.59 93.31
N ILE F 202 -11.65 53.31 93.61
CA ILE F 202 -10.31 52.76 93.79
C ILE F 202 -10.17 51.53 92.89
N CYS F 203 -9.07 51.47 92.13
CA CYS F 203 -8.77 50.30 91.30
C CYS F 203 -7.73 49.44 92.00
N ASN F 204 -7.96 48.12 92.01
CA ASN F 204 -7.10 47.17 92.70
C ASN F 204 -6.30 46.40 91.65
N VAL F 205 -4.99 46.60 91.64
CA VAL F 205 -4.11 45.97 90.66
C VAL F 205 -3.28 44.90 91.36
N ASN F 206 -3.31 43.69 90.83
CA ASN F 206 -2.56 42.57 91.37
C ASN F 206 -1.79 41.90 90.23
N HIS F 207 -0.50 41.68 90.44
CA HIS F 207 0.41 41.07 89.46
C HIS F 207 1.13 39.92 90.15
N LYS F 208 0.58 38.73 90.06
CA LYS F 208 1.14 37.58 90.76
C LYS F 208 2.59 37.26 90.39
N PRO F 209 3.03 37.36 89.13
CA PRO F 209 4.43 37.01 88.83
C PRO F 209 5.45 37.75 89.67
N SER F 210 5.22 39.03 89.97
CA SER F 210 6.15 39.83 90.76
C SER F 210 5.68 40.02 92.19
N ASN F 211 4.58 39.37 92.58
CA ASN F 211 4.04 39.47 93.93
C ASN F 211 3.78 40.94 94.30
N THR F 212 3.16 41.66 93.37
CA THR F 212 2.94 43.10 93.50
C THR F 212 1.45 43.37 93.57
N LYS F 213 1.01 44.02 94.64
CA LYS F 213 -0.38 44.44 94.80
C LYS F 213 -0.40 45.94 95.02
N VAL F 214 -1.20 46.64 94.20
CA VAL F 214 -1.28 48.10 94.25
C VAL F 214 -2.74 48.52 94.30
N ASP F 215 -3.05 49.48 95.18
CA ASP F 215 -4.33 50.16 95.22
C ASP F 215 -4.11 51.65 94.99
N LYS F 216 -4.82 52.20 94.01
CA LYS F 216 -4.67 53.60 93.61
C LYS F 216 -6.04 54.25 93.67
N LYS F 217 -6.17 55.32 94.45
CA LYS F 217 -7.42 56.07 94.47
C LYS F 217 -7.37 57.11 93.36
N VAL F 218 -8.40 57.13 92.52
CA VAL F 218 -8.47 58.03 91.37
C VAL F 218 -9.51 59.11 91.67
N GLU F 219 -9.07 60.36 91.69
CA GLU F 219 -9.93 61.49 92.00
C GLU F 219 -9.69 62.60 90.99
N PRO F 220 -10.66 63.51 90.83
CA PRO F 220 -10.47 64.72 90.02
C PRO F 220 -9.31 65.57 90.53
N ASP G 1 -9.46 -31.08 -46.03
CA ASP G 1 -8.59 -30.32 -46.92
C ASP G 1 -9.32 -29.12 -47.50
N ILE G 2 -8.55 -28.17 -47.99
CA ILE G 2 -9.10 -26.94 -48.54
C ILE G 2 -9.27 -27.12 -50.05
N GLN G 3 -10.51 -26.97 -50.51
CA GLN G 3 -10.82 -27.06 -51.93
C GLN G 3 -10.69 -25.70 -52.58
N MET G 4 -9.98 -25.63 -53.70
CA MET G 4 -9.87 -24.42 -54.51
C MET G 4 -10.72 -24.58 -55.76
N THR G 5 -11.62 -23.62 -55.99
CA THR G 5 -12.54 -23.65 -57.11
C THR G 5 -12.27 -22.46 -58.03
N GLN G 6 -11.83 -22.74 -59.25
CA GLN G 6 -11.55 -21.71 -60.23
C GLN G 6 -12.68 -21.61 -61.24
N SER G 7 -13.04 -20.38 -61.59
CA SER G 7 -14.05 -20.07 -62.59
C SER G 7 -13.58 -18.90 -63.45
N PRO G 8 -13.86 -18.92 -64.76
CA PRO G 8 -14.43 -20.13 -65.36
C PRO G 8 -13.35 -21.14 -65.71
N SER G 9 -13.74 -22.31 -66.21
CA SER G 9 -12.77 -23.29 -66.65
C SER G 9 -11.95 -22.77 -67.82
N SER G 10 -12.61 -22.12 -68.76
CA SER G 10 -11.93 -21.48 -69.88
C SER G 10 -12.68 -20.21 -70.26
N VAL G 11 -11.93 -19.23 -70.76
CA VAL G 11 -12.51 -18.01 -71.30
C VAL G 11 -11.76 -17.62 -72.58
N SER G 12 -12.50 -17.15 -73.59
CA SER G 12 -11.93 -16.59 -74.81
C SER G 12 -11.97 -15.08 -74.72
N THR G 13 -10.85 -14.45 -75.09
CA THR G 13 -10.72 -13.01 -75.01
C THR G 13 -9.93 -12.53 -76.22
N SER G 14 -9.88 -11.20 -76.39
CA SER G 14 -9.10 -10.61 -77.46
C SER G 14 -7.92 -9.85 -76.88
N VAL G 15 -6.90 -9.67 -77.72
CA VAL G 15 -5.72 -8.92 -77.35
C VAL G 15 -6.14 -7.52 -76.93
N GLY G 16 -5.59 -7.05 -75.82
CA GLY G 16 -5.94 -5.75 -75.31
C GLY G 16 -7.10 -5.73 -74.35
N ASP G 17 -7.75 -6.86 -74.14
CA ASP G 17 -8.89 -6.89 -73.23
C ASP G 17 -8.42 -7.02 -71.79
N ARG G 18 -9.28 -6.56 -70.86
CA ARG G 18 -9.13 -6.87 -69.45
C ARG G 18 -9.80 -8.21 -69.17
N VAL G 19 -9.09 -9.10 -68.47
CA VAL G 19 -9.62 -10.41 -68.12
C VAL G 19 -9.49 -10.64 -66.63
N THR G 20 -10.53 -11.19 -66.03
CA THR G 20 -10.57 -11.43 -64.60
C THR G 20 -10.89 -12.89 -64.34
N ILE G 21 -10.01 -13.55 -63.60
CA ILE G 21 -10.15 -14.96 -63.24
C ILE G 21 -10.43 -15.02 -61.75
N THR G 22 -11.30 -15.95 -61.34
CA THR G 22 -11.75 -16.03 -59.97
C THR G 22 -11.37 -17.36 -59.36
N CYS G 23 -11.02 -17.34 -58.08
CA CYS G 23 -10.67 -18.53 -57.30
C CYS G 23 -11.40 -18.44 -55.97
N ARG G 24 -12.04 -19.54 -55.57
CA ARG G 24 -12.78 -19.58 -54.32
C ARG G 24 -12.30 -20.75 -53.46
N ALA G 25 -12.09 -20.47 -52.17
CA ALA G 25 -11.63 -21.47 -51.21
C ALA G 25 -12.80 -21.98 -50.39
N SER G 26 -12.75 -23.28 -50.05
CA SER G 26 -13.81 -23.90 -49.27
C SER G 26 -13.87 -23.38 -47.85
N GLN G 27 -12.84 -22.66 -47.39
CA GLN G 27 -12.84 -22.00 -46.09
C GLN G 27 -11.93 -20.79 -46.17
N ASP G 28 -11.89 -20.02 -45.08
CA ASP G 28 -11.12 -18.79 -45.04
C ASP G 28 -9.64 -19.08 -45.05
N ILE G 29 -8.90 -18.46 -45.98
CA ILE G 29 -7.46 -18.66 -46.09
C ILE G 29 -6.71 -17.34 -45.96
N SER G 30 -7.36 -16.29 -45.46
CA SER G 30 -6.70 -15.01 -45.20
C SER G 30 -6.12 -14.50 -46.52
N ASN G 31 -4.82 -14.20 -46.63
CA ASN G 31 -4.22 -13.75 -47.88
C ASN G 31 -3.23 -14.76 -48.46
N TRP G 32 -3.30 -16.03 -48.02
CA TRP G 32 -2.32 -17.03 -48.43
C TRP G 32 -2.75 -17.64 -49.76
N LEU G 33 -2.59 -16.87 -50.82
CA LEU G 33 -2.99 -17.34 -52.14
C LEU G 33 -1.95 -16.94 -53.17
N ALA G 34 -1.57 -17.88 -54.02
CA ALA G 34 -0.62 -17.63 -55.10
C ALA G 34 -1.28 -17.96 -56.44
N TRP G 35 -0.82 -17.27 -57.49
CA TRP G 35 -1.26 -17.49 -58.87
C TRP G 35 -0.08 -17.89 -59.76
N TYR G 36 -0.33 -18.83 -60.67
CA TYR G 36 0.69 -19.31 -61.59
C TYR G 36 0.17 -19.27 -63.02
N GLN G 37 1.10 -19.11 -63.96
CA GLN G 37 0.82 -19.20 -65.38
C GLN G 37 1.57 -20.39 -65.95
N GLN G 38 0.90 -21.20 -66.78
CA GLN G 38 1.58 -22.31 -67.42
C GLN G 38 1.26 -22.34 -68.90
N LYS G 39 2.29 -22.49 -69.72
CA LYS G 39 2.14 -22.69 -71.14
C LYS G 39 2.42 -24.15 -71.48
N PRO G 40 1.85 -24.64 -72.59
CA PRO G 40 1.95 -26.08 -72.87
C PRO G 40 3.39 -26.54 -72.99
N GLY G 41 3.70 -27.63 -72.29
CA GLY G 41 5.01 -28.23 -72.28
C GLY G 41 6.03 -27.56 -71.37
N LYS G 42 5.62 -26.64 -70.52
CA LYS G 42 6.54 -25.84 -69.74
C LYS G 42 6.17 -25.91 -68.28
N ALA G 43 7.13 -25.56 -67.44
CA ALA G 43 6.87 -25.53 -66.02
C ALA G 43 6.04 -24.30 -65.67
N PRO G 44 5.23 -24.39 -64.62
CA PRO G 44 4.50 -23.21 -64.18
C PRO G 44 5.44 -22.08 -63.79
N LYS G 45 4.93 -20.86 -63.91
CA LYS G 45 5.67 -19.65 -63.55
C LYS G 45 4.84 -18.87 -62.55
N LEU G 46 5.46 -18.45 -61.45
CA LEU G 46 4.76 -17.71 -60.39
C LEU G 46 4.52 -16.26 -60.81
N LEU G 47 3.28 -15.80 -60.64
CA LEU G 47 2.90 -14.41 -60.90
C LEU G 47 2.71 -13.60 -59.62
N ILE G 48 1.94 -14.14 -58.68
CA ILE G 48 1.44 -13.40 -57.53
C ILE G 48 1.52 -14.30 -56.31
N TYR G 49 1.97 -13.77 -55.18
CA TYR G 49 1.86 -14.49 -53.91
C TYR G 49 1.31 -13.52 -52.86
N ASP G 50 0.93 -14.06 -51.71
CA ASP G 50 0.28 -13.27 -50.65
C ASP G 50 -0.95 -12.56 -51.21
N SER G 51 -1.60 -13.19 -52.18
CA SER G 51 -2.85 -12.75 -52.78
C SER G 51 -2.69 -11.55 -53.72
N SER G 52 -1.77 -10.63 -53.43
CA SER G 52 -1.67 -9.41 -54.20
C SER G 52 -0.25 -8.91 -54.45
N THR G 53 0.77 -9.65 -54.03
CA THR G 53 2.15 -9.22 -54.22
C THR G 53 2.70 -9.77 -55.53
N LEU G 54 3.26 -8.87 -56.35
CA LEU G 54 3.73 -9.21 -57.69
C LEU G 54 5.15 -9.78 -57.62
N GLN G 55 5.32 -11.01 -58.10
CA GLN G 55 6.65 -11.61 -58.15
C GLN G 55 7.59 -10.78 -59.02
N SER G 56 8.84 -10.67 -58.58
CA SER G 56 9.85 -9.88 -59.28
C SER G 56 9.97 -10.30 -60.74
N GLY G 57 10.06 -9.31 -61.62
CA GLY G 57 10.13 -9.52 -63.06
C GLY G 57 8.79 -9.69 -63.74
N VAL G 58 7.73 -9.97 -63.00
CA VAL G 58 6.44 -10.22 -63.65
C VAL G 58 5.86 -8.90 -64.17
N PRO G 59 5.28 -8.87 -65.37
CA PRO G 59 4.75 -7.62 -65.94
C PRO G 59 3.66 -7.00 -65.07
N SER G 60 3.65 -5.67 -65.05
CA SER G 60 2.75 -4.94 -64.15
C SER G 60 1.27 -5.11 -64.49
N ARG G 61 0.94 -5.57 -65.70
CA ARG G 61 -0.46 -5.73 -66.06
C ARG G 61 -1.16 -6.86 -65.31
N PHE G 62 -0.41 -7.74 -64.64
CA PHE G 62 -0.98 -8.76 -63.77
C PHE G 62 -1.18 -8.19 -62.37
N SER G 63 -2.38 -8.35 -61.83
CA SER G 63 -2.64 -7.98 -60.44
C SER G 63 -3.56 -9.01 -59.80
N GLY G 64 -3.46 -9.14 -58.48
CA GLY G 64 -4.34 -10.00 -57.71
C GLY G 64 -5.02 -9.22 -56.60
N SER G 65 -6.20 -9.66 -56.22
CA SER G 65 -6.87 -9.06 -55.08
C SER G 65 -7.75 -10.11 -54.42
N GLY G 66 -8.31 -9.73 -53.26
CA GLY G 66 -9.17 -10.62 -52.51
C GLY G 66 -8.61 -10.98 -51.16
N SER G 67 -9.47 -11.48 -50.28
CA SER G 67 -9.07 -11.98 -48.98
C SER G 67 -10.18 -12.85 -48.43
N GLY G 68 -9.79 -13.85 -47.63
CA GLY G 68 -10.76 -14.73 -47.03
C GLY G 68 -11.03 -15.92 -47.90
N THR G 69 -12.12 -15.87 -48.68
CA THR G 69 -12.52 -16.99 -49.52
C THR G 69 -12.55 -16.68 -51.01
N ASP G 70 -12.71 -15.43 -51.41
CA ASP G 70 -12.88 -15.07 -52.80
C ASP G 70 -11.67 -14.28 -53.29
N PHE G 71 -11.12 -14.70 -54.41
CA PHE G 71 -9.90 -14.08 -54.92
C PHE G 71 -10.01 -13.92 -56.43
N THR G 72 -9.31 -12.93 -56.94
CA THR G 72 -9.30 -12.69 -58.38
C THR G 72 -7.89 -12.38 -58.87
N LEU G 73 -7.63 -12.84 -60.08
CA LEU G 73 -6.48 -12.42 -60.87
C LEU G 73 -6.98 -11.60 -62.05
N THR G 74 -6.42 -10.42 -62.24
CA THR G 74 -6.79 -9.54 -63.34
C THR G 74 -5.59 -9.32 -64.25
N ILE G 75 -5.79 -9.53 -65.54
CA ILE G 75 -4.81 -9.18 -66.58
C ILE G 75 -5.38 -7.97 -67.31
N SER G 76 -4.76 -6.82 -67.12
CA SER G 76 -5.42 -5.55 -67.44
C SER G 76 -5.45 -5.27 -68.94
N THR G 77 -4.40 -5.65 -69.67
CA THR G 77 -4.41 -5.43 -71.12
C THR G 77 -3.75 -6.64 -71.77
N LEU G 78 -4.57 -7.64 -72.07
CA LEU G 78 -4.07 -8.95 -72.37
C LEU G 78 -3.24 -8.95 -73.65
N GLN G 79 -2.04 -9.52 -73.57
CA GLN G 79 -1.05 -9.58 -74.63
C GLN G 79 -1.07 -10.96 -75.29
N PRO G 80 -0.59 -11.06 -76.54
CA PRO G 80 -0.58 -12.38 -77.21
C PRO G 80 0.13 -13.46 -76.40
N GLU G 81 1.22 -13.09 -75.73
CA GLU G 81 1.91 -14.06 -74.89
C GLU G 81 1.18 -14.39 -73.60
N ASP G 82 -0.01 -13.82 -73.32
CA ASP G 82 -0.72 -14.15 -72.09
C ASP G 82 -1.75 -15.27 -72.26
N PHE G 83 -2.01 -15.71 -73.48
CA PHE G 83 -2.93 -16.83 -73.67
C PHE G 83 -2.27 -18.10 -73.12
N ALA G 84 -2.85 -18.66 -72.08
CA ALA G 84 -2.23 -19.76 -71.33
C ALA G 84 -3.26 -20.28 -70.33
N THR G 85 -2.82 -21.18 -69.46
CA THR G 85 -3.63 -21.66 -68.36
C THR G 85 -3.13 -21.06 -67.05
N TYR G 86 -4.05 -20.65 -66.18
CA TYR G 86 -3.71 -20.01 -64.92
C TYR G 86 -4.23 -20.83 -63.75
N TYR G 87 -3.41 -20.93 -62.70
CA TYR G 87 -3.72 -21.75 -61.54
C TYR G 87 -3.61 -20.89 -60.29
N CYS G 88 -4.59 -21.01 -59.41
CA CYS G 88 -4.44 -20.51 -58.05
C CYS G 88 -3.99 -21.63 -57.13
N GLN G 89 -3.40 -21.23 -56.00
CA GLN G 89 -2.92 -22.21 -55.04
C GLN G 89 -2.94 -21.62 -53.65
N GLN G 90 -3.53 -22.37 -52.72
CA GLN G 90 -3.69 -21.95 -51.33
C GLN G 90 -2.44 -22.25 -50.52
N PHE G 91 -1.97 -21.27 -49.75
CA PHE G 91 -0.82 -21.42 -48.87
C PHE G 91 -1.22 -21.32 -47.40
N ASN G 92 -2.51 -21.55 -47.10
CA ASN G 92 -2.98 -21.38 -45.74
C ASN G 92 -2.53 -22.53 -44.85
N SER G 93 -2.78 -23.76 -45.28
CA SER G 93 -2.47 -24.90 -44.43
C SER G 93 -2.12 -26.08 -45.31
N TYR G 94 -1.43 -26.99 -44.74
CA TYR G 94 -1.08 -28.19 -45.46
C TYR G 94 -2.17 -29.23 -45.30
N PRO G 95 -2.40 -30.09 -46.31
CA PRO G 95 -1.69 -30.12 -47.60
C PRO G 95 -2.03 -28.94 -48.50
N LEU G 96 -1.04 -28.41 -49.22
CA LEU G 96 -1.29 -27.37 -50.21
C LEU G 96 -2.22 -27.90 -51.30
N THR G 97 -3.02 -27.01 -51.87
CA THR G 97 -3.96 -27.42 -52.92
C THR G 97 -3.99 -26.38 -54.03
N PHE G 98 -4.10 -26.84 -55.27
CA PHE G 98 -4.24 -25.99 -56.44
C PHE G 98 -5.70 -25.95 -56.87
N GLY G 99 -6.09 -24.85 -57.48
CA GLY G 99 -7.34 -24.82 -58.21
C GLY G 99 -7.22 -25.59 -59.51
N GLY G 100 -8.37 -25.79 -60.15
CA GLY G 100 -8.46 -26.59 -61.35
C GLY G 100 -7.88 -25.96 -62.60
N GLY G 101 -7.55 -24.67 -62.56
CA GLY G 101 -6.99 -24.00 -63.71
C GLY G 101 -8.02 -23.32 -64.57
N THR G 102 -7.61 -22.21 -65.20
CA THR G 102 -8.45 -21.51 -66.18
C THR G 102 -7.63 -21.33 -67.44
N LYS G 103 -8.12 -21.87 -68.57
CA LYS G 103 -7.46 -21.72 -69.86
C LYS G 103 -8.00 -20.48 -70.57
N VAL G 104 -7.11 -19.56 -70.93
CA VAL G 104 -7.46 -18.33 -71.64
C VAL G 104 -7.01 -18.49 -73.09
N ASP G 105 -7.96 -18.55 -74.02
CA ASP G 105 -7.63 -18.68 -75.44
C ASP G 105 -8.15 -17.47 -76.22
N ILE G 106 -7.82 -17.44 -77.51
CA ILE G 106 -8.12 -16.29 -78.36
C ILE G 106 -9.55 -16.38 -78.87
N LYS G 107 -10.27 -15.27 -78.76
CA LYS G 107 -11.62 -15.20 -79.32
C LYS G 107 -11.51 -15.01 -80.84
N ARG G 108 -12.45 -15.58 -81.58
CA ARG G 108 -12.55 -15.27 -83.01
C ARG G 108 -13.93 -15.69 -83.52
N THR G 109 -14.10 -15.54 -84.82
CA THR G 109 -15.37 -15.83 -85.49
C THR G 109 -15.79 -17.28 -85.28
N VAL G 110 -17.06 -17.46 -84.94
CA VAL G 110 -17.62 -18.81 -84.84
C VAL G 110 -17.50 -19.48 -86.20
N ALA G 111 -16.86 -20.64 -86.22
CA ALA G 111 -16.64 -21.41 -87.45
C ALA G 111 -17.07 -22.84 -87.19
N ALA G 112 -18.01 -23.32 -88.00
CA ALA G 112 -18.41 -24.71 -87.90
C ALA G 112 -17.27 -25.60 -88.37
N PRO G 113 -17.13 -26.79 -87.81
CA PRO G 113 -16.09 -27.72 -88.28
C PRO G 113 -16.52 -28.38 -89.58
N SER G 114 -15.53 -28.63 -90.43
CA SER G 114 -15.70 -29.55 -91.54
C SER G 114 -15.46 -30.94 -91.00
N VAL G 115 -16.45 -31.83 -91.13
CA VAL G 115 -16.39 -33.16 -90.55
C VAL G 115 -16.07 -34.17 -91.64
N PHE G 116 -15.11 -35.03 -91.38
CA PHE G 116 -14.69 -36.08 -92.29
C PHE G 116 -14.54 -37.38 -91.52
N ILE G 117 -14.96 -38.50 -92.13
CA ILE G 117 -14.85 -39.81 -91.51
C ILE G 117 -14.00 -40.71 -92.40
N PHE G 118 -13.21 -41.57 -91.76
CA PHE G 118 -12.28 -42.46 -92.47
C PHE G 118 -12.48 -43.90 -92.00
N PRO G 119 -12.89 -44.81 -92.88
CA PRO G 119 -13.00 -46.23 -92.50
C PRO G 119 -11.63 -46.82 -92.29
N PRO G 120 -11.53 -47.98 -91.63
CA PRO G 120 -10.22 -48.62 -91.46
C PRO G 120 -9.68 -49.13 -92.78
N SER G 121 -8.38 -48.98 -92.98
CA SER G 121 -7.75 -49.45 -94.19
C SER G 121 -7.70 -50.98 -94.23
N ASP G 122 -7.61 -51.52 -95.45
CA ASP G 122 -7.51 -52.96 -95.60
C ASP G 122 -6.23 -53.50 -94.98
N GLU G 123 -5.16 -52.69 -94.98
CA GLU G 123 -3.92 -53.17 -94.37
C GLU G 123 -4.07 -53.32 -92.86
N GLN G 124 -4.88 -52.47 -92.22
CA GLN G 124 -5.09 -52.65 -90.79
C GLN G 124 -6.01 -53.84 -90.51
N LEU G 125 -7.01 -54.07 -91.37
CA LEU G 125 -7.96 -55.14 -91.14
C LEU G 125 -7.27 -56.51 -91.20
N LYS G 126 -6.29 -56.67 -92.09
CA LYS G 126 -5.55 -57.94 -92.09
C LYS G 126 -4.74 -58.12 -90.82
N SER G 127 -4.44 -57.03 -90.10
CA SER G 127 -3.67 -57.10 -88.87
C SER G 127 -4.50 -57.48 -87.65
N GLY G 128 -5.83 -57.40 -87.73
CA GLY G 128 -6.71 -57.86 -86.66
C GLY G 128 -7.39 -56.78 -85.85
N THR G 129 -7.19 -55.50 -86.18
CA THR G 129 -7.80 -54.40 -85.46
C THR G 129 -8.36 -53.41 -86.47
N ALA G 130 -9.38 -52.67 -86.04
CA ALA G 130 -10.04 -51.68 -86.87
C ALA G 130 -10.09 -50.36 -86.12
N SER G 131 -9.58 -49.31 -86.76
CA SER G 131 -9.62 -47.95 -86.24
C SER G 131 -10.44 -47.10 -87.21
N VAL G 132 -11.54 -46.52 -86.72
CA VAL G 132 -12.32 -45.56 -87.48
C VAL G 132 -11.98 -44.17 -86.97
N VAL G 133 -11.72 -43.24 -87.87
CA VAL G 133 -11.29 -41.89 -87.50
C VAL G 133 -12.31 -40.88 -88.02
N CYS G 134 -12.72 -39.97 -87.14
CA CYS G 134 -13.59 -38.83 -87.45
C CYS G 134 -12.79 -37.55 -87.24
N LEU G 135 -12.76 -36.68 -88.25
CA LEU G 135 -11.97 -35.47 -88.21
C LEU G 135 -12.89 -34.24 -88.17
N LEU G 136 -12.67 -33.38 -87.18
CA LEU G 136 -13.36 -32.10 -87.08
C LEU G 136 -12.31 -31.02 -87.35
N ASN G 137 -12.44 -30.32 -88.47
CA ASN G 137 -11.35 -29.46 -88.97
C ASN G 137 -11.72 -27.99 -88.93
N ASN G 138 -10.83 -27.18 -88.35
CA ASN G 138 -10.89 -25.72 -88.37
C ASN G 138 -12.24 -25.19 -87.88
N PHE G 139 -12.43 -25.32 -86.56
CA PHE G 139 -13.64 -24.85 -85.92
C PHE G 139 -13.30 -23.94 -84.75
N TYR G 140 -14.29 -23.11 -84.37
CA TYR G 140 -14.20 -22.25 -83.20
C TYR G 140 -15.62 -21.97 -82.78
N PRO G 141 -15.95 -21.98 -81.48
CA PRO G 141 -15.09 -22.18 -80.30
C PRO G 141 -14.67 -23.62 -80.05
N ARG G 142 -13.93 -23.82 -78.95
CA ARG G 142 -13.30 -25.12 -78.67
C ARG G 142 -14.32 -26.20 -78.38
N GLU G 143 -15.40 -25.86 -77.70
CA GLU G 143 -16.33 -26.86 -77.19
C GLU G 143 -16.99 -27.60 -78.33
N ALA G 144 -16.81 -28.91 -78.37
CA ALA G 144 -17.41 -29.74 -79.41
C ALA G 144 -17.67 -31.13 -78.82
N LYS G 145 -18.81 -31.70 -79.17
CA LYS G 145 -19.21 -33.03 -78.71
C LYS G 145 -19.16 -33.97 -79.89
N VAL G 146 -18.48 -35.11 -79.72
CA VAL G 146 -18.36 -36.13 -80.77
C VAL G 146 -18.86 -37.44 -80.20
N GLN G 147 -19.86 -38.03 -80.85
CA GLN G 147 -20.44 -39.28 -80.40
C GLN G 147 -20.37 -40.30 -81.53
N TRP G 148 -19.84 -41.48 -81.22
CA TRP G 148 -19.73 -42.56 -82.18
C TRP G 148 -20.97 -43.45 -82.11
N LYS G 149 -21.48 -43.82 -83.28
CA LYS G 149 -22.64 -44.71 -83.38
C LYS G 149 -22.31 -45.86 -84.32
N VAL G 150 -22.47 -47.10 -83.84
CA VAL G 150 -22.26 -48.30 -84.63
C VAL G 150 -23.61 -48.98 -84.76
N ASP G 151 -24.19 -48.93 -85.96
CA ASP G 151 -25.54 -49.42 -86.19
C ASP G 151 -26.54 -48.78 -85.22
N ASN G 152 -26.38 -47.46 -85.05
CA ASN G 152 -27.24 -46.65 -84.17
C ASN G 152 -27.08 -47.02 -82.71
N ALA G 153 -25.91 -47.53 -82.32
CA ALA G 153 -25.59 -47.85 -80.94
C ALA G 153 -24.53 -46.87 -80.47
N LEU G 154 -24.85 -46.10 -79.42
CA LEU G 154 -23.89 -45.16 -78.86
C LEU G 154 -22.72 -45.92 -78.25
N GLN G 155 -21.52 -45.61 -78.71
CA GLN G 155 -20.30 -46.20 -78.19
C GLN G 155 -19.78 -45.38 -77.02
N SER G 156 -19.30 -46.06 -75.99
CA SER G 156 -18.64 -45.40 -74.88
C SER G 156 -17.45 -46.22 -74.44
N GLY G 157 -16.34 -45.55 -74.17
CA GLY G 157 -15.16 -46.19 -73.64
C GLY G 157 -14.22 -46.80 -74.63
N ASN G 158 -14.52 -46.75 -75.94
CA ASN G 158 -13.66 -47.33 -76.96
C ASN G 158 -13.18 -46.27 -77.96
N SER G 159 -13.07 -45.02 -77.52
CA SER G 159 -12.60 -43.97 -78.39
C SER G 159 -11.78 -42.98 -77.58
N GLN G 160 -10.82 -42.35 -78.24
CA GLN G 160 -10.01 -41.28 -77.67
C GLN G 160 -10.02 -40.08 -78.62
N GLU G 161 -9.88 -38.89 -78.05
CA GLU G 161 -9.90 -37.64 -78.80
C GLU G 161 -8.57 -36.92 -78.67
N SER G 162 -8.26 -36.10 -79.66
CA SER G 162 -7.00 -35.37 -79.68
C SER G 162 -7.26 -34.04 -80.39
N VAL G 163 -6.66 -32.97 -79.90
CA VAL G 163 -6.90 -31.62 -80.39
C VAL G 163 -5.57 -30.92 -80.69
N THR G 164 -5.58 -30.05 -81.69
CA THR G 164 -4.40 -29.26 -81.99
C THR G 164 -4.35 -28.03 -81.08
N GLU G 165 -3.20 -27.37 -81.08
CA GLU G 165 -3.14 -26.07 -80.45
C GLU G 165 -3.94 -25.07 -81.28
N GLN G 166 -4.38 -24.00 -80.64
CA GLN G 166 -5.18 -22.99 -81.33
C GLN G 166 -4.34 -22.32 -82.41
N ASP G 167 -4.89 -22.26 -83.63
CA ASP G 167 -4.24 -21.55 -84.72
C ASP G 167 -4.14 -20.07 -84.40
N SER G 168 -2.93 -19.53 -84.41
CA SER G 168 -2.67 -18.15 -84.00
C SER G 168 -3.27 -17.11 -84.95
N LYS G 169 -3.79 -17.51 -86.10
CA LYS G 169 -4.30 -16.58 -87.11
C LYS G 169 -5.81 -16.46 -87.15
N ASP G 170 -6.52 -17.59 -87.24
CA ASP G 170 -7.98 -17.58 -87.26
C ASP G 170 -8.56 -18.15 -85.98
N SER G 171 -7.73 -18.43 -84.99
CA SER G 171 -8.15 -18.89 -83.67
C SER G 171 -8.94 -20.20 -83.72
N THR G 172 -8.69 -21.05 -84.72
CA THR G 172 -9.46 -22.27 -84.85
C THR G 172 -8.71 -23.46 -84.30
N TYR G 173 -9.45 -24.55 -84.09
CA TYR G 173 -8.97 -25.82 -83.57
C TYR G 173 -9.26 -26.91 -84.59
N SER G 174 -8.56 -28.03 -84.43
CA SER G 174 -8.89 -29.24 -85.16
C SER G 174 -8.86 -30.41 -84.18
N LEU G 175 -9.74 -31.37 -84.43
CA LEU G 175 -9.93 -32.48 -83.51
C LEU G 175 -10.03 -33.79 -84.30
N SER G 176 -9.42 -34.84 -83.76
CA SER G 176 -9.57 -36.19 -84.29
C SER G 176 -10.11 -37.07 -83.19
N SER G 177 -11.13 -37.85 -83.51
CA SER G 177 -11.67 -38.88 -82.63
C SER G 177 -11.47 -40.22 -83.29
N THR G 178 -10.83 -41.15 -82.59
CA THR G 178 -10.52 -42.46 -83.13
C THR G 178 -11.32 -43.52 -82.38
N LEU G 179 -12.14 -44.27 -83.10
CA LEU G 179 -12.88 -45.40 -82.55
C LEU G 179 -12.10 -46.69 -82.78
N THR G 180 -11.95 -47.50 -81.73
CA THR G 180 -11.14 -48.71 -81.81
C THR G 180 -12.02 -49.92 -81.55
N LEU G 181 -12.06 -50.83 -82.52
CA LEU G 181 -12.82 -52.07 -82.42
C LEU G 181 -11.93 -53.24 -82.80
N SER G 182 -12.39 -54.43 -82.46
CA SER G 182 -11.77 -55.61 -83.01
C SER G 182 -12.20 -55.76 -84.47
N LYS G 183 -11.37 -56.47 -85.25
CA LYS G 183 -11.77 -56.76 -86.62
C LYS G 183 -13.08 -57.55 -86.63
N ALA G 184 -13.21 -58.49 -85.70
CA ALA G 184 -14.41 -59.32 -85.63
C ALA G 184 -15.65 -58.47 -85.39
N ASP G 185 -15.59 -57.56 -84.40
CA ASP G 185 -16.75 -56.71 -84.16
C ASP G 185 -16.99 -55.77 -85.33
N TYR G 186 -15.92 -55.30 -85.98
CA TYR G 186 -16.09 -54.36 -87.09
C TYR G 186 -16.85 -55.01 -88.24
N GLU G 187 -16.47 -56.22 -88.61
CA GLU G 187 -17.16 -56.91 -89.69
C GLU G 187 -18.53 -57.44 -89.27
N LYS G 188 -18.95 -57.20 -88.03
CA LYS G 188 -20.28 -57.58 -87.60
C LYS G 188 -21.34 -56.53 -87.89
N HIS G 189 -20.93 -55.29 -88.19
CA HIS G 189 -21.86 -54.18 -88.31
C HIS G 189 -21.63 -53.44 -89.61
N LYS G 190 -22.58 -52.59 -89.96
CA LYS G 190 -22.64 -51.94 -91.27
C LYS G 190 -22.47 -50.44 -91.20
N VAL G 191 -23.28 -49.74 -90.40
CA VAL G 191 -23.32 -48.29 -90.40
C VAL G 191 -22.38 -47.78 -89.32
N TYR G 192 -21.43 -46.96 -89.71
CA TYR G 192 -20.48 -46.34 -88.79
C TYR G 192 -20.59 -44.84 -88.93
N ALA G 193 -20.94 -44.16 -87.83
CA ALA G 193 -21.18 -42.73 -87.89
C ALA G 193 -20.62 -42.02 -86.66
N CYS G 194 -20.19 -40.78 -86.88
CA CYS G 194 -19.82 -39.87 -85.80
C CYS G 194 -20.72 -38.65 -85.88
N GLU G 195 -21.40 -38.36 -84.78
CA GLU G 195 -22.32 -37.25 -84.65
C GLU G 195 -21.63 -36.12 -83.92
N VAL G 196 -21.59 -34.94 -84.55
CA VAL G 196 -20.87 -33.78 -84.03
C VAL G 196 -21.87 -32.74 -83.55
N THR G 197 -21.70 -32.28 -82.33
CA THR G 197 -22.46 -31.17 -81.78
C THR G 197 -21.54 -29.96 -81.66
N HIS G 198 -21.89 -28.86 -82.34
CA HIS G 198 -21.08 -27.65 -82.23
C HIS G 198 -21.95 -26.41 -82.33
N GLN G 199 -21.54 -25.37 -81.60
CA GLN G 199 -22.26 -24.10 -81.56
C GLN G 199 -22.53 -23.52 -82.95
N GLY G 200 -21.62 -23.72 -83.90
CA GLY G 200 -21.74 -23.19 -85.23
C GLY G 200 -22.65 -23.96 -86.16
N LEU G 201 -23.36 -24.96 -85.65
CA LEU G 201 -24.23 -25.82 -86.44
C LEU G 201 -25.66 -25.66 -85.96
N SER G 202 -26.59 -25.53 -86.92
CA SER G 202 -28.01 -25.51 -86.57
C SER G 202 -28.41 -26.82 -85.88
N SER G 203 -27.99 -27.94 -86.45
CA SER G 203 -28.33 -29.26 -85.97
C SER G 203 -27.07 -30.10 -85.88
N PRO G 204 -27.05 -31.09 -85.01
CA PRO G 204 -25.91 -32.02 -84.98
C PRO G 204 -25.64 -32.67 -86.34
N VAL G 205 -24.43 -32.48 -86.88
CA VAL G 205 -24.04 -33.08 -88.15
C VAL G 205 -23.56 -34.51 -87.93
N THR G 206 -24.02 -35.41 -88.81
CA THR G 206 -23.68 -36.83 -88.74
C THR G 206 -23.00 -37.26 -90.04
N LYS G 207 -21.75 -37.69 -89.93
CA LYS G 207 -21.01 -38.30 -91.03
C LYS G 207 -20.97 -39.81 -90.85
N SER G 208 -21.41 -40.55 -91.86
CA SER G 208 -21.53 -41.99 -91.75
C SER G 208 -20.96 -42.64 -93.00
N PHE G 209 -20.75 -43.95 -92.91
CA PHE G 209 -20.42 -44.76 -94.06
C PHE G 209 -20.90 -46.17 -93.77
N ASN G 210 -21.08 -46.95 -94.83
CA ASN G 210 -21.45 -48.35 -94.72
C ASN G 210 -20.24 -49.20 -95.07
N ARG G 211 -19.91 -50.14 -94.18
CA ARG G 211 -18.77 -51.03 -94.38
C ARG G 211 -18.93 -51.79 -95.69
N GLY G 212 -18.00 -51.58 -96.62
CA GLY G 212 -18.03 -52.18 -97.94
C GLY G 212 -18.93 -51.45 -98.93
N ASP H 1 2.51 35.41 44.15
CA ASP H 1 1.67 34.79 45.18
C ASP H 1 0.22 35.18 45.00
N ILE H 2 -0.67 34.37 45.57
CA ILE H 2 -2.11 34.56 45.44
C ILE H 2 -2.61 35.34 46.65
N GLN H 3 -3.22 36.49 46.40
CA GLN H 3 -3.81 37.31 47.46
C GLN H 3 -5.26 36.92 47.66
N MET H 4 -5.63 36.66 48.92
CA MET H 4 -7.01 36.39 49.31
C MET H 4 -7.56 37.61 50.03
N THR H 5 -8.70 38.11 49.57
CA THR H 5 -9.32 39.31 50.11
C THR H 5 -10.68 38.95 50.67
N GLN H 6 -10.88 39.15 51.97
CA GLN H 6 -12.16 38.86 52.59
C GLN H 6 -12.90 40.15 52.88
N SER H 7 -14.19 40.13 52.61
CA SER H 7 -15.05 41.28 52.88
C SER H 7 -16.37 40.80 53.47
N PRO H 8 -16.96 41.59 54.37
CA PRO H 8 -16.30 42.77 54.94
C PRO H 8 -15.43 42.34 56.10
N SER H 9 -14.74 43.28 56.76
CA SER H 9 -13.95 42.94 57.93
C SER H 9 -14.83 42.35 59.03
N SER H 10 -16.01 42.94 59.24
CA SER H 10 -16.97 42.40 60.19
C SER H 10 -18.37 42.57 59.64
N VAL H 11 -19.23 41.62 59.98
CA VAL H 11 -20.65 41.65 59.64
C VAL H 11 -21.42 41.28 60.90
N SER H 12 -22.49 42.00 61.14
CA SER H 12 -23.33 41.74 62.28
C SER H 12 -24.62 41.06 61.86
N THR H 13 -25.01 40.05 62.62
CA THR H 13 -26.25 39.35 62.34
C THR H 13 -26.88 39.00 63.67
N SER H 14 -28.10 38.47 63.63
CA SER H 14 -28.82 38.06 64.82
C SER H 14 -29.01 36.55 64.81
N VAL H 15 -29.26 35.99 66.00
CA VAL H 15 -29.48 34.56 66.12
C VAL H 15 -30.66 34.17 65.24
N GLY H 16 -30.49 33.09 64.47
CA GLY H 16 -31.52 32.64 63.57
C GLY H 16 -31.48 33.23 62.17
N ASP H 17 -30.61 34.20 61.93
CA ASP H 17 -30.47 34.83 60.62
C ASP H 17 -29.49 34.07 59.74
N ARG H 18 -29.66 34.25 58.44
CA ARG H 18 -28.68 33.83 57.45
C ARG H 18 -27.61 34.90 57.29
N VAL H 19 -26.34 34.51 57.31
CA VAL H 19 -25.25 35.44 57.07
C VAL H 19 -24.37 34.86 55.97
N THR H 20 -23.93 35.72 55.04
CA THR H 20 -23.07 35.29 53.93
C THR H 20 -21.79 36.13 53.90
N ILE H 21 -20.65 35.44 53.89
CA ILE H 21 -19.29 35.99 53.95
C ILE H 21 -18.64 35.77 52.58
N THR H 22 -17.76 36.68 52.18
CA THR H 22 -17.14 36.66 50.86
C THR H 22 -15.62 36.55 50.91
N CYS H 23 -15.06 35.81 49.95
CA CYS H 23 -13.62 35.67 49.77
C CYS H 23 -13.31 35.80 48.28
N ARG H 24 -12.28 36.58 47.95
CA ARG H 24 -11.87 36.75 46.55
C ARG H 24 -10.39 36.48 46.40
N ALA H 25 -10.04 35.74 45.34
CA ALA H 25 -8.66 35.39 45.02
C ALA H 25 -8.15 36.30 43.91
N SER H 26 -6.86 36.66 43.99
CA SER H 26 -6.26 37.49 42.96
C SER H 26 -6.09 36.76 41.65
N GLN H 27 -6.14 35.42 41.66
CA GLN H 27 -6.04 34.60 40.46
CA GLN H 27 -6.10 34.64 40.44
C GLN H 27 -7.04 33.46 40.57
N ASP H 28 -7.43 32.91 39.42
CA ASP H 28 -8.28 31.73 39.42
C ASP H 28 -7.64 30.61 40.22
N ILE H 29 -8.38 30.08 41.20
CA ILE H 29 -7.92 28.99 42.04
C ILE H 29 -8.84 27.79 41.96
N SER H 30 -9.73 27.75 40.96
CA SER H 30 -10.63 26.63 40.70
C SER H 30 -11.50 26.41 41.94
N ASN H 31 -11.49 25.23 42.55
CA ASN H 31 -12.25 24.92 43.76
C ASN H 31 -11.38 24.68 44.97
N TRP H 32 -10.13 25.15 44.93
CA TRP H 32 -9.20 24.87 46.03
C TRP H 32 -9.35 25.93 47.12
N LEU H 33 -10.46 25.86 47.84
CA LEU H 33 -10.66 26.86 48.89
C LEU H 33 -11.24 26.21 50.13
N ALA H 34 -10.67 26.56 51.29
CA ALA H 34 -11.13 26.07 52.58
C ALA H 34 -11.56 27.23 53.47
N TRP H 35 -12.51 26.95 54.36
CA TRP H 35 -13.00 27.92 55.34
C TRP H 35 -12.78 27.40 56.76
N TYR H 36 -12.37 28.31 57.64
CA TYR H 36 -12.07 28.00 59.04
C TYR H 36 -12.86 28.90 59.96
N GLN H 37 -13.11 28.41 61.18
CA GLN H 37 -13.73 29.17 62.24
C GLN H 37 -12.76 29.29 63.41
N GLN H 38 -12.58 30.49 63.94
CA GLN H 38 -11.71 30.68 65.09
C GLN H 38 -12.39 31.54 66.14
N LYS H 39 -12.34 31.08 67.38
CA LYS H 39 -12.81 31.81 68.54
C LYS H 39 -11.61 32.31 69.33
N PRO H 40 -11.79 33.37 70.12
CA PRO H 40 -10.64 34.00 70.79
C PRO H 40 -9.90 33.01 71.69
N GLY H 41 -8.57 32.99 71.53
CA GLY H 41 -7.72 32.13 72.33
C GLY H 41 -7.71 30.67 71.95
N LYS H 42 -8.31 30.30 70.82
CA LYS H 42 -8.46 28.91 70.46
C LYS H 42 -7.92 28.69 69.06
N ALA H 43 -7.58 27.46 68.78
CA ALA H 43 -7.07 27.15 67.45
C ALA H 43 -8.21 27.12 66.44
N PRO H 44 -7.91 27.42 65.17
CA PRO H 44 -8.93 27.32 64.11
C PRO H 44 -9.47 25.91 63.96
N LYS H 45 -10.69 25.86 63.45
CA LYS H 45 -11.40 24.63 63.19
C LYS H 45 -11.84 24.63 61.73
N LEU H 46 -11.58 23.53 61.03
CA LEU H 46 -11.92 23.45 59.61
C LEU H 46 -13.42 23.26 59.41
N LEU H 47 -14.01 24.06 58.54
CA LEU H 47 -15.42 23.90 58.21
C LEU H 47 -15.65 23.27 56.85
N ILE H 48 -14.99 23.79 55.82
CA ILE H 48 -15.26 23.49 54.43
C ILE H 48 -13.94 23.34 53.71
N TYR H 49 -13.84 22.35 52.81
CA TYR H 49 -12.72 22.31 51.89
C TYR H 49 -13.25 22.03 50.48
N ASP H 50 -12.39 22.17 49.47
CA ASP H 50 -12.79 22.04 48.07
C ASP H 50 -13.98 22.97 47.76
N SER H 51 -14.02 24.13 48.44
CA SER H 51 -14.96 25.23 48.26
C SER H 51 -16.38 24.92 48.76
N SER H 52 -16.80 23.66 48.69
CA SER H 52 -18.16 23.33 49.09
C SER H 52 -18.29 22.01 49.85
N THR H 53 -17.21 21.33 50.19
CA THR H 53 -17.30 20.04 50.88
C THR H 53 -17.28 20.25 52.38
N LEU H 54 -18.26 19.68 53.07
CA LEU H 54 -18.41 19.87 54.51
C LEU H 54 -17.53 18.89 55.28
N GLN H 55 -16.62 19.42 56.09
CA GLN H 55 -15.79 18.60 56.94
C GLN H 55 -16.65 17.79 57.89
N SER H 56 -16.26 16.53 58.10
CA SER H 56 -16.98 15.61 58.95
C SER H 56 -17.21 16.19 60.34
N GLY H 57 -18.42 16.03 60.86
CA GLY H 57 -18.79 16.56 62.17
C GLY H 57 -19.23 18.02 62.19
N VAL H 58 -18.92 18.80 61.17
CA VAL H 58 -19.28 20.22 61.17
C VAL H 58 -20.78 20.38 60.94
N PRO H 59 -21.46 21.31 61.62
CA PRO H 59 -22.90 21.45 61.44
C PRO H 59 -23.27 21.79 59.99
N SER H 60 -24.38 21.22 59.54
CA SER H 60 -24.81 21.36 58.15
C SER H 60 -25.21 22.79 57.79
N ARG H 61 -25.47 23.65 58.78
CA ARG H 61 -25.83 25.03 58.47
C ARG H 61 -24.68 25.83 57.86
N PHE H 62 -23.45 25.33 57.90
CA PHE H 62 -22.35 25.96 57.16
C PHE H 62 -22.31 25.39 55.75
N SER H 63 -22.30 26.27 54.74
CA SER H 63 -22.09 25.85 53.36
C SER H 63 -21.19 26.87 52.66
N GLY H 64 -20.45 26.37 51.68
CA GLY H 64 -19.62 27.21 50.84
C GLY H 64 -20.00 27.04 49.37
N SER H 65 -19.75 28.09 48.59
CA SER H 65 -19.97 28.00 47.16
C SER H 65 -18.98 28.89 46.45
N GLY H 66 -18.98 28.82 45.12
CA GLY H 66 -18.09 29.62 44.32
C GLY H 66 -17.09 28.78 43.56
N SER H 67 -16.51 29.38 42.53
CA SER H 67 -15.48 28.79 41.71
C SER H 67 -14.70 29.91 41.05
N GLY H 68 -13.41 29.67 40.82
CA GLY H 68 -12.59 30.63 40.12
C GLY H 68 -11.97 31.64 41.06
N THR H 69 -12.62 32.80 41.19
CA THR H 69 -12.09 33.88 42.02
C THR H 69 -13.01 34.29 43.16
N ASP H 70 -14.31 34.07 43.04
CA ASP H 70 -15.30 34.55 44.02
C ASP H 70 -15.93 33.40 44.78
N PHE H 71 -15.89 33.47 46.10
CA PHE H 71 -16.35 32.39 46.96
C PHE H 71 -17.14 32.96 48.12
N THR H 72 -18.07 32.16 48.63
CA THR H 72 -18.88 32.57 49.78
C THR H 72 -19.01 31.44 50.79
N LEU H 73 -19.11 31.85 52.06
CA LEU H 73 -19.52 30.99 53.16
C LEU H 73 -20.87 31.48 53.68
N THR H 74 -21.84 30.58 53.79
CA THR H 74 -23.16 30.94 54.29
C THR H 74 -23.45 30.15 55.56
N ILE H 75 -23.90 30.85 56.61
CA ILE H 75 -24.43 30.23 57.82
C ILE H 75 -25.93 30.43 57.78
N SER H 76 -26.67 29.34 57.58
CA SER H 76 -28.08 29.45 57.18
C SER H 76 -29.00 29.82 58.34
N THR H 77 -28.74 29.34 59.56
CA THR H 77 -29.57 29.67 60.73
C THR H 77 -28.62 29.88 61.91
N LEU H 78 -28.12 31.10 62.04
CA LEU H 78 -26.98 31.32 62.92
C LEU H 78 -27.32 31.03 64.38
N GLN H 79 -26.47 30.26 65.01
CA GLN H 79 -26.59 29.88 66.40
C GLN H 79 -25.68 30.75 67.25
N PRO H 80 -26.01 30.95 68.54
CA PRO H 80 -25.16 31.82 69.38
C PRO H 80 -23.71 31.38 69.42
N GLU H 81 -23.43 30.07 69.32
CA GLU H 81 -22.06 29.56 69.26
C GLU H 81 -21.38 29.79 67.92
N ASP H 82 -22.04 30.45 66.95
CA ASP H 82 -21.40 30.72 65.66
C ASP H 82 -20.72 32.09 65.59
N PHE H 83 -20.86 32.94 66.61
CA PHE H 83 -20.19 34.24 66.61
C PHE H 83 -18.69 34.01 66.79
N ALA H 84 -17.91 34.36 65.77
CA ALA H 84 -16.48 34.04 65.72
C ALA H 84 -15.89 34.80 64.54
N THR H 85 -14.61 34.54 64.26
CA THR H 85 -13.95 35.07 63.09
C THR H 85 -13.74 33.92 62.11
N TYR H 86 -13.99 34.17 60.82
CA TYR H 86 -13.93 33.14 59.79
C TYR H 86 -12.86 33.51 58.78
N TYR H 87 -12.11 32.50 58.34
CA TYR H 87 -10.99 32.67 57.42
C TYR H 87 -11.18 31.76 56.20
N CYS H 88 -10.93 32.29 55.02
CA CYS H 88 -10.76 31.45 53.84
C CYS H 88 -9.28 31.18 53.61
N GLN H 89 -9.02 30.09 52.88
CA GLN H 89 -7.63 29.71 52.63
C GLN H 89 -7.53 29.02 51.29
N GLN H 90 -6.58 29.47 50.50
CA GLN H 90 -6.37 29.00 49.13
C GLN H 90 -5.49 27.75 49.14
N PHE H 91 -5.94 26.68 48.48
CA PHE H 91 -5.16 25.46 48.34
C PHE H 91 -4.73 25.20 46.89
N ASN H 92 -4.73 26.24 46.05
CA ASN H 92 -4.43 26.07 44.64
C ASN H 92 -2.95 25.82 44.40
N SER H 93 -2.09 26.63 45.01
CA SER H 93 -0.66 26.51 44.74
C SER H 93 0.11 27.01 45.95
N TYR H 94 1.31 26.58 46.06
CA TYR H 94 2.13 27.03 47.17
C TYR H 94 2.86 28.31 46.80
N PRO H 95 3.13 29.22 47.75
CA PRO H 95 2.77 29.14 49.18
C PRO H 95 1.28 29.31 49.49
N LEU H 96 0.78 28.53 50.45
CA LEU H 96 -0.61 28.68 50.86
C LEU H 96 -0.82 30.09 51.40
N THR H 97 -2.04 30.60 51.27
CA THR H 97 -2.34 31.95 51.72
C THR H 97 -3.74 32.00 52.34
N PHE H 98 -3.88 32.77 53.42
CA PHE H 98 -5.16 32.95 54.10
C PHE H 98 -5.75 34.32 53.75
N GLY H 99 -7.08 34.39 53.79
CA GLY H 99 -7.72 35.69 53.79
C GLY H 99 -7.55 36.39 55.13
N GLY H 100 -7.89 37.68 55.15
CA GLY H 100 -7.68 38.48 56.34
C GLY H 100 -8.62 38.17 57.49
N GLY H 101 -9.69 37.43 57.23
CA GLY H 101 -10.68 37.08 58.23
C GLY H 101 -11.86 38.04 58.22
N THR H 102 -13.04 37.51 58.57
CA THR H 102 -14.25 38.29 58.77
C THR H 102 -14.83 37.92 60.12
N LYS H 103 -15.04 38.92 60.96
CA LYS H 103 -15.62 38.73 62.29
C LYS H 103 -17.15 38.83 62.20
N VAL H 104 -17.84 37.80 62.68
CA VAL H 104 -19.29 37.78 62.74
C VAL H 104 -19.66 38.08 64.19
N ASP H 105 -20.24 39.25 64.42
CA ASP H 105 -20.57 39.71 65.77
C ASP H 105 -22.07 39.97 65.94
N ILE H 106 -22.44 40.34 67.17
CA ILE H 106 -23.84 40.50 67.56
C ILE H 106 -24.36 41.85 67.10
N LYS H 107 -25.55 41.87 66.51
CA LYS H 107 -26.19 43.10 66.06
C LYS H 107 -26.86 43.86 67.21
N ARG H 108 -26.86 45.20 67.09
CA ARG H 108 -27.66 46.06 67.98
C ARG H 108 -27.79 47.45 67.35
N THR H 109 -28.49 48.33 68.06
CA THR H 109 -28.70 49.70 67.63
C THR H 109 -27.36 50.39 67.43
N VAL H 110 -27.20 51.08 66.31
CA VAL H 110 -25.99 51.87 66.11
C VAL H 110 -25.88 52.88 67.23
N ALA H 111 -24.74 52.88 67.91
CA ALA H 111 -24.50 53.78 69.03
C ALA H 111 -23.19 54.50 68.79
N ALA H 112 -23.25 55.82 68.76
CA ALA H 112 -22.05 56.61 68.60
C ALA H 112 -21.13 56.39 69.79
N PRO H 113 -19.82 56.47 69.60
CA PRO H 113 -18.91 56.31 70.74
C PRO H 113 -18.89 57.55 71.60
N SER H 114 -18.78 57.33 72.91
CA SER H 114 -18.47 58.39 73.86
C SER H 114 -16.96 58.54 73.91
N VAL H 115 -16.45 59.72 73.57
CA VAL H 115 -15.02 59.96 73.47
C VAL H 115 -14.56 60.74 74.70
N PHE H 116 -13.51 60.24 75.36
CA PHE H 116 -12.89 60.86 76.53
C PHE H 116 -11.38 60.88 76.32
N ILE H 117 -10.75 61.99 76.70
CA ILE H 117 -9.30 62.13 76.59
C ILE H 117 -8.73 62.36 77.99
N PHE H 118 -7.58 61.74 78.25
CA PHE H 118 -6.95 61.77 79.57
C PHE H 118 -5.50 62.20 79.43
N PRO H 119 -5.11 63.34 79.99
CA PRO H 119 -3.70 63.73 80.00
C PRO H 119 -2.90 62.84 80.93
N PRO H 120 -1.57 62.85 80.82
CA PRO H 120 -0.76 62.04 81.74
C PRO H 120 -0.78 62.60 83.15
N SER H 121 -0.80 61.70 84.13
CA SER H 121 -0.77 62.08 85.53
C SER H 121 0.58 62.67 85.88
N ASP H 122 0.59 63.49 86.94
CA ASP H 122 1.83 64.14 87.36
C ASP H 122 2.85 63.13 87.88
N GLU H 123 2.40 62.05 88.49
CA GLU H 123 3.35 61.05 88.98
C GLU H 123 4.08 60.34 87.84
N GLN H 124 3.43 60.20 86.68
CA GLN H 124 4.08 59.62 85.52
C GLN H 124 5.03 60.61 84.86
N LEU H 125 4.67 61.91 84.87
CA LEU H 125 5.50 62.92 84.21
C LEU H 125 6.85 63.08 84.88
N LYS H 126 6.89 62.98 86.22
CA LYS H 126 8.17 63.06 86.93
C LYS H 126 9.08 61.87 86.63
N SER H 127 8.52 60.75 86.17
CA SER H 127 9.32 59.58 85.84
C SER H 127 9.94 59.67 84.46
N GLY H 128 9.55 60.63 83.63
CA GLY H 128 10.19 60.87 82.35
C GLY H 128 9.37 60.49 81.13
N THR H 129 8.15 60.00 81.30
CA THR H 129 7.33 59.60 80.16
C THR H 129 5.91 60.12 80.33
N ALA H 130 5.24 60.34 79.21
CA ALA H 130 3.88 60.84 79.18
C ALA H 130 3.02 59.92 78.33
N SER H 131 1.92 59.44 78.89
CA SER H 131 0.96 58.63 78.17
C SER H 131 -0.36 59.40 78.11
N VAL H 132 -0.79 59.73 76.91
CA VAL H 132 -2.08 60.36 76.68
C VAL H 132 -3.03 59.29 76.21
N VAL H 133 -4.21 59.23 76.81
CA VAL H 133 -5.17 58.17 76.54
C VAL H 133 -6.44 58.77 75.95
N CYS H 134 -6.94 58.16 74.88
CA CYS H 134 -8.22 58.51 74.27
C CYS H 134 -9.12 57.29 74.40
N LEU H 135 -10.31 57.48 75.00
CA LEU H 135 -11.24 56.39 75.27
C LEU H 135 -12.47 56.53 74.40
N LEU H 136 -12.79 55.48 73.66
CA LEU H 136 -14.00 55.37 72.86
C LEU H 136 -14.89 54.34 73.54
N ASN H 137 -16.03 54.76 74.09
CA ASN H 137 -16.79 53.91 74.98
C ASN H 137 -18.13 53.51 74.35
N ASN H 138 -18.41 52.20 74.37
CA ASN H 138 -19.70 51.61 74.02
C ASN H 138 -20.23 52.15 72.69
N PHE H 139 -19.60 51.67 71.62
CA PHE H 139 -20.00 52.06 70.28
C PHE H 139 -20.26 50.82 69.46
N TYR H 140 -21.05 51.00 68.42
CA TYR H 140 -21.34 49.94 67.50
C TYR H 140 -21.77 50.56 66.19
N PRO H 141 -21.32 50.04 65.04
CA PRO H 141 -20.47 48.85 64.83
C PRO H 141 -19.00 49.05 65.17
N ARG H 142 -18.23 48.00 64.86
CA ARG H 142 -16.83 47.90 65.28
C ARG H 142 -15.95 48.97 64.65
N GLU H 143 -16.26 49.38 63.42
CA GLU H 143 -15.36 50.22 62.64
C GLU H 143 -15.23 51.60 63.26
N ALA H 144 -14.00 51.98 63.62
CA ALA H 144 -13.73 53.29 64.18
C ALA H 144 -12.28 53.68 63.91
N LYS H 145 -12.08 54.95 63.55
CA LYS H 145 -10.75 55.51 63.32
C LYS H 145 -10.46 56.58 64.38
N VAL H 146 -9.23 56.54 64.91
CA VAL H 146 -8.76 57.46 65.93
C VAL H 146 -7.53 58.19 65.38
N GLN H 147 -7.58 59.52 65.40
CA GLN H 147 -6.48 60.34 64.90
C GLN H 147 -5.99 61.25 66.02
N TRP H 148 -4.68 61.20 66.28
CA TRP H 148 -4.04 62.07 67.26
C TRP H 148 -3.51 63.32 66.56
N LYS H 149 -3.75 64.48 67.16
CA LYS H 149 -3.26 65.76 66.65
C LYS H 149 -2.58 66.50 67.78
N VAL H 150 -1.32 66.85 67.57
CA VAL H 150 -0.53 67.63 68.54
C VAL H 150 -0.23 68.97 67.90
N ASP H 151 -0.93 70.02 68.34
CA ASP H 151 -0.84 71.36 67.74
C ASP H 151 -1.16 71.32 66.24
N ASN H 152 -2.23 70.60 65.90
CA ASN H 152 -2.72 70.43 64.52
C ASN H 152 -1.74 69.63 63.65
N ALA H 153 -0.91 68.80 64.28
CA ALA H 153 0.01 67.92 63.55
C ALA H 153 -0.45 66.48 63.72
N LEU H 154 -0.73 65.82 62.61
CA LEU H 154 -1.16 64.43 62.64
C LEU H 154 -0.04 63.55 63.17
N GLN H 155 -0.32 62.79 64.21
CA GLN H 155 0.65 61.86 64.78
C GLN H 155 0.56 60.51 64.06
N SER H 156 1.71 59.91 63.81
CA SER H 156 1.77 58.58 63.24
C SER H 156 2.90 57.79 63.88
N GLY H 157 2.62 56.52 64.23
CA GLY H 157 3.62 55.62 64.73
C GLY H 157 3.91 55.71 66.21
N ASN H 158 3.27 56.63 66.92
CA ASN H 158 3.51 56.82 68.35
C ASN H 158 2.26 56.55 69.17
N SER H 159 1.43 55.62 68.69
CA SER H 159 0.20 55.24 69.37
C SER H 159 -0.06 53.76 69.18
N GLN H 160 -0.68 53.15 70.19
CA GLN H 160 -1.15 51.77 70.13
C GLN H 160 -2.61 51.74 70.56
N GLU H 161 -3.36 50.80 69.99
CA GLU H 161 -4.79 50.69 70.27
C GLU H 161 -5.11 49.34 70.90
N SER H 162 -6.23 49.33 71.63
CA SER H 162 -6.72 48.14 72.33
C SER H 162 -8.24 48.18 72.33
N VAL H 163 -8.87 47.02 72.10
CA VAL H 163 -10.32 46.92 72.02
C VAL H 163 -10.78 45.78 72.92
N THR H 164 -11.93 45.94 73.56
CA THR H 164 -12.53 44.87 74.35
C THR H 164 -13.37 43.93 73.48
N GLU H 165 -13.76 42.79 74.05
CA GLU H 165 -14.66 41.87 73.36
CA GLU H 165 -14.66 41.90 73.33
C GLU H 165 -16.09 42.42 73.42
N GLN H 166 -16.85 42.14 72.37
CA GLN H 166 -18.22 42.64 72.30
C GLN H 166 -19.01 42.28 73.56
N ASP H 167 -19.63 43.28 74.16
CA ASP H 167 -20.51 43.04 75.29
C ASP H 167 -21.72 42.24 74.80
N SER H 168 -21.91 41.04 75.35
CA SER H 168 -22.99 40.18 74.89
C SER H 168 -24.36 40.72 75.22
N LYS H 169 -24.44 41.80 75.98
CA LYS H 169 -25.68 42.38 76.48
C LYS H 169 -26.16 43.57 75.66
N ASP H 170 -25.29 44.54 75.39
CA ASP H 170 -25.63 45.68 74.56
C ASP H 170 -24.88 45.69 73.24
N SER H 171 -24.08 44.66 72.94
CA SER H 171 -23.40 44.47 71.65
C SER H 171 -22.45 45.62 71.31
N THR H 172 -21.92 46.32 72.30
CA THR H 172 -21.05 47.46 72.05
C THR H 172 -19.60 47.07 72.28
N TYR H 173 -18.71 47.93 71.79
CA TYR H 173 -17.27 47.80 71.94
C TYR H 173 -16.71 49.05 72.61
N SER H 174 -15.52 48.90 73.17
CA SER H 174 -14.77 50.03 73.70
C SER H 174 -13.34 49.92 73.18
N LEU H 175 -12.73 51.08 72.97
CA LEU H 175 -11.39 51.16 72.40
C LEU H 175 -10.59 52.19 73.19
N SER H 176 -9.33 51.88 73.45
CA SER H 176 -8.40 52.82 74.05
C SER H 176 -7.19 52.97 73.13
N SER H 177 -6.83 54.22 72.84
CA SER H 177 -5.64 54.56 72.07
C SER H 177 -4.74 55.37 72.98
N THR H 178 -3.50 54.92 73.14
CA THR H 178 -2.55 55.58 74.03
C THR H 178 -1.40 56.13 73.20
N LEU H 179 -1.22 57.44 73.25
CA LEU H 179 -0.10 58.13 72.62
C LEU H 179 1.01 58.26 73.66
N THR H 180 2.23 57.89 73.27
CA THR H 180 3.36 57.87 74.18
C THR H 180 4.47 58.79 73.69
N LEU H 181 4.86 59.74 74.54
CA LEU H 181 5.98 60.63 74.28
C LEU H 181 6.88 60.67 75.50
N SER H 182 8.10 61.17 75.31
CA SER H 182 8.93 61.48 76.46
C SER H 182 8.42 62.75 77.14
N LYS H 183 8.79 62.90 78.41
CA LYS H 183 8.43 64.11 79.15
C LYS H 183 8.95 65.36 78.43
N ALA H 184 10.13 65.27 77.83
CA ALA H 184 10.70 66.41 77.10
C ALA H 184 9.80 66.81 75.94
N ASP H 185 9.41 65.83 75.13
CA ASP H 185 8.52 66.10 74.00
C ASP H 185 7.14 66.58 74.47
N TYR H 186 6.67 66.05 75.60
CA TYR H 186 5.34 66.41 76.09
C TYR H 186 5.28 67.88 76.50
N GLU H 187 6.28 68.35 77.25
CA GLU H 187 6.29 69.75 77.66
C GLU H 187 6.64 70.70 76.52
N LYS H 188 6.81 70.20 75.30
CA LYS H 188 7.09 71.02 74.13
C LYS H 188 5.83 71.54 73.43
N HIS H 189 4.66 70.98 73.70
CA HIS H 189 3.46 71.33 72.95
C HIS H 189 2.29 71.63 73.87
N LYS H 190 1.24 72.18 73.25
CA LYS H 190 0.10 72.76 73.95
C LYS H 190 -1.20 71.99 73.73
N VAL H 191 -1.64 71.86 72.49
CA VAL H 191 -2.94 71.27 72.17
C VAL H 191 -2.77 69.80 71.86
N TYR H 192 -3.45 68.94 72.63
CA TYR H 192 -3.47 67.50 72.41
C TYR H 192 -4.91 67.06 72.23
N ALA H 193 -5.21 66.47 71.07
CA ALA H 193 -6.58 66.09 70.73
C ALA H 193 -6.59 64.75 70.01
N CYS H 194 -7.68 64.01 70.17
CA CYS H 194 -7.94 62.80 69.40
C CYS H 194 -9.25 62.95 68.65
N GLU H 195 -9.20 62.76 67.34
CA GLU H 195 -10.36 62.89 66.47
C GLU H 195 -10.88 61.50 66.11
N VAL H 196 -12.13 61.24 66.46
CA VAL H 196 -12.76 59.93 66.26
C VAL H 196 -13.80 60.06 65.16
N THR H 197 -13.69 59.21 64.15
CA THR H 197 -14.71 59.11 63.11
C THR H 197 -15.43 57.77 63.27
N HIS H 198 -16.74 57.85 63.46
CA HIS H 198 -17.58 56.67 63.63
C HIS H 198 -18.90 56.88 62.93
N GLN H 199 -19.46 55.78 62.43
CA GLN H 199 -20.71 55.79 61.70
C GLN H 199 -21.84 56.49 62.46
N GLY H 200 -21.84 56.40 63.79
CA GLY H 200 -22.87 57.02 64.58
C GLY H 200 -22.72 58.50 64.83
N LEU H 201 -21.72 59.14 64.24
CA LEU H 201 -21.46 60.57 64.43
C LEU H 201 -21.64 61.30 63.11
N SER H 202 -22.34 62.44 63.15
CA SER H 202 -22.45 63.26 61.96
C SER H 202 -21.08 63.71 61.46
N SER H 203 -20.24 64.18 62.38
CA SER H 203 -18.91 64.67 62.06
C SER H 203 -17.90 64.10 63.03
N PRO H 204 -16.64 63.98 62.61
CA PRO H 204 -15.60 63.55 63.55
C PRO H 204 -15.53 64.39 64.83
N VAL H 205 -15.73 63.75 65.98
CA VAL H 205 -15.67 64.44 67.26
C VAL H 205 -14.21 64.57 67.71
N THR H 206 -13.86 65.76 68.22
CA THR H 206 -12.52 66.06 68.71
C THR H 206 -12.61 66.41 70.20
N LYS H 207 -12.03 65.56 71.05
CA LYS H 207 -11.88 65.83 72.47
C LYS H 207 -10.42 66.21 72.72
N SER H 208 -10.18 67.39 73.29
CA SER H 208 -8.83 67.94 73.39
C SER H 208 -8.57 68.48 74.79
N PHE H 209 -7.29 68.80 75.03
CA PHE H 209 -6.89 69.51 76.24
C PHE H 209 -5.60 70.28 75.98
N ASN H 210 -5.37 71.31 76.81
CA ASN H 210 -4.12 72.06 76.80
C ASN H 210 -3.34 71.77 78.07
N ARG H 211 -2.07 71.41 77.92
CA ARG H 211 -1.20 71.16 79.07
C ARG H 211 -1.12 72.40 79.95
N GLY H 212 -1.69 72.32 81.16
CA GLY H 212 -1.73 73.46 82.05
C GLY H 212 -2.83 74.46 81.74
N ALA I 1 -11.20 -19.27 -38.38
CA ALA I 1 -10.50 -18.28 -37.57
C ALA I 1 -9.16 -18.83 -37.07
N ALA I 2 -8.07 -18.18 -37.51
CA ALA I 2 -6.73 -18.68 -37.26
C ALA I 2 -5.80 -17.53 -36.92
N PRO I 3 -5.04 -17.62 -35.83
CA PRO I 3 -4.05 -16.58 -35.55
C PRO I 3 -2.88 -16.69 -36.51
N GLN I 4 -2.40 -15.54 -36.95
CA GLN I 4 -1.34 -15.47 -37.94
C GLN I 4 0.00 -15.34 -37.24
N PRO I 5 1.00 -16.01 -37.76
CA PRO I 5 2.33 -15.92 -37.15
C PRO I 5 3.22 -14.91 -37.85
N GLU I 6 4.16 -14.32 -37.11
CA GLU I 6 5.23 -13.56 -37.73
C GLU I 6 6.37 -14.50 -38.08
N LEU I 7 7.09 -14.17 -39.17
CA LEU I 7 8.00 -15.16 -39.76
C LEU I 7 9.45 -14.68 -39.76
N PRO I 8 10.39 -15.53 -39.38
CA PRO I 8 11.81 -15.18 -39.50
C PRO I 8 12.37 -15.51 -40.88
N TYR I 9 13.51 -14.90 -41.19
CA TYR I 9 14.15 -15.04 -42.48
C TYR I 9 15.61 -15.43 -42.31
N PRO I 10 16.20 -16.06 -43.33
CA PRO I 10 17.54 -16.65 -43.14
C PRO I 10 18.60 -15.58 -42.97
N GLN I 11 19.43 -15.79 -41.95
CA GLN I 11 20.61 -14.98 -41.72
C GLN I 11 21.56 -15.11 -42.91
N PRO I 12 22.31 -14.07 -43.24
CA PRO I 12 23.20 -14.15 -44.40
C PRO I 12 24.37 -15.09 -44.16
N GLY I 13 24.95 -15.56 -45.27
CA GLY I 13 26.11 -16.45 -45.24
C GLY I 13 27.35 -15.81 -44.62
N ALA J 1 -4.57 29.41 34.33
CA ALA J 1 -5.00 28.25 33.55
C ALA J 1 -4.10 27.06 33.86
N ALA J 2 -4.70 26.03 34.48
CA ALA J 2 -3.91 24.95 35.01
C ALA J 2 -4.61 23.61 34.85
N PRO J 3 -3.92 22.59 34.36
CA PRO J 3 -4.53 21.26 34.36
C PRO J 3 -4.64 20.73 35.78
N GLN J 4 -5.74 20.06 36.06
CA GLN J 4 -5.94 19.52 37.40
C GLN J 4 -5.47 18.07 37.45
N PRO J 5 -4.82 17.67 38.55
CA PRO J 5 -4.35 16.28 38.65
C PRO J 5 -5.28 15.39 39.45
N GLU J 6 -5.29 14.11 39.12
CA GLU J 6 -5.98 13.14 39.95
C GLU J 6 -5.02 12.69 41.06
N LEU J 7 -5.57 12.37 42.23
CA LEU J 7 -4.76 12.23 43.43
C LEU J 7 -4.87 10.83 44.00
N PRO J 8 -3.75 10.20 44.38
CA PRO J 8 -3.80 8.90 45.05
C PRO J 8 -3.96 9.06 46.56
N TYR J 9 -4.39 7.98 47.20
CA TYR J 9 -4.64 7.96 48.64
C TYR J 9 -3.92 6.82 49.32
N PRO J 10 -3.67 6.92 50.63
CA PRO J 10 -2.78 5.95 51.30
C PRO J 10 -3.37 4.55 51.42
N GLN J 11 -2.53 3.55 51.13
CA GLN J 11 -2.88 2.15 51.42
C GLN J 11 -3.08 1.97 52.92
N PRO J 12 -3.99 1.07 53.32
CA PRO J 12 -4.22 0.84 54.74
C PRO J 12 -3.05 0.14 55.41
N GLY J 13 -2.97 0.30 56.73
CA GLY J 13 -1.94 -0.34 57.55
C GLY J 13 -2.03 -1.85 57.60
#